data_5WJE
# 
_entry.id   5WJE 
# 
_audit_conform.dict_name       mmcif_pdbx.dic 
_audit_conform.dict_version    5.397 
_audit_conform.dict_location   http://mmcif.pdb.org/dictionaries/ascii/mmcif_pdbx.dic 
# 
loop_
_database_2.database_id 
_database_2.database_code 
_database_2.pdbx_database_accession 
_database_2.pdbx_DOI 
PDB   5WJE         pdb_00005wje 10.2210/pdb5wje/pdb 
WWPDB D_1000229134 ?            ?                   
# 
loop_
_pdbx_audit_revision_history.ordinal 
_pdbx_audit_revision_history.data_content_type 
_pdbx_audit_revision_history.major_revision 
_pdbx_audit_revision_history.minor_revision 
_pdbx_audit_revision_history.revision_date 
1 'Structure model' 1 0 2018-03-28 
2 'Structure model' 1 1 2018-04-11 
3 'Structure model' 1 2 2018-05-02 
4 'Structure model' 2 0 2020-02-26 
5 'Structure model' 2 1 2023-10-04 
6 'Structure model' 2 2 2024-10-23 
# 
_pdbx_audit_revision_details.ordinal             1 
_pdbx_audit_revision_details.revision_ordinal    1 
_pdbx_audit_revision_details.data_content_type   'Structure model' 
_pdbx_audit_revision_details.provider            repository 
_pdbx_audit_revision_details.type                'Initial release' 
_pdbx_audit_revision_details.description         ? 
_pdbx_audit_revision_details.details             ? 
# 
loop_
_pdbx_audit_revision_group.ordinal 
_pdbx_audit_revision_group.revision_ordinal 
_pdbx_audit_revision_group.data_content_type 
_pdbx_audit_revision_group.group 
1  2 'Structure model' 'Data collection'        
2  2 'Structure model' 'Database references'    
3  3 'Structure model' 'Data collection'        
4  3 'Structure model' 'Database references'    
5  4 'Structure model' Advisory                 
6  4 'Structure model' 'Atomic model'           
7  4 'Structure model' 'Data collection'        
8  4 'Structure model' 'Database references'    
9  4 'Structure model' 'Derived calculations'   
10 4 'Structure model' 'Polymer sequence'       
11 4 'Structure model' 'Source and taxonomy'    
12 4 'Structure model' 'Structure summary'      
13 5 'Structure model' 'Data collection'        
14 5 'Structure model' 'Database references'    
15 5 'Structure model' 'Refinement description' 
16 6 'Structure model' 'Structure summary'      
# 
loop_
_pdbx_audit_revision_category.ordinal 
_pdbx_audit_revision_category.revision_ordinal 
_pdbx_audit_revision_category.data_content_type 
_pdbx_audit_revision_category.category 
1  2 'Structure model' citation                      
2  2 'Structure model' citation_author               
3  3 'Structure model' citation                      
4  4 'Structure model' atom_site                     
5  4 'Structure model' entity                        
6  4 'Structure model' entity_poly                   
7  4 'Structure model' entity_poly_seq               
8  4 'Structure model' pdbx_entity_nonpoly           
9  4 'Structure model' pdbx_entity_src_syn           
10 4 'Structure model' pdbx_nonpoly_scheme           
11 4 'Structure model' pdbx_poly_seq_scheme          
12 4 'Structure model' pdbx_struct_assembly_gen      
13 4 'Structure model' pdbx_validate_close_contact   
14 4 'Structure model' pdbx_validate_rmsd_angle      
15 4 'Structure model' struct_asym                   
16 4 'Structure model' struct_conn                   
17 4 'Structure model' struct_ref_seq                
18 4 'Structure model' struct_site                   
19 4 'Structure model' struct_site_gen               
20 5 'Structure model' chem_comp_atom                
21 5 'Structure model' chem_comp_bond                
22 5 'Structure model' database_2                    
23 5 'Structure model' pdbx_initial_refinement_model 
24 6 'Structure model' pdbx_entry_details            
25 6 'Structure model' pdbx_modification_feature     
# 
loop_
_pdbx_audit_revision_item.ordinal 
_pdbx_audit_revision_item.revision_ordinal 
_pdbx_audit_revision_item.data_content_type 
_pdbx_audit_revision_item.item 
1  2 'Structure model' '_citation.journal_abbrev'                  
2  2 'Structure model' '_citation.pdbx_database_id_PubMed'         
3  2 'Structure model' '_citation.title'                           
4  3 'Structure model' '_citation.journal_volume'                  
5  3 'Structure model' '_citation.page_first'                      
6  3 'Structure model' '_citation.page_last'                       
7  4 'Structure model' '_atom_site.auth_seq_id'                    
8  4 'Structure model' '_atom_site.label_asym_id'                  
9  4 'Structure model' '_atom_site.label_entity_id'                
10 4 'Structure model' '_atom_site.label_seq_id'                   
11 4 'Structure model' '_entity_poly.nstd_monomer'                 
12 4 'Structure model' '_entity_poly.pdbx_seq_one_letter_code'     
13 4 'Structure model' '_entity_poly.pdbx_seq_one_letter_code_can' 
14 4 'Structure model' '_pdbx_entity_src_syn.pdbx_end_seq_num'     
15 4 'Structure model' '_pdbx_struct_assembly_gen.asym_id_list'    
16 4 'Structure model' '_struct_conn.ptnr2_auth_seq_id'            
17 4 'Structure model' '_struct_conn.ptnr2_label_asym_id'          
18 4 'Structure model' '_struct_conn.ptnr2_label_seq_id'           
19 4 'Structure model' '_struct_ref_seq.db_align_end'              
20 4 'Structure model' '_struct_ref_seq.pdbx_auth_seq_align_end'   
21 4 'Structure model' '_struct_ref_seq.seq_align_end'             
22 5 'Structure model' '_database_2.pdbx_DOI'                      
23 5 'Structure model' '_database_2.pdbx_database_accession'       
# 
_pdbx_database_status.status_code                     REL 
_pdbx_database_status.status_code_sf                  REL 
_pdbx_database_status.status_code_mr                  ? 
_pdbx_database_status.entry_id                        5WJE 
_pdbx_database_status.recvd_initial_deposition_date   2017-07-21 
_pdbx_database_status.SG_entry                        N 
_pdbx_database_status.deposit_site                    RCSB 
_pdbx_database_status.process_site                    RCSB 
_pdbx_database_status.status_code_cs                  ? 
_pdbx_database_status.methods_development_category    ? 
_pdbx_database_status.pdb_format_compatible           Y 
_pdbx_database_status.status_code_nmr_data            ? 
# 
loop_
_audit_author.name 
_audit_author.pdbx_ordinal 
_audit_author.identifier_ORCID 
'Goris, M.'       1 ? 
'Magin, R.S.'     2 ? 
'Marmorstein, R.' 3 ? 
'Arnesen, T.'     4 ? 
# 
_citation.abstract                  ? 
_citation.abstract_id_CAS           ? 
_citation.book_id_ISBN              ? 
_citation.book_publisher            ? 
_citation.book_publisher_city       ? 
_citation.book_title                ? 
_citation.coordinate_linkage        ? 
_citation.country                   US 
_citation.database_id_Medline       ? 
_citation.details                   ? 
_citation.id                        primary 
_citation.journal_abbrev            'Proc. Natl. Acad. Sci. U.S.A.' 
_citation.journal_id_ASTM           PNASA6 
_citation.journal_id_CSD            0040 
_citation.journal_id_ISSN           1091-6490 
_citation.journal_full              ? 
_citation.journal_issue             ? 
_citation.journal_volume            115 
_citation.language                  ? 
_citation.page_first                4405 
_citation.page_last                 4410 
_citation.title                     
;Structural determinants and cellular environment define processed actin as the sole substrate of the N-terminal acetyltransferase NAA80.
;
_citation.year                      2018 
_citation.database_id_CSD           ? 
_citation.pdbx_database_id_DOI      10.1073/pnas.1719251115 
_citation.pdbx_database_id_PubMed   29581307 
_citation.unpublished_flag          ? 
# 
loop_
_citation_author.citation_id 
_citation_author.name 
_citation_author.ordinal 
_citation_author.identifier_ORCID 
primary 'Goris, M.'       1  ? 
primary 'Magin, R.S.'     2  ? 
primary 'Foyn, H.'        3  ? 
primary 'Myklebust, L.M.' 4  ? 
primary 'Varland, S.'     5  ? 
primary 'Ree, R.'         6  ? 
primary 'Drazic, A.'      7  ? 
primary 'Bhambra, P.'     8  ? 
primary 'Stove, S.I.'     9  ? 
primary 'Baumann, M.'     10 ? 
primary 'Haug, B.E.'      11 ? 
primary 'Marmorstein, R.' 12 ? 
primary 'Arnesen, T.'     13 ? 
# 
loop_
_entity.id 
_entity.type 
_entity.src_method 
_entity.pdbx_description 
_entity.formula_weight 
_entity.pdbx_number_of_molecules 
_entity.pdbx_ec 
_entity.pdbx_mutation 
_entity.pdbx_fragment 
_entity.details 
1 polymer     man 'CG8481, isoform B'         18127.273 1   2.3.1.- ? ? ? 
2 polymer     syn 'Actin N-terminus peptide'  474.444   1   ?       ? ? ? 
3 non-polymer syn 'CARBOXYMETHYL COENZYME *A' 825.570   1   ?       ? ? ? 
4 water       nat water                       18.015    162 ?       ? ? ? 
# 
_entity_name_com.entity_id   1 
_entity_name_com.name        FI06462p 
# 
loop_
_entity_poly.entity_id 
_entity_poly.type 
_entity_poly.nstd_linkage 
_entity_poly.nstd_monomer 
_entity_poly.pdbx_seq_one_letter_code 
_entity_poly.pdbx_seq_one_letter_code_can 
_entity_poly.pdbx_strand_id 
_entity_poly.pdbx_target_identifier 
1 'polypeptide(L)' no no  
;GSPFNVVPIHNYPELMKDTCALINAEWPRSETARMRSLEASCDSLPCSLVLTTEGMCRVIAHLKLSPINSKKKACFVESV
VVDKRHRGQGFGKLIMKFAEDYCRVVLDLKTIYLSTIDQDGFYERIGYEYCAPITMYGPRHCELPSLQNAKKKYMKKVL
;
;GSPFNVVPIHNYPELMKDTCALINAEWPRSETARMRSLEASCDSLPCSLVLTTEGMCRVIAHLKLSPINSKKKACFVESV
VVDKRHRGQGFGKLIMKFAEDYCRVVLDLKTIYLSTIDQDGFYERIGYEYCAPITMYGPRHCELPSLQNAKKKYMKKVL
;
A ? 
2 'polypeptide(L)' no yes 'DDDI(NH2)' DDDIX B ? 
# 
loop_
_pdbx_entity_nonpoly.entity_id 
_pdbx_entity_nonpoly.name 
_pdbx_entity_nonpoly.comp_id 
3 'CARBOXYMETHYL COENZYME *A' CMC 
4 water                       HOH 
# 
loop_
_entity_poly_seq.entity_id 
_entity_poly_seq.num 
_entity_poly_seq.mon_id 
_entity_poly_seq.hetero 
1 1   GLY n 
1 2   SER n 
1 3   PRO n 
1 4   PHE n 
1 5   ASN n 
1 6   VAL n 
1 7   VAL n 
1 8   PRO n 
1 9   ILE n 
1 10  HIS n 
1 11  ASN n 
1 12  TYR n 
1 13  PRO n 
1 14  GLU n 
1 15  LEU n 
1 16  MET n 
1 17  LYS n 
1 18  ASP n 
1 19  THR n 
1 20  CYS n 
1 21  ALA n 
1 22  LEU n 
1 23  ILE n 
1 24  ASN n 
1 25  ALA n 
1 26  GLU n 
1 27  TRP n 
1 28  PRO n 
1 29  ARG n 
1 30  SER n 
1 31  GLU n 
1 32  THR n 
1 33  ALA n 
1 34  ARG n 
1 35  MET n 
1 36  ARG n 
1 37  SER n 
1 38  LEU n 
1 39  GLU n 
1 40  ALA n 
1 41  SER n 
1 42  CYS n 
1 43  ASP n 
1 44  SER n 
1 45  LEU n 
1 46  PRO n 
1 47  CYS n 
1 48  SER n 
1 49  LEU n 
1 50  VAL n 
1 51  LEU n 
1 52  THR n 
1 53  THR n 
1 54  GLU n 
1 55  GLY n 
1 56  MET n 
1 57  CYS n 
1 58  ARG n 
1 59  VAL n 
1 60  ILE n 
1 61  ALA n 
1 62  HIS n 
1 63  LEU n 
1 64  LYS n 
1 65  LEU n 
1 66  SER n 
1 67  PRO n 
1 68  ILE n 
1 69  ASN n 
1 70  SER n 
1 71  LYS n 
1 72  LYS n 
1 73  LYS n 
1 74  ALA n 
1 75  CYS n 
1 76  PHE n 
1 77  VAL n 
1 78  GLU n 
1 79  SER n 
1 80  VAL n 
1 81  VAL n 
1 82  VAL n 
1 83  ASP n 
1 84  LYS n 
1 85  ARG n 
1 86  HIS n 
1 87  ARG n 
1 88  GLY n 
1 89  GLN n 
1 90  GLY n 
1 91  PHE n 
1 92  GLY n 
1 93  LYS n 
1 94  LEU n 
1 95  ILE n 
1 96  MET n 
1 97  LYS n 
1 98  PHE n 
1 99  ALA n 
1 100 GLU n 
1 101 ASP n 
1 102 TYR n 
1 103 CYS n 
1 104 ARG n 
1 105 VAL n 
1 106 VAL n 
1 107 LEU n 
1 108 ASP n 
1 109 LEU n 
1 110 LYS n 
1 111 THR n 
1 112 ILE n 
1 113 TYR n 
1 114 LEU n 
1 115 SER n 
1 116 THR n 
1 117 ILE n 
1 118 ASP n 
1 119 GLN n 
1 120 ASP n 
1 121 GLY n 
1 122 PHE n 
1 123 TYR n 
1 124 GLU n 
1 125 ARG n 
1 126 ILE n 
1 127 GLY n 
1 128 TYR n 
1 129 GLU n 
1 130 TYR n 
1 131 CYS n 
1 132 ALA n 
1 133 PRO n 
1 134 ILE n 
1 135 THR n 
1 136 MET n 
1 137 TYR n 
1 138 GLY n 
1 139 PRO n 
1 140 ARG n 
1 141 HIS n 
1 142 CYS n 
1 143 GLU n 
1 144 LEU n 
1 145 PRO n 
1 146 SER n 
1 147 LEU n 
1 148 GLN n 
1 149 ASN n 
1 150 ALA n 
1 151 LYS n 
1 152 LYS n 
1 153 LYS n 
1 154 TYR n 
1 155 MET n 
1 156 LYS n 
1 157 LYS n 
1 158 VAL n 
1 159 LEU n 
2 1   ASP n 
2 2   ASP n 
2 3   ASP n 
2 4   ILE n 
2 5   NH2 n 
# 
_entity_src_gen.entity_id                          1 
_entity_src_gen.pdbx_src_id                        1 
_entity_src_gen.pdbx_alt_source_flag               sample 
_entity_src_gen.pdbx_seq_type                      'Biological sequence' 
_entity_src_gen.pdbx_beg_seq_num                   1 
_entity_src_gen.pdbx_end_seq_num                   159 
_entity_src_gen.gene_src_common_name               'Fruit fly' 
_entity_src_gen.gene_src_genus                     ? 
_entity_src_gen.pdbx_gene_src_gene                 'Dmel\CG8481, CG8481-RB, CG8481, Dmel_CG8481' 
_entity_src_gen.gene_src_species                   ? 
_entity_src_gen.gene_src_strain                    ? 
_entity_src_gen.gene_src_tissue                    ? 
_entity_src_gen.gene_src_tissue_fraction           ? 
_entity_src_gen.gene_src_details                   ? 
_entity_src_gen.pdbx_gene_src_fragment             ? 
_entity_src_gen.pdbx_gene_src_scientific_name      'Drosophila melanogaster' 
_entity_src_gen.pdbx_gene_src_ncbi_taxonomy_id     7227 
_entity_src_gen.pdbx_gene_src_variant              ? 
_entity_src_gen.pdbx_gene_src_cell_line            ? 
_entity_src_gen.pdbx_gene_src_atcc                 ? 
_entity_src_gen.pdbx_gene_src_organ                ? 
_entity_src_gen.pdbx_gene_src_organelle            ? 
_entity_src_gen.pdbx_gene_src_cell                 ? 
_entity_src_gen.pdbx_gene_src_cellular_location    ? 
_entity_src_gen.host_org_common_name               ? 
_entity_src_gen.pdbx_host_org_scientific_name      'Escherichia coli' 
_entity_src_gen.pdbx_host_org_ncbi_taxonomy_id     562 
_entity_src_gen.host_org_genus                     ? 
_entity_src_gen.pdbx_host_org_gene                 ? 
_entity_src_gen.pdbx_host_org_organ                ? 
_entity_src_gen.host_org_species                   ? 
_entity_src_gen.pdbx_host_org_tissue               ? 
_entity_src_gen.pdbx_host_org_tissue_fraction      ? 
_entity_src_gen.pdbx_host_org_strain               ? 
_entity_src_gen.pdbx_host_org_variant              ? 
_entity_src_gen.pdbx_host_org_cell_line            ? 
_entity_src_gen.pdbx_host_org_atcc                 ? 
_entity_src_gen.pdbx_host_org_culture_collection   ? 
_entity_src_gen.pdbx_host_org_cell                 ? 
_entity_src_gen.pdbx_host_org_organelle            ? 
_entity_src_gen.pdbx_host_org_cellular_location    ? 
_entity_src_gen.pdbx_host_org_vector_type          ? 
_entity_src_gen.pdbx_host_org_vector               ? 
_entity_src_gen.host_org_details                   ? 
_entity_src_gen.expression_system_id               ? 
_entity_src_gen.plasmid_name                       ? 
_entity_src_gen.plasmid_details                    ? 
_entity_src_gen.pdbx_description                   ? 
# 
_pdbx_entity_src_syn.entity_id              2 
_pdbx_entity_src_syn.pdbx_src_id            1 
_pdbx_entity_src_syn.pdbx_alt_source_flag   sample 
_pdbx_entity_src_syn.pdbx_beg_seq_num       1 
_pdbx_entity_src_syn.pdbx_end_seq_num       5 
_pdbx_entity_src_syn.organism_scientific    'Drosophila melanogaster' 
_pdbx_entity_src_syn.organism_common_name   ? 
_pdbx_entity_src_syn.ncbi_taxonomy_id       7227 
_pdbx_entity_src_syn.details                ? 
# 
loop_
_chem_comp.id 
_chem_comp.type 
_chem_comp.mon_nstd_flag 
_chem_comp.name 
_chem_comp.pdbx_synonyms 
_chem_comp.formula 
_chem_comp.formula_weight 
ALA 'L-peptide linking' y ALANINE                     ? 'C3 H7 N O2'          89.093  
ARG 'L-peptide linking' y ARGININE                    ? 'C6 H15 N4 O2 1'      175.209 
ASN 'L-peptide linking' y ASPARAGINE                  ? 'C4 H8 N2 O3'         132.118 
ASP 'L-peptide linking' y 'ASPARTIC ACID'             ? 'C4 H7 N O4'          133.103 
CMC non-polymer         . 'CARBOXYMETHYL COENZYME *A' ? 'C23 H38 N7 O18 P3 S' 825.570 
CYS 'L-peptide linking' y CYSTEINE                    ? 'C3 H7 N O2 S'        121.158 
GLN 'L-peptide linking' y GLUTAMINE                   ? 'C5 H10 N2 O3'        146.144 
GLU 'L-peptide linking' y 'GLUTAMIC ACID'             ? 'C5 H9 N O4'          147.129 
GLY 'peptide linking'   y GLYCINE                     ? 'C2 H5 N O2'          75.067  
HIS 'L-peptide linking' y HISTIDINE                   ? 'C6 H10 N3 O2 1'      156.162 
HOH non-polymer         . WATER                       ? 'H2 O'                18.015  
ILE 'L-peptide linking' y ISOLEUCINE                  ? 'C6 H13 N O2'         131.173 
LEU 'L-peptide linking' y LEUCINE                     ? 'C6 H13 N O2'         131.173 
LYS 'L-peptide linking' y LYSINE                      ? 'C6 H15 N2 O2 1'      147.195 
MET 'L-peptide linking' y METHIONINE                  ? 'C5 H11 N O2 S'       149.211 
NH2 non-polymer         . 'AMINO GROUP'               ? 'H2 N'                16.023  
PHE 'L-peptide linking' y PHENYLALANINE               ? 'C9 H11 N O2'         165.189 
PRO 'L-peptide linking' y PROLINE                     ? 'C5 H9 N O2'          115.130 
SER 'L-peptide linking' y SERINE                      ? 'C3 H7 N O3'          105.093 
THR 'L-peptide linking' y THREONINE                   ? 'C4 H9 N O3'          119.119 
TRP 'L-peptide linking' y TRYPTOPHAN                  ? 'C11 H12 N2 O2'       204.225 
TYR 'L-peptide linking' y TYROSINE                    ? 'C9 H11 N O3'         181.189 
VAL 'L-peptide linking' y VALINE                      ? 'C5 H11 N O2'         117.146 
# 
loop_
_pdbx_poly_seq_scheme.asym_id 
_pdbx_poly_seq_scheme.entity_id 
_pdbx_poly_seq_scheme.seq_id 
_pdbx_poly_seq_scheme.mon_id 
_pdbx_poly_seq_scheme.ndb_seq_num 
_pdbx_poly_seq_scheme.pdb_seq_num 
_pdbx_poly_seq_scheme.auth_seq_num 
_pdbx_poly_seq_scheme.pdb_mon_id 
_pdbx_poly_seq_scheme.auth_mon_id 
_pdbx_poly_seq_scheme.pdb_strand_id 
_pdbx_poly_seq_scheme.pdb_ins_code 
_pdbx_poly_seq_scheme.hetero 
A 1 1   GLY 1   10  10  GLY GLY A . n 
A 1 2   SER 2   11  11  SER SER A . n 
A 1 3   PRO 3   12  12  PRO PRO A . n 
A 1 4   PHE 4   13  13  PHE PHE A . n 
A 1 5   ASN 5   14  14  ASN ASN A . n 
A 1 6   VAL 6   15  15  VAL VAL A . n 
A 1 7   VAL 7   16  16  VAL VAL A . n 
A 1 8   PRO 8   17  17  PRO PRO A . n 
A 1 9   ILE 9   18  18  ILE ILE A . n 
A 1 10  HIS 10  19  19  HIS HIS A . n 
A 1 11  ASN 11  20  20  ASN ASN A . n 
A 1 12  TYR 12  21  21  TYR TYR A . n 
A 1 13  PRO 13  22  22  PRO PRO A . n 
A 1 14  GLU 14  23  23  GLU GLU A . n 
A 1 15  LEU 15  24  24  LEU LEU A . n 
A 1 16  MET 16  25  25  MET MET A . n 
A 1 17  LYS 17  26  26  LYS LYS A . n 
A 1 18  ASP 18  27  27  ASP ASP A . n 
A 1 19  THR 19  28  28  THR THR A . n 
A 1 20  CYS 20  29  29  CYS CYS A . n 
A 1 21  ALA 21  30  30  ALA ALA A . n 
A 1 22  LEU 22  31  31  LEU LEU A . n 
A 1 23  ILE 23  32  32  ILE ILE A . n 
A 1 24  ASN 24  33  33  ASN ASN A . n 
A 1 25  ALA 25  34  34  ALA ALA A . n 
A 1 26  GLU 26  35  35  GLU GLU A . n 
A 1 27  TRP 27  36  36  TRP TRP A . n 
A 1 28  PRO 28  37  37  PRO PRO A . n 
A 1 29  ARG 29  38  38  ARG ARG A . n 
A 1 30  SER 30  39  39  SER SER A . n 
A 1 31  GLU 31  40  40  GLU GLU A . n 
A 1 32  THR 32  41  41  THR THR A . n 
A 1 33  ALA 33  42  42  ALA ALA A . n 
A 1 34  ARG 34  43  43  ARG ARG A . n 
A 1 35  MET 35  44  44  MET MET A . n 
A 1 36  ARG 36  45  45  ARG ARG A . n 
A 1 37  SER 37  46  46  SER SER A . n 
A 1 38  LEU 38  47  47  LEU LEU A . n 
A 1 39  GLU 39  48  48  GLU GLU A . n 
A 1 40  ALA 40  49  49  ALA ALA A . n 
A 1 41  SER 41  50  50  SER SER A . n 
A 1 42  CYS 42  51  51  CYS CYS A . n 
A 1 43  ASP 43  52  52  ASP ASP A . n 
A 1 44  SER 44  53  53  SER SER A . n 
A 1 45  LEU 45  54  54  LEU LEU A . n 
A 1 46  PRO 46  55  55  PRO PRO A . n 
A 1 47  CYS 47  56  56  CYS CYS A . n 
A 1 48  SER 48  57  57  SER SER A . n 
A 1 49  LEU 49  58  58  LEU LEU A . n 
A 1 50  VAL 50  59  59  VAL VAL A . n 
A 1 51  LEU 51  60  60  LEU LEU A . n 
A 1 52  THR 52  61  61  THR THR A . n 
A 1 53  THR 53  62  62  THR THR A . n 
A 1 54  GLU 54  63  63  GLU GLU A . n 
A 1 55  GLY 55  64  64  GLY GLY A . n 
A 1 56  MET 56  65  65  MET MET A . n 
A 1 57  CYS 57  66  66  CYS CYS A . n 
A 1 58  ARG 58  67  67  ARG ARG A . n 
A 1 59  VAL 59  68  68  VAL VAL A . n 
A 1 60  ILE 60  69  69  ILE ILE A . n 
A 1 61  ALA 61  70  70  ALA ALA A . n 
A 1 62  HIS 62  71  71  HIS HIS A . n 
A 1 63  LEU 63  72  72  LEU LEU A . n 
A 1 64  LYS 64  73  73  LYS LYS A . n 
A 1 65  LEU 65  74  74  LEU LEU A . n 
A 1 66  SER 66  75  75  SER SER A . n 
A 1 67  PRO 67  76  76  PRO PRO A . n 
A 1 68  ILE 68  77  77  ILE ILE A . n 
A 1 69  ASN 69  78  78  ASN ASN A . n 
A 1 70  SER 70  79  79  SER SER A . n 
A 1 71  LYS 71  80  80  LYS LYS A . n 
A 1 72  LYS 72  81  81  LYS LYS A . n 
A 1 73  LYS 73  82  82  LYS LYS A . n 
A 1 74  ALA 74  83  83  ALA ALA A . n 
A 1 75  CYS 75  84  84  CYS CYS A . n 
A 1 76  PHE 76  85  85  PHE PHE A . n 
A 1 77  VAL 77  86  86  VAL VAL A . n 
A 1 78  GLU 78  87  87  GLU GLU A . n 
A 1 79  SER 79  88  88  SER SER A . n 
A 1 80  VAL 80  89  89  VAL VAL A . n 
A 1 81  VAL 81  90  90  VAL VAL A . n 
A 1 82  VAL 82  91  91  VAL VAL A . n 
A 1 83  ASP 83  92  92  ASP ASP A . n 
A 1 84  LYS 84  93  93  LYS LYS A . n 
A 1 85  ARG 85  94  94  ARG ARG A . n 
A 1 86  HIS 86  95  95  HIS HIS A . n 
A 1 87  ARG 87  96  96  ARG ARG A . n 
A 1 88  GLY 88  97  97  GLY GLY A . n 
A 1 89  GLN 89  98  98  GLN GLN A . n 
A 1 90  GLY 90  99  99  GLY GLY A . n 
A 1 91  PHE 91  100 100 PHE PHE A . n 
A 1 92  GLY 92  101 101 GLY GLY A . n 
A 1 93  LYS 93  102 102 LYS LYS A . n 
A 1 94  LEU 94  103 103 LEU LEU A . n 
A 1 95  ILE 95  104 104 ILE ILE A . n 
A 1 96  MET 96  105 105 MET MET A . n 
A 1 97  LYS 97  106 106 LYS LYS A . n 
A 1 98  PHE 98  107 107 PHE PHE A . n 
A 1 99  ALA 99  108 108 ALA ALA A . n 
A 1 100 GLU 100 109 109 GLU GLU A . n 
A 1 101 ASP 101 110 110 ASP ASP A . n 
A 1 102 TYR 102 111 111 TYR TYR A . n 
A 1 103 CYS 103 112 112 CYS CYS A . n 
A 1 104 ARG 104 113 113 ARG ARG A . n 
A 1 105 VAL 105 114 114 VAL VAL A . n 
A 1 106 VAL 106 115 115 VAL VAL A . n 
A 1 107 LEU 107 116 116 LEU LEU A . n 
A 1 108 ASP 108 117 117 ASP ASP A . n 
A 1 109 LEU 109 118 118 LEU LEU A . n 
A 1 110 LYS 110 119 119 LYS LYS A . n 
A 1 111 THR 111 120 120 THR THR A . n 
A 1 112 ILE 112 121 121 ILE ILE A . n 
A 1 113 TYR 113 122 122 TYR TYR A . n 
A 1 114 LEU 114 123 123 LEU LEU A . n 
A 1 115 SER 115 124 124 SER SER A . n 
A 1 116 THR 116 125 125 THR THR A . n 
A 1 117 ILE 117 126 126 ILE ILE A . n 
A 1 118 ASP 118 127 127 ASP ASP A . n 
A 1 119 GLN 119 128 128 GLN GLN A . n 
A 1 120 ASP 120 129 129 ASP ASP A . n 
A 1 121 GLY 121 130 130 GLY GLY A . n 
A 1 122 PHE 122 131 131 PHE PHE A . n 
A 1 123 TYR 123 132 132 TYR TYR A . n 
A 1 124 GLU 124 133 133 GLU GLU A . n 
A 1 125 ARG 125 134 134 ARG ARG A . n 
A 1 126 ILE 126 135 135 ILE ILE A . n 
A 1 127 GLY 127 136 136 GLY GLY A . n 
A 1 128 TYR 128 137 137 TYR TYR A . n 
A 1 129 GLU 129 138 138 GLU GLU A . n 
A 1 130 TYR 130 139 139 TYR TYR A . n 
A 1 131 CYS 131 140 140 CYS CYS A . n 
A 1 132 ALA 132 141 141 ALA ALA A . n 
A 1 133 PRO 133 142 142 PRO PRO A . n 
A 1 134 ILE 134 143 143 ILE ILE A . n 
A 1 135 THR 135 144 144 THR THR A . n 
A 1 136 MET 136 145 145 MET MET A . n 
A 1 137 TYR 137 146 146 TYR TYR A . n 
A 1 138 GLY 138 147 147 GLY GLY A . n 
A 1 139 PRO 139 148 148 PRO PRO A . n 
A 1 140 ARG 140 149 149 ARG ARG A . n 
A 1 141 HIS 141 150 150 HIS HIS A . n 
A 1 142 CYS 142 151 151 CYS CYS A . n 
A 1 143 GLU 143 152 152 GLU GLU A . n 
A 1 144 LEU 144 153 153 LEU LEU A . n 
A 1 145 PRO 145 154 154 PRO PRO A . n 
A 1 146 SER 146 155 155 SER SER A . n 
A 1 147 LEU 147 156 156 LEU LEU A . n 
A 1 148 GLN 148 157 157 GLN GLN A . n 
A 1 149 ASN 149 158 158 ASN ASN A . n 
A 1 150 ALA 150 159 159 ALA ALA A . n 
A 1 151 LYS 151 160 160 LYS LYS A . n 
A 1 152 LYS 152 161 161 LYS LYS A . n 
A 1 153 LYS 153 162 162 LYS LYS A . n 
A 1 154 TYR 154 163 163 TYR TYR A . n 
A 1 155 MET 155 164 164 MET MET A . n 
A 1 156 LYS 156 165 165 LYS LYS A . n 
A 1 157 LYS 157 166 166 LYS LYS A . n 
A 1 158 VAL 158 167 167 VAL VAL A . n 
A 1 159 LEU 159 168 168 LEU LEU A . n 
B 2 1   ASP 1   1   1   ASP ASP B . n 
B 2 2   ASP 2   2   2   ASP ASP B . n 
B 2 3   ASP 3   3   3   ASP ASP B . n 
B 2 4   ILE 4   4   4   ILE ILE B . n 
B 2 5   NH2 5   5   5   NH2 NH2 B . n 
# 
loop_
_pdbx_nonpoly_scheme.asym_id 
_pdbx_nonpoly_scheme.entity_id 
_pdbx_nonpoly_scheme.mon_id 
_pdbx_nonpoly_scheme.ndb_seq_num 
_pdbx_nonpoly_scheme.pdb_seq_num 
_pdbx_nonpoly_scheme.auth_seq_num 
_pdbx_nonpoly_scheme.pdb_mon_id 
_pdbx_nonpoly_scheme.auth_mon_id 
_pdbx_nonpoly_scheme.pdb_strand_id 
_pdbx_nonpoly_scheme.pdb_ins_code 
C 3 CMC 1   101 10  CMC LIG B . 
D 4 HOH 1   201 77  HOH HOH A . 
D 4 HOH 2   202 5   HOH HOH A . 
D 4 HOH 3   203 143 HOH HOH A . 
D 4 HOH 4   204 14  HOH HOH A . 
D 4 HOH 5   205 129 HOH HOH A . 
D 4 HOH 6   206 92  HOH HOH A . 
D 4 HOH 7   207 32  HOH HOH A . 
D 4 HOH 8   208 171 HOH HOH A . 
D 4 HOH 9   209 60  HOH HOH A . 
D 4 HOH 10  210 91  HOH HOH A . 
D 4 HOH 11  211 13  HOH HOH A . 
D 4 HOH 12  212 1   HOH HOH A . 
D 4 HOH 13  213 160 HOH HOH A . 
D 4 HOH 14  214 165 HOH HOH A . 
D 4 HOH 15  215 6   HOH HOH A . 
D 4 HOH 16  216 31  HOH HOH A . 
D 4 HOH 17  217 164 HOH HOH A . 
D 4 HOH 18  218 7   HOH HOH A . 
D 4 HOH 19  219 39  HOH HOH A . 
D 4 HOH 20  220 42  HOH HOH A . 
D 4 HOH 21  221 51  HOH HOH A . 
D 4 HOH 22  222 10  HOH HOH A . 
D 4 HOH 23  223 159 HOH HOH A . 
D 4 HOH 24  224 103 HOH HOH A . 
D 4 HOH 25  225 54  HOH HOH A . 
D 4 HOH 26  226 102 HOH HOH A . 
D 4 HOH 27  227 158 HOH HOH A . 
D 4 HOH 28  228 62  HOH HOH A . 
D 4 HOH 29  229 57  HOH HOH A . 
D 4 HOH 30  230 116 HOH HOH A . 
D 4 HOH 31  231 45  HOH HOH A . 
D 4 HOH 32  232 19  HOH HOH A . 
D 4 HOH 33  233 30  HOH HOH A . 
D 4 HOH 34  234 82  HOH HOH A . 
D 4 HOH 35  235 2   HOH HOH A . 
D 4 HOH 36  236 55  HOH HOH A . 
D 4 HOH 37  237 75  HOH HOH A . 
D 4 HOH 38  238 12  HOH HOH A . 
D 4 HOH 39  239 44  HOH HOH A . 
D 4 HOH 40  240 40  HOH HOH A . 
D 4 HOH 41  241 100 HOH HOH A . 
D 4 HOH 42  242 25  HOH HOH A . 
D 4 HOH 43  243 3   HOH HOH A . 
D 4 HOH 44  244 65  HOH HOH A . 
D 4 HOH 45  245 137 HOH HOH A . 
D 4 HOH 46  246 79  HOH HOH A . 
D 4 HOH 47  247 16  HOH HOH A . 
D 4 HOH 48  248 162 HOH HOH A . 
D 4 HOH 49  249 52  HOH HOH A . 
D 4 HOH 50  250 81  HOH HOH A . 
D 4 HOH 51  251 61  HOH HOH A . 
D 4 HOH 52  252 132 HOH HOH A . 
D 4 HOH 53  253 69  HOH HOH A . 
D 4 HOH 54  254 58  HOH HOH A . 
D 4 HOH 55  255 148 HOH HOH A . 
D 4 HOH 56  256 15  HOH HOH A . 
D 4 HOH 57  257 97  HOH HOH A . 
D 4 HOH 58  258 104 HOH HOH A . 
D 4 HOH 59  259 23  HOH HOH A . 
D 4 HOH 60  260 134 HOH HOH A . 
D 4 HOH 61  261 74  HOH HOH A . 
D 4 HOH 62  262 21  HOH HOH A . 
D 4 HOH 63  263 8   HOH HOH A . 
D 4 HOH 64  264 106 HOH HOH A . 
D 4 HOH 65  265 49  HOH HOH A . 
D 4 HOH 66  266 53  HOH HOH A . 
D 4 HOH 67  267 147 HOH HOH A . 
D 4 HOH 68  268 26  HOH HOH A . 
D 4 HOH 69  269 67  HOH HOH A . 
D 4 HOH 70  270 11  HOH HOH A . 
D 4 HOH 71  271 29  HOH HOH A . 
D 4 HOH 72  272 33  HOH HOH A . 
D 4 HOH 73  273 76  HOH HOH A . 
D 4 HOH 74  274 90  HOH HOH A . 
D 4 HOH 75  275 117 HOH HOH A . 
D 4 HOH 76  276 84  HOH HOH A . 
D 4 HOH 77  277 113 HOH HOH A . 
D 4 HOH 78  278 4   HOH HOH A . 
D 4 HOH 79  279 20  HOH HOH A . 
D 4 HOH 80  280 9   HOH HOH A . 
D 4 HOH 81  281 64  HOH HOH A . 
D 4 HOH 82  282 166 HOH HOH A . 
D 4 HOH 83  283 50  HOH HOH A . 
D 4 HOH 84  284 122 HOH HOH A . 
D 4 HOH 85  285 99  HOH HOH A . 
D 4 HOH 86  286 127 HOH HOH A . 
D 4 HOH 87  287 121 HOH HOH A . 
D 4 HOH 88  288 126 HOH HOH A . 
D 4 HOH 89  289 87  HOH HOH A . 
D 4 HOH 90  290 108 HOH HOH A . 
D 4 HOH 91  291 22  HOH HOH A . 
D 4 HOH 92  292 59  HOH HOH A . 
D 4 HOH 93  293 27  HOH HOH A . 
D 4 HOH 94  294 34  HOH HOH A . 
D 4 HOH 95  295 119 HOH HOH A . 
D 4 HOH 96  296 18  HOH HOH A . 
D 4 HOH 97  297 66  HOH HOH A . 
D 4 HOH 98  298 85  HOH HOH A . 
D 4 HOH 99  299 128 HOH HOH A . 
D 4 HOH 100 300 63  HOH HOH A . 
D 4 HOH 101 301 145 HOH HOH A . 
D 4 HOH 102 302 135 HOH HOH A . 
D 4 HOH 103 303 109 HOH HOH A . 
D 4 HOH 104 304 17  HOH HOH A . 
D 4 HOH 105 305 120 HOH HOH A . 
D 4 HOH 106 306 48  HOH HOH A . 
D 4 HOH 107 307 110 HOH HOH A . 
D 4 HOH 108 308 86  HOH HOH A . 
D 4 HOH 109 309 88  HOH HOH A . 
D 4 HOH 110 310 151 HOH HOH A . 
D 4 HOH 111 311 94  HOH HOH A . 
D 4 HOH 112 312 38  HOH HOH A . 
D 4 HOH 113 313 144 HOH HOH A . 
D 4 HOH 114 314 150 HOH HOH A . 
D 4 HOH 115 315 133 HOH HOH A . 
D 4 HOH 116 316 124 HOH HOH A . 
D 4 HOH 117 317 68  HOH HOH A . 
D 4 HOH 118 318 47  HOH HOH A . 
D 4 HOH 119 319 161 HOH HOH A . 
D 4 HOH 120 320 163 HOH HOH A . 
D 4 HOH 121 321 168 HOH HOH A . 
D 4 HOH 122 322 130 HOH HOH A . 
D 4 HOH 123 323 169 HOH HOH A . 
D 4 HOH 124 324 96  HOH HOH A . 
D 4 HOH 125 325 89  HOH HOH A . 
D 4 HOH 126 326 167 HOH HOH A . 
D 4 HOH 127 327 93  HOH HOH A . 
D 4 HOH 128 328 115 HOH HOH A . 
D 4 HOH 129 329 73  HOH HOH A . 
D 4 HOH 130 330 136 HOH HOH A . 
D 4 HOH 131 331 118 HOH HOH A . 
D 4 HOH 132 332 157 HOH HOH A . 
D 4 HOH 133 333 107 HOH HOH A . 
D 4 HOH 134 334 72  HOH HOH A . 
D 4 HOH 135 335 138 HOH HOH A . 
D 4 HOH 136 336 80  HOH HOH A . 
D 4 HOH 137 337 146 HOH HOH A . 
D 4 HOH 138 338 95  HOH HOH A . 
D 4 HOH 139 339 71  HOH HOH A . 
D 4 HOH 140 340 35  HOH HOH A . 
D 4 HOH 141 341 78  HOH HOH A . 
D 4 HOH 142 342 83  HOH HOH A . 
D 4 HOH 143 343 153 HOH HOH A . 
D 4 HOH 144 344 105 HOH HOH A . 
D 4 HOH 145 345 170 HOH HOH A . 
D 4 HOH 146 346 142 HOH HOH A . 
D 4 HOH 147 347 123 HOH HOH A . 
D 4 HOH 148 348 112 HOH HOH A . 
D 4 HOH 149 349 155 HOH HOH A . 
E 4 HOH 1   201 41  HOH HOH B . 
E 4 HOH 2   202 28  HOH HOH B . 
E 4 HOH 3   203 37  HOH HOH B . 
E 4 HOH 4   204 36  HOH HOH B . 
E 4 HOH 5   205 56  HOH HOH B . 
E 4 HOH 6   206 70  HOH HOH B . 
E 4 HOH 7   207 24  HOH HOH B . 
E 4 HOH 8   208 139 HOH HOH B . 
E 4 HOH 9   209 156 HOH HOH B . 
E 4 HOH 10  210 46  HOH HOH B . 
E 4 HOH 11  211 43  HOH HOH B . 
E 4 HOH 12  212 98  HOH HOH B . 
E 4 HOH 13  213 101 HOH HOH B . 
# 
loop_
_pdbx_unobs_or_zero_occ_atoms.id 
_pdbx_unobs_or_zero_occ_atoms.PDB_model_num 
_pdbx_unobs_or_zero_occ_atoms.polymer_flag 
_pdbx_unobs_or_zero_occ_atoms.occupancy_flag 
_pdbx_unobs_or_zero_occ_atoms.auth_asym_id 
_pdbx_unobs_or_zero_occ_atoms.auth_comp_id 
_pdbx_unobs_or_zero_occ_atoms.auth_seq_id 
_pdbx_unobs_or_zero_occ_atoms.PDB_ins_code 
_pdbx_unobs_or_zero_occ_atoms.auth_atom_id 
_pdbx_unobs_or_zero_occ_atoms.label_alt_id 
_pdbx_unobs_or_zero_occ_atoms.label_asym_id 
_pdbx_unobs_or_zero_occ_atoms.label_comp_id 
_pdbx_unobs_or_zero_occ_atoms.label_seq_id 
_pdbx_unobs_or_zero_occ_atoms.label_atom_id 
1  1 Y 1 A LYS 81  ? CG  ? A LYS 72  CG  
2  1 Y 1 A LYS 81  ? CD  ? A LYS 72  CD  
3  1 Y 1 A LYS 81  ? CE  ? A LYS 72  CE  
4  1 Y 1 A LYS 81  ? NZ  ? A LYS 72  NZ  
5  1 Y 1 A LYS 102 ? CG  ? A LYS 93  CG  
6  1 Y 1 A LYS 102 ? CD  ? A LYS 93  CD  
7  1 Y 1 A LYS 102 ? CE  ? A LYS 93  CE  
8  1 Y 1 A LYS 102 ? NZ  ? A LYS 93  NZ  
9  1 Y 1 A LYS 106 ? CD  ? A LYS 97  CD  
10 1 Y 1 A LYS 106 ? CE  ? A LYS 97  CE  
11 1 Y 1 A LYS 106 ? NZ  ? A LYS 97  NZ  
12 1 Y 1 A GLU 133 ? CG  ? A GLU 124 CG  
13 1 Y 1 A GLU 133 ? CD  ? A GLU 124 CD  
14 1 Y 1 A GLU 133 ? OE1 ? A GLU 124 OE1 
15 1 Y 1 A GLU 133 ? OE2 ? A GLU 124 OE2 
16 1 Y 1 A GLU 138 ? OE1 ? A GLU 129 OE1 
17 1 Y 1 A GLU 138 ? OE2 ? A GLU 129 OE2 
# 
loop_
_software.citation_id 
_software.classification 
_software.compiler_name 
_software.compiler_version 
_software.contact_author 
_software.contact_author_email 
_software.date 
_software.description 
_software.dependencies 
_software.hardware 
_software.language 
_software.location 
_software.mods 
_software.name 
_software.os 
_software.os_version 
_software.type 
_software.version 
_software.pdbx_ordinal 
? refinement        ? ? ? ? ? ? ? ? ? ? ? PHENIX      ? ? ? 1.12_2829 1 
? 'data scaling'    ? ? ? ? ? ? ? ? ? ? ? HKL-2000    ? ? ? .         2 
? 'data extraction' ? ? ? ? ? ? ? ? ? ? ? PDB_EXTRACT ? ? ? 3.22      3 
? 'data reduction'  ? ? ? ? ? ? ? ? ? ? ? HKL-2000    ? ? ? .         4 
? phasing           ? ? ? ? ? ? ? ? ? ? ? PHENIX      ? ? ? .         5 
# 
_cell.length_a           37.136 
_cell.length_b           64.370 
_cell.length_c           68.589 
_cell.angle_alpha        90.000 
_cell.angle_beta         90.000 
_cell.angle_gamma        90.000 
_cell.entry_id           5WJE 
_cell.Z_PDB              4 
_cell.pdbx_unique_axis   ? 
# 
_symmetry.space_group_name_H-M             'P 21 21 21' 
_symmetry.entry_id                         5WJE 
_symmetry.pdbx_full_space_group_name_H-M   ? 
_symmetry.cell_setting                     ? 
_symmetry.Int_Tables_number                19 
# 
_exptl.absorpt_coefficient_mu     ? 
_exptl.absorpt_correction_T_max   ? 
_exptl.absorpt_correction_T_min   ? 
_exptl.absorpt_correction_type    ? 
_exptl.absorpt_process_details    ? 
_exptl.entry_id                   5WJE 
_exptl.crystals_number            1 
_exptl.details                    ? 
_exptl.method                     'X-RAY DIFFRACTION' 
_exptl.method_details             ? 
# 
_exptl_crystal.colour                      ? 
_exptl_crystal.density_diffrn              ? 
_exptl_crystal.density_Matthews            2.20 
_exptl_crystal.density_method              ? 
_exptl_crystal.density_percent_sol         44.08 
_exptl_crystal.description                 ? 
_exptl_crystal.F_000                       ? 
_exptl_crystal.id                          1 
_exptl_crystal.preparation                 ? 
_exptl_crystal.size_max                    ? 
_exptl_crystal.size_mid                    ? 
_exptl_crystal.size_min                    ? 
_exptl_crystal.size_rad                    ? 
_exptl_crystal.colour_lustre               ? 
_exptl_crystal.colour_modifier             ? 
_exptl_crystal.colour_primary              ? 
_exptl_crystal.density_meas                ? 
_exptl_crystal.density_meas_esd            ? 
_exptl_crystal.density_meas_gt             ? 
_exptl_crystal.density_meas_lt             ? 
_exptl_crystal.density_meas_temp           ? 
_exptl_crystal.density_meas_temp_esd       ? 
_exptl_crystal.density_meas_temp_gt        ? 
_exptl_crystal.density_meas_temp_lt        ? 
_exptl_crystal.pdbx_crystal_image_url      ? 
_exptl_crystal.pdbx_crystal_image_format   ? 
_exptl_crystal.pdbx_mosaicity              ? 
_exptl_crystal.pdbx_mosaicity_esd          ? 
# 
_exptl_crystal_grow.apparatus       ? 
_exptl_crystal_grow.atmosphere      ? 
_exptl_crystal_grow.crystal_id      1 
_exptl_crystal_grow.details         ? 
_exptl_crystal_grow.method          'VAPOR DIFFUSION, HANGING DROP' 
_exptl_crystal_grow.method_ref      ? 
_exptl_crystal_grow.pH              ? 
_exptl_crystal_grow.pressure        ? 
_exptl_crystal_grow.pressure_esd    ? 
_exptl_crystal_grow.seeding         ? 
_exptl_crystal_grow.seeding_ref     ? 
_exptl_crystal_grow.temp            293.15 
_exptl_crystal_grow.temp_details    ? 
_exptl_crystal_grow.temp_esd        ? 
_exptl_crystal_grow.time            ? 
_exptl_crystal_grow.pdbx_details    
'24% polyethylene glycol (PEG) 3350, 0.1 M Bis Tris propane (pH 7.6, pH adjusted with citric acid) and 10 mM NaBr' 
_exptl_crystal_grow.pdbx_pH_range   ? 
# 
_diffrn.ambient_environment    ? 
_diffrn.ambient_temp           100 
_diffrn.ambient_temp_details   ? 
_diffrn.ambient_temp_esd       ? 
_diffrn.crystal_id             1 
_diffrn.crystal_support        ? 
_diffrn.crystal_treatment      ? 
_diffrn.details                ? 
_diffrn.id                     1 
_diffrn.ambient_pressure       ? 
_diffrn.ambient_pressure_esd   ? 
_diffrn.ambient_pressure_gt    ? 
_diffrn.ambient_pressure_lt    ? 
_diffrn.ambient_temp_gt        ? 
_diffrn.ambient_temp_lt        ? 
# 
_diffrn_detector.details                      ? 
_diffrn_detector.detector                     PIXEL 
_diffrn_detector.diffrn_id                    1 
_diffrn_detector.type                         'DECTRIS PILATUS3 6M' 
_diffrn_detector.area_resol_mean              ? 
_diffrn_detector.dtime                        ? 
_diffrn_detector.pdbx_frames_total            ? 
_diffrn_detector.pdbx_collection_time_total   ? 
_diffrn_detector.pdbx_collection_date         2017-03-17 
# 
_diffrn_radiation.collimation                      ? 
_diffrn_radiation.diffrn_id                        1 
_diffrn_radiation.filter_edge                      ? 
_diffrn_radiation.inhomogeneity                    ? 
_diffrn_radiation.monochromator                    ? 
_diffrn_radiation.polarisn_norm                    ? 
_diffrn_radiation.polarisn_ratio                   ? 
_diffrn_radiation.probe                            ? 
_diffrn_radiation.type                             ? 
_diffrn_radiation.xray_symbol                      ? 
_diffrn_radiation.wavelength_id                    1 
_diffrn_radiation.pdbx_monochromatic_or_laue_m_l   M 
_diffrn_radiation.pdbx_wavelength_list             ? 
_diffrn_radiation.pdbx_wavelength                  ? 
_diffrn_radiation.pdbx_diffrn_protocol             'SINGLE WAVELENGTH' 
_diffrn_radiation.pdbx_analyzer                    ? 
_diffrn_radiation.pdbx_scattering_type             x-ray 
# 
_diffrn_radiation_wavelength.id           1 
_diffrn_radiation_wavelength.wavelength   1.03319 
_diffrn_radiation_wavelength.wt           1.0 
# 
_diffrn_source.current                     ? 
_diffrn_source.details                     ? 
_diffrn_source.diffrn_id                   1 
_diffrn_source.power                       ? 
_diffrn_source.size                        ? 
_diffrn_source.source                      SYNCHROTRON 
_diffrn_source.target                      ? 
_diffrn_source.type                        'APS BEAMLINE 23-ID-D' 
_diffrn_source.voltage                     ? 
_diffrn_source.take-off_angle              ? 
_diffrn_source.pdbx_wavelength_list        1.03319 
_diffrn_source.pdbx_wavelength             ? 
_diffrn_source.pdbx_synchrotron_beamline   23-ID-D 
_diffrn_source.pdbx_synchrotron_site       APS 
# 
_reflns.B_iso_Wilson_estimate            22.860 
_reflns.entry_id                         5WJE 
_reflns.data_reduction_details           ? 
_reflns.data_reduction_method            ? 
_reflns.d_resolution_high                1.765 
_reflns.d_resolution_low                 34.294 
_reflns.details                          ? 
_reflns.limit_h_max                      ? 
_reflns.limit_h_min                      ? 
_reflns.limit_k_max                      ? 
_reflns.limit_k_min                      ? 
_reflns.limit_l_max                      ? 
_reflns.limit_l_min                      ? 
_reflns.number_all                       ? 
_reflns.number_obs                       16748 
_reflns.observed_criterion               ? 
_reflns.observed_criterion_F_max         ? 
_reflns.observed_criterion_F_min         ? 
_reflns.observed_criterion_I_max         ? 
_reflns.observed_criterion_I_min         ? 
_reflns.observed_criterion_sigma_F       ? 
_reflns.observed_criterion_sigma_I       ? 
_reflns.percent_possible_obs             99.000 
_reflns.R_free_details                   ? 
_reflns.Rmerge_F_all                     ? 
_reflns.Rmerge_F_obs                     ? 
_reflns.Friedel_coverage                 ? 
_reflns.number_gt                        ? 
_reflns.threshold_expression             ? 
_reflns.pdbx_redundancy                  10.500 
_reflns.pdbx_Rmerge_I_obs                0.130 
_reflns.pdbx_Rmerge_I_all                ? 
_reflns.pdbx_Rsym_value                  ? 
_reflns.pdbx_netI_over_av_sigmaI         ? 
_reflns.pdbx_netI_over_sigmaI            4.700 
_reflns.pdbx_res_netI_over_av_sigmaI_2   ? 
_reflns.pdbx_res_netI_over_sigmaI_2      ? 
_reflns.pdbx_chi_squared                 0.992 
_reflns.pdbx_scaling_rejects             ? 
_reflns.pdbx_d_res_high_opt              ? 
_reflns.pdbx_d_res_low_opt               ? 
_reflns.pdbx_d_res_opt_method            ? 
_reflns.phase_calculation_details        ? 
_reflns.pdbx_Rrim_I_all                  0.137 
_reflns.pdbx_Rpim_I_all                  0.041 
_reflns.pdbx_d_opt                       ? 
_reflns.pdbx_number_measured_all         ? 
_reflns.pdbx_diffrn_id                   1 
_reflns.pdbx_ordinal                     1 
_reflns.pdbx_CC_half                     ? 
_reflns.pdbx_R_split                     ? 
# 
loop_
_reflns_shell.d_res_high 
_reflns_shell.d_res_low 
_reflns_shell.meanI_over_sigI_all 
_reflns_shell.meanI_over_sigI_obs 
_reflns_shell.number_measured_all 
_reflns_shell.number_measured_obs 
_reflns_shell.number_possible 
_reflns_shell.number_unique_all 
_reflns_shell.number_unique_obs 
_reflns_shell.percent_possible_all 
_reflns_shell.percent_possible_obs 
_reflns_shell.Rmerge_F_all 
_reflns_shell.Rmerge_F_obs 
_reflns_shell.Rmerge_I_all 
_reflns_shell.Rmerge_I_obs 
_reflns_shell.meanI_over_sigI_gt 
_reflns_shell.meanI_over_uI_all 
_reflns_shell.meanI_over_uI_gt 
_reflns_shell.number_measured_gt 
_reflns_shell.number_unique_gt 
_reflns_shell.percent_possible_gt 
_reflns_shell.Rmerge_F_gt 
_reflns_shell.Rmerge_I_gt 
_reflns_shell.pdbx_redundancy 
_reflns_shell.pdbx_Rsym_value 
_reflns_shell.pdbx_chi_squared 
_reflns_shell.pdbx_netI_over_sigmaI_all 
_reflns_shell.pdbx_netI_over_sigmaI_obs 
_reflns_shell.pdbx_Rrim_I_all 
_reflns_shell.pdbx_Rpim_I_all 
_reflns_shell.pdbx_rejects 
_reflns_shell.pdbx_ordinal 
_reflns_shell.pdbx_diffrn_id 
_reflns_shell.pdbx_CC_half 
_reflns_shell.pdbx_R_split 
1.765 1.800  ? ? ? ? ? ? 1558 80.500  ? ? ? ? 0.869 ? ? ? ? ? ? ? ? 6.400  ? 0.481 ? ? 0.945 0.360 ? 1  1 0.675 ? 
1.800 1.830  ? ? ? ? ? ? ?    100.000 ? ? ? ? 0.808 ? ? ? ? ? ? ? ? 8.400  ? 0.501 ? ? 0.859 0.290 ? 2  1 0.882 ? 
1.830 1.870  ? ? ? ? ? ? ?    100.000 ? ? ? ? 0.764 ? ? ? ? ? ? ? ? 9.700  ? 0.524 ? ? 0.807 0.256 ? 3  1 0.921 ? 
1.870 1.910  ? ? ? ? ? ? ?    100.000 ? ? ? ? 0.759 ? ? ? ? ? ? ? ? 10.300 ? 0.550 ? ? 0.798 0.245 ? 4  1 0.930 ? 
1.910 1.950  ? ? ? ? ? ? ?    100.000 ? ? ? ? 0.622 ? ? ? ? ? ? ? ? 10.700 ? 0.636 ? ? 0.654 0.198 ? 5  1 0.936 ? 
1.950 1.990  ? ? ? ? ? ? ?    100.000 ? ? ? ? 0.565 ? ? ? ? ? ? ? ? 10.800 ? 0.597 ? ? 0.594 0.179 ? 6  1 0.949 ? 
1.990 2.040  ? ? ? ? ? ? ?    100.000 ? ? ? ? 0.444 ? ? ? ? ? ? ? ? 10.400 ? 0.630 ? ? 0.467 0.144 ? 7  1 0.957 ? 
2.040 2.100  ? ? ? ? ? ? ?    100.000 ? ? ? ? 0.401 ? ? ? ? ? ? ? ? 10.800 ? 0.703 ? ? 0.421 0.126 ? 8  1 0.967 ? 
2.100 2.160  ? ? ? ? ? ? ?    100.000 ? ? ? ? 0.322 ? ? ? ? ? ? ? ? 11.100 ? 0.688 ? ? 0.337 0.100 ? 9  1 0.982 ? 
2.160 2.230  ? ? ? ? ? ? ?    100.000 ? ? ? ? 0.291 ? ? ? ? ? ? ? ? 11.400 ? 0.733 ? ? 0.304 0.089 ? 10 1 0.980 ? 
2.230 2.310  ? ? ? ? ? ? ?    100.000 ? ? ? ? 0.260 ? ? ? ? ? ? ? ? 11.300 ? 0.845 ? ? 0.272 0.080 ? 11 1 0.986 ? 
2.310 2.400  ? ? ? ? ? ? ?    100.000 ? ? ? ? 0.222 ? ? ? ? ? ? ? ? 11.000 ? 0.836 ? ? 0.233 0.069 ? 12 1 0.987 ? 
2.400 2.510  ? ? ? ? ? ? ?    100.000 ? ? ? ? 0.198 ? ? ? ? ? ? ? ? 10.600 ? 0.918 ? ? 0.208 0.063 ? 13 1 0.988 ? 
2.510 2.640  ? ? ? ? ? ? ?    100.000 ? ? ? ? 0.170 ? ? ? ? ? ? ? ? 10.900 ? 1.034 ? ? 0.178 0.053 ? 14 1 0.990 ? 
2.640 2.810  ? ? ? ? ? ? ?    100.000 ? ? ? ? 0.154 ? ? ? ? ? ? ? ? 11.300 ? 1.094 ? ? 0.161 0.048 ? 15 1 0.993 ? 
2.810 3.030  ? ? ? ? ? ? ?    100.000 ? ? ? ? 0.127 ? ? ? ? ? ? ? ? 11.100 ? 1.308 ? ? 0.133 0.040 ? 16 1 0.993 ? 
3.030 3.330  ? ? ? ? ? ? ?    100.000 ? ? ? ? 0.104 ? ? ? ? ? ? ? ? 10.500 ? 1.611 ? ? 0.109 0.033 ? 17 1 0.995 ? 
3.330 3.810  ? ? ? ? ? ? ?    100.000 ? ? ? ? 0.086 ? ? ? ? ? ? ? ? 11.100 ? 1.867 ? ? 0.091 0.027 ? 18 1 0.996 ? 
3.810 4.800  ? ? ? ? ? ? ?    99.900  ? ? ? ? 0.072 ? ? ? ? ? ? ? ? 10.500 ? 1.963 ? ? 0.076 0.023 ? 19 1 0.997 ? 
4.800 50.000 ? ? ? ? ? ? ?    99.900  ? ? ? ? 0.065 ? ? ? ? ? ? ? ? 10.000 ? 1.668 ? ? 0.068 0.021 ? 20 1 0.998 ? 
# 
_refine.entry_id                                 5WJE 
_refine.pdbx_refine_id                           'X-RAY DIFFRACTION' 
_refine.ls_d_res_high                            1.7650 
_refine.ls_d_res_low                             34.2940 
_refine.pdbx_ls_sigma_F                          1.330 
_refine.pdbx_data_cutoff_high_absF               ? 
_refine.pdbx_data_cutoff_low_absF                ? 
_refine.ls_percent_reflns_obs                    99.5500 
_refine.ls_number_reflns_obs                     16670 
_refine.ls_number_reflns_all                     ? 
_refine.pdbx_ls_cross_valid_method               THROUGHOUT 
_refine.ls_matrix_type                           ? 
_refine.pdbx_R_Free_selection_details            ? 
_refine.details                                  ? 
_refine.ls_R_factor_all                          ? 
_refine.ls_R_factor_obs                          0.1809 
_refine.ls_R_factor_R_work                       0.1769 
_refine.ls_wR_factor_R_work                      ? 
_refine.ls_R_factor_R_free                       0.2175 
_refine.ls_wR_factor_R_free                      ? 
_refine.ls_percent_reflns_R_free                 10.0000 
_refine.ls_number_reflns_R_free                  1667 
_refine.ls_number_reflns_R_work                  15003 
_refine.ls_R_factor_R_free_error                 ? 
_refine.B_iso_mean                               24.3257 
_refine.solvent_model_param_bsol                 ? 
_refine.solvent_model_param_ksol                 ? 
_refine.pdbx_isotropic_thermal_model             ? 
_refine.aniso_B[1][1]                            ? 
_refine.aniso_B[2][2]                            ? 
_refine.aniso_B[3][3]                            ? 
_refine.aniso_B[1][2]                            ? 
_refine.aniso_B[1][3]                            ? 
_refine.aniso_B[2][3]                            ? 
_refine.correlation_coeff_Fo_to_Fc               ? 
_refine.correlation_coeff_Fo_to_Fc_free          ? 
_refine.overall_SU_R_Cruickshank_DPI             ? 
_refine.pdbx_overall_SU_R_free_Cruickshank_DPI   ? 
_refine.pdbx_overall_SU_R_Blow_DPI               ? 
_refine.pdbx_overall_SU_R_free_Blow_DPI          ? 
_refine.overall_SU_R_free                        ? 
_refine.pdbx_overall_ESU_R                       ? 
_refine.pdbx_overall_ESU_R_Free                  ? 
_refine.overall_SU_ML                            0.1500 
_refine.overall_SU_B                             ? 
_refine.solvent_model_details                    'FLAT BULK SOLVENT MODEL' 
_refine.pdbx_solvent_vdw_probe_radii             1.1100 
_refine.pdbx_solvent_ion_probe_radii             ? 
_refine.pdbx_solvent_shrinkage_radii             0.9000 
_refine.ls_number_parameters                     ? 
_refine.ls_number_restraints                     ? 
_refine.pdbx_starting_model                      5WJD 
_refine.pdbx_method_to_determine_struct          'MOLECULAR REPLACEMENT' 
_refine.pdbx_stereochemistry_target_values       LS_WUNIT_K1 
_refine.pdbx_stereochem_target_val_spec_case     ? 
_refine.overall_FOM_work_R_set                   ? 
_refine.B_iso_max                                56.380 
_refine.B_iso_min                                12.720 
_refine.pdbx_overall_phase_error                 20.3300 
_refine.occupancy_max                            ? 
_refine.occupancy_min                            ? 
_refine.pdbx_diffrn_id                           1 
_refine.pdbx_TLS_residual_ADP_flag               ? 
_refine.pdbx_ls_sigma_I                          ? 
_refine.pdbx_data_cutoff_high_rms_absF           ? 
_refine.ls_R_factor_R_free_error_details         ? 
# 
_refine_hist.cycle_id                         final 
_refine_hist.pdbx_refine_id                   'X-RAY DIFFRACTION' 
_refine_hist.d_res_high                       1.7650 
_refine_hist.d_res_low                        34.2940 
_refine_hist.pdbx_number_atoms_ligand         52 
_refine_hist.number_atoms_solvent             162 
_refine_hist.number_atoms_total               1493 
_refine_hist.pdbx_number_residues_total       163 
_refine_hist.pdbx_B_iso_mean_ligand           28.09 
_refine_hist.pdbx_B_iso_mean_solvent          30.90 
_refine_hist.pdbx_number_atoms_protein        1279 
_refine_hist.pdbx_number_atoms_nucleic_acid   0 
# 
loop_
_refine_ls_restr.pdbx_refine_id 
_refine_ls_restr.type 
_refine_ls_restr.number 
_refine_ls_restr.dev_ideal 
_refine_ls_restr.dev_ideal_target 
_refine_ls_restr.weight 
_refine_ls_restr.pdbx_restraint_function 
'X-RAY DIFFRACTION' f_bond_d           1364 0.002  ? ? ? 
'X-RAY DIFFRACTION' f_angle_d          1851 0.641  ? ? ? 
'X-RAY DIFFRACTION' f_chiral_restr     204  0.042  ? ? ? 
'X-RAY DIFFRACTION' f_plane_restr      228  0.003  ? ? ? 
'X-RAY DIFFRACTION' f_dihedral_angle_d 1142 10.626 ? ? ? 
# 
loop_
_refine_ls_shell.d_res_high 
_refine_ls_shell.d_res_low 
_refine_ls_shell.pdbx_total_number_of_bins_used 
_refine_ls_shell.percent_reflns_obs 
_refine_ls_shell.number_reflns_R_work 
_refine_ls_shell.R_factor_all 
_refine_ls_shell.R_factor_R_work 
_refine_ls_shell.R_factor_R_free 
_refine_ls_shell.percent_reflns_R_free 
_refine_ls_shell.number_reflns_R_free 
_refine_ls_shell.R_factor_R_free_error 
_refine_ls_shell.number_reflns_all 
_refine_ls_shell.number_reflns_obs 
_refine_ls_shell.pdbx_refine_id 
_refine_ls_shell.R_factor_obs 
1.765  1.8174  12 94.0000  1155 . 0.2551 0.2681 . 126 0.0000 1281 . 'X-RAY DIFFRACTION' . 
1.8174 1.8760  12 100.0000 1229 . 0.2476 0.2803 . 134 0.0000 1363 . 'X-RAY DIFFRACTION' . 
1.8760 1.9431  12 100.0000 1238 . 0.2456 0.2692 . 143 0.0000 1381 . 'X-RAY DIFFRACTION' . 
1.9431 2.0209  12 100.0000 1234 . 0.2260 0.2522 . 139 0.0000 1373 . 'X-RAY DIFFRACTION' . 
2.0209 2.1128  12 100.0000 1245 . 0.2079 0.2245 . 127 0.0000 1372 . 'X-RAY DIFFRACTION' . 
2.1128 2.2242  12 100.0000 1237 . 0.2030 0.2263 . 142 0.0000 1379 . 'X-RAY DIFFRACTION' . 
2.2242 2.3635  12 100.0000 1237 . 0.2049 0.2103 . 143 0.0000 1380 . 'X-RAY DIFFRACTION' . 
2.3635 2.5459  12 100.0000 1249 . 0.2031 0.2205 . 134 0.0000 1383 . 'X-RAY DIFFRACTION' . 
2.5459 2.8020  12 100.0000 1258 . 0.1901 0.2326 . 147 0.0000 1405 . 'X-RAY DIFFRACTION' . 
2.8020 3.2072  12 100.0000 1264 . 0.1786 0.2499 . 137 0.0000 1401 . 'X-RAY DIFFRACTION' . 
3.2072 4.0398  12 100.0000 1293 . 0.1360 0.1950 . 142 0.0000 1435 . 'X-RAY DIFFRACTION' . 
4.0398 34.3010 12 100.0000 1364 . 0.1384 0.1806 . 153 0.0000 1517 . 'X-RAY DIFFRACTION' . 
# 
_struct.entry_id                     5WJE 
_struct.title                        'Crystal structure of Naa80 bound to a bisubstrate analogue' 
_struct.pdbx_model_details           ? 
_struct.pdbx_formula_weight          ? 
_struct.pdbx_formula_weight_method   ? 
_struct.pdbx_model_type_details      ? 
_struct.pdbx_CASP_flag               N 
# 
_struct_keywords.entry_id        5WJE 
_struct_keywords.text            'Acetyltransferase, acetyl-CoA, GNAT fold, acetylation, TRANSFERASE' 
_struct_keywords.pdbx_keywords   TRANSFERASE 
# 
loop_
_struct_asym.id 
_struct_asym.pdbx_blank_PDB_chainid_flag 
_struct_asym.pdbx_modified 
_struct_asym.entity_id 
_struct_asym.details 
A N N 1 ? 
B N N 2 ? 
C N N 3 ? 
D N N 4 ? 
E N N 4 ? 
# 
loop_
_struct_ref.id 
_struct_ref.db_name 
_struct_ref.db_code 
_struct_ref.pdbx_db_accession 
_struct_ref.pdbx_db_isoform 
_struct_ref.entity_id 
_struct_ref.pdbx_seq_one_letter_code 
_struct_ref.pdbx_align_begin 
1 UNP Q59DX8_DROME Q59DX8 ? 1 
;GSPFNVVPIHNYPELMKDTCALINAEWPRSETARMRSLEASCDSLPCSLVLTTEGMCRVIAHLKLSPINSKKKACFVESV
VVDKRHRGQGFGKLIMKFAEDYCRVVLDLKTIYLSTIDQDGFYERIGYEYCAPITMYGPRHCELPSLQNAKKKYMKKVL
;
20 
2 PDB 5WJE         5WJE   ? 2 ? 1  
# 
loop_
_struct_ref_seq.align_id 
_struct_ref_seq.ref_id 
_struct_ref_seq.pdbx_PDB_id_code 
_struct_ref_seq.pdbx_strand_id 
_struct_ref_seq.seq_align_beg 
_struct_ref_seq.pdbx_seq_align_beg_ins_code 
_struct_ref_seq.seq_align_end 
_struct_ref_seq.pdbx_seq_align_end_ins_code 
_struct_ref_seq.pdbx_db_accession 
_struct_ref_seq.db_align_beg 
_struct_ref_seq.pdbx_db_align_beg_ins_code 
_struct_ref_seq.db_align_end 
_struct_ref_seq.pdbx_db_align_end_ins_code 
_struct_ref_seq.pdbx_auth_seq_align_beg 
_struct_ref_seq.pdbx_auth_seq_align_end 
1 1 5WJE A 1 ? 159 ? Q59DX8 20 ? 178 ? 10 168 
2 2 5WJE B 1 ? 5   ? 5WJE   1  ? 5   ? 1  5   
# 
_pdbx_struct_assembly.id                   1 
_pdbx_struct_assembly.details              author_and_software_defined_assembly 
_pdbx_struct_assembly.method_details       PISA 
_pdbx_struct_assembly.oligomeric_details   dimeric 
_pdbx_struct_assembly.oligomeric_count     2 
# 
loop_
_pdbx_struct_assembly_prop.biol_id 
_pdbx_struct_assembly_prop.type 
_pdbx_struct_assembly_prop.value 
_pdbx_struct_assembly_prop.details 
1 'ABSA (A^2)' 2190 ? 
1 MORE         1    ? 
1 'SSA (A^2)'  8810 ? 
# 
_pdbx_struct_assembly_gen.assembly_id       1 
_pdbx_struct_assembly_gen.oper_expression   1 
_pdbx_struct_assembly_gen.asym_id_list      A,B,C,D,E 
# 
_pdbx_struct_assembly_auth_evidence.id                     1 
_pdbx_struct_assembly_auth_evidence.assembly_id            1 
_pdbx_struct_assembly_auth_evidence.experimental_support   'gel filtration' 
_pdbx_struct_assembly_auth_evidence.details                ? 
# 
_pdbx_struct_oper_list.id                   1 
_pdbx_struct_oper_list.type                 'identity operation' 
_pdbx_struct_oper_list.name                 1_555 
_pdbx_struct_oper_list.symmetry_operation   x,y,z 
_pdbx_struct_oper_list.matrix[1][1]         1.0000000000 
_pdbx_struct_oper_list.matrix[1][2]         0.0000000000 
_pdbx_struct_oper_list.matrix[1][3]         0.0000000000 
_pdbx_struct_oper_list.vector[1]            0.0000000000 
_pdbx_struct_oper_list.matrix[2][1]         0.0000000000 
_pdbx_struct_oper_list.matrix[2][2]         1.0000000000 
_pdbx_struct_oper_list.matrix[2][3]         0.0000000000 
_pdbx_struct_oper_list.vector[2]            0.0000000000 
_pdbx_struct_oper_list.matrix[3][1]         0.0000000000 
_pdbx_struct_oper_list.matrix[3][2]         0.0000000000 
_pdbx_struct_oper_list.matrix[3][3]         1.0000000000 
_pdbx_struct_oper_list.vector[3]            0.0000000000 
# 
loop_
_struct_conf.conf_type_id 
_struct_conf.id 
_struct_conf.pdbx_PDB_helix_id 
_struct_conf.beg_label_comp_id 
_struct_conf.beg_label_asym_id 
_struct_conf.beg_label_seq_id 
_struct_conf.pdbx_beg_PDB_ins_code 
_struct_conf.end_label_comp_id 
_struct_conf.end_label_asym_id 
_struct_conf.end_label_seq_id 
_struct_conf.pdbx_end_PDB_ins_code 
_struct_conf.beg_auth_comp_id 
_struct_conf.beg_auth_asym_id 
_struct_conf.beg_auth_seq_id 
_struct_conf.end_auth_comp_id 
_struct_conf.end_auth_asym_id 
_struct_conf.end_auth_seq_id 
_struct_conf.pdbx_PDB_helix_class 
_struct_conf.details 
_struct_conf.pdbx_PDB_helix_length 
HELX_P HELX_P1 AA1 HIS A 10  ? GLU A 14  ? HIS A 19  GLU A 23  5 ? 5  
HELX_P HELX_P2 AA2 LEU A 15  ? TRP A 27  ? LEU A 24  TRP A 36  1 ? 13 
HELX_P HELX_P3 AA3 SER A 30  ? ALA A 40  ? SER A 39  ALA A 49  1 ? 11 
HELX_P HELX_P4 AA4 LYS A 84  ? ARG A 87  ? LYS A 93  ARG A 96  5 ? 4  
HELX_P HELX_P5 AA5 GLY A 90  ? VAL A 106 ? GLY A 99  VAL A 115 1 ? 17 
HELX_P HELX_P6 AA6 GLN A 119 ? ILE A 126 ? GLN A 128 ILE A 135 1 ? 8  
HELX_P HELX_P7 AA7 LEU A 147 ? LYS A 152 ? LEU A 156 LYS A 161 1 ? 6  
# 
_struct_conf_type.id          HELX_P 
_struct_conf_type.criteria    ? 
_struct_conf_type.reference   ? 
# 
loop_
_struct_conn.id 
_struct_conn.conn_type_id 
_struct_conn.pdbx_leaving_atom_flag 
_struct_conn.pdbx_PDB_id 
_struct_conn.ptnr1_label_asym_id 
_struct_conn.ptnr1_label_comp_id 
_struct_conn.ptnr1_label_seq_id 
_struct_conn.ptnr1_label_atom_id 
_struct_conn.pdbx_ptnr1_label_alt_id 
_struct_conn.pdbx_ptnr1_PDB_ins_code 
_struct_conn.pdbx_ptnr1_standard_comp_id 
_struct_conn.ptnr1_symmetry 
_struct_conn.ptnr2_label_asym_id 
_struct_conn.ptnr2_label_comp_id 
_struct_conn.ptnr2_label_seq_id 
_struct_conn.ptnr2_label_atom_id 
_struct_conn.pdbx_ptnr2_label_alt_id 
_struct_conn.pdbx_ptnr2_PDB_ins_code 
_struct_conn.ptnr1_auth_asym_id 
_struct_conn.ptnr1_auth_comp_id 
_struct_conn.ptnr1_auth_seq_id 
_struct_conn.ptnr2_auth_asym_id 
_struct_conn.ptnr2_auth_comp_id 
_struct_conn.ptnr2_auth_seq_id 
_struct_conn.ptnr2_symmetry 
_struct_conn.pdbx_ptnr3_label_atom_id 
_struct_conn.pdbx_ptnr3_label_seq_id 
_struct_conn.pdbx_ptnr3_label_comp_id 
_struct_conn.pdbx_ptnr3_label_asym_id 
_struct_conn.pdbx_ptnr3_label_alt_id 
_struct_conn.pdbx_ptnr3_PDB_ins_code 
_struct_conn.details 
_struct_conn.pdbx_dist_value 
_struct_conn.pdbx_value_order 
_struct_conn.pdbx_role 
covale1 covale both ? B ASP 1 N ? ? ? 1_555 C CMC . C2 ? ? B ASP 1 B CMC 101 1_555 ? ? ? ? ? ? ? 1.429 ? ? 
covale2 covale both ? B ILE 4 C ? ? ? 1_555 B NH2 5 N  ? ? B ILE 4 B NH2 5   1_555 ? ? ? ? ? ? ? 1.430 ? ? 
# 
_struct_conn_type.id          covale 
_struct_conn_type.criteria    ? 
_struct_conn_type.reference   ? 
# 
loop_
_pdbx_modification_feature.ordinal 
_pdbx_modification_feature.label_comp_id 
_pdbx_modification_feature.label_asym_id 
_pdbx_modification_feature.label_seq_id 
_pdbx_modification_feature.label_alt_id 
_pdbx_modification_feature.modified_residue_label_comp_id 
_pdbx_modification_feature.modified_residue_label_asym_id 
_pdbx_modification_feature.modified_residue_label_seq_id 
_pdbx_modification_feature.modified_residue_label_alt_id 
_pdbx_modification_feature.auth_comp_id 
_pdbx_modification_feature.auth_asym_id 
_pdbx_modification_feature.auth_seq_id 
_pdbx_modification_feature.PDB_ins_code 
_pdbx_modification_feature.symmetry 
_pdbx_modification_feature.modified_residue_auth_comp_id 
_pdbx_modification_feature.modified_residue_auth_asym_id 
_pdbx_modification_feature.modified_residue_auth_seq_id 
_pdbx_modification_feature.modified_residue_PDB_ins_code 
_pdbx_modification_feature.modified_residue_symmetry 
_pdbx_modification_feature.comp_id_linking_atom 
_pdbx_modification_feature.modified_residue_id_linking_atom 
_pdbx_modification_feature.modified_residue_id 
_pdbx_modification_feature.ref_pcm_id 
_pdbx_modification_feature.ref_comp_id 
_pdbx_modification_feature.type 
_pdbx_modification_feature.category 
1 NH2 B 5 ? ILE B 4 ? NH2 B 5   ? 1_555 ILE B 4 ? 1_555 .  . ILE 3 NH2 None 'Terminal amidation'             
2 CMC C . ? ASP B 1 ? CMC B 101 ? 1_555 ASP B 1 ? 1_555 C2 N ASP 1 CMC None 'Covalent chemical modification' 
# 
_struct_mon_prot_cis.pdbx_id                1 
_struct_mon_prot_cis.label_comp_id          LEU 
_struct_mon_prot_cis.label_seq_id           45 
_struct_mon_prot_cis.label_asym_id          A 
_struct_mon_prot_cis.label_alt_id           . 
_struct_mon_prot_cis.pdbx_PDB_ins_code      ? 
_struct_mon_prot_cis.auth_comp_id           LEU 
_struct_mon_prot_cis.auth_seq_id            54 
_struct_mon_prot_cis.auth_asym_id           A 
_struct_mon_prot_cis.pdbx_label_comp_id_2   PRO 
_struct_mon_prot_cis.pdbx_label_seq_id_2    46 
_struct_mon_prot_cis.pdbx_label_asym_id_2   A 
_struct_mon_prot_cis.pdbx_PDB_ins_code_2    ? 
_struct_mon_prot_cis.pdbx_auth_comp_id_2    PRO 
_struct_mon_prot_cis.pdbx_auth_seq_id_2     55 
_struct_mon_prot_cis.pdbx_auth_asym_id_2    A 
_struct_mon_prot_cis.pdbx_PDB_model_num     1 
_struct_mon_prot_cis.pdbx_omega_angle       0.89 
# 
_struct_sheet.id               AA1 
_struct_sheet.type             ? 
_struct_sheet.number_strands   7 
_struct_sheet.details          ? 
# 
loop_
_struct_sheet_order.sheet_id 
_struct_sheet_order.range_id_1 
_struct_sheet_order.range_id_2 
_struct_sheet_order.offset 
_struct_sheet_order.sense 
AA1 1 2 ? anti-parallel 
AA1 2 3 ? anti-parallel 
AA1 3 4 ? anti-parallel 
AA1 4 5 ? parallel      
AA1 5 6 ? anti-parallel 
AA1 6 7 ? anti-parallel 
# 
loop_
_struct_sheet_range.sheet_id 
_struct_sheet_range.id 
_struct_sheet_range.beg_label_comp_id 
_struct_sheet_range.beg_label_asym_id 
_struct_sheet_range.beg_label_seq_id 
_struct_sheet_range.pdbx_beg_PDB_ins_code 
_struct_sheet_range.end_label_comp_id 
_struct_sheet_range.end_label_asym_id 
_struct_sheet_range.end_label_seq_id 
_struct_sheet_range.pdbx_end_PDB_ins_code 
_struct_sheet_range.beg_auth_comp_id 
_struct_sheet_range.beg_auth_asym_id 
_struct_sheet_range.beg_auth_seq_id 
_struct_sheet_range.end_auth_comp_id 
_struct_sheet_range.end_auth_asym_id 
_struct_sheet_range.end_auth_seq_id 
AA1 1 PHE A 4   ? PRO A 8   ? PHE A 13  PRO A 17  
AA1 2 CYS A 47  ? THR A 53  ? CYS A 56  THR A 62  
AA1 3 ALA A 61  ? ILE A 68  ? ALA A 70  ILE A 77  
AA1 4 LYS A 71  ? VAL A 82  ? LYS A 80  VAL A 91  
AA1 5 THR A 111 ? THR A 116 ? THR A 120 THR A 125 
AA1 6 LYS A 153 ? VAL A 158 ? LYS A 162 VAL A 167 
AA1 7 GLU A 129 ? TYR A 130 ? GLU A 138 TYR A 139 
# 
loop_
_pdbx_struct_sheet_hbond.sheet_id 
_pdbx_struct_sheet_hbond.range_id_1 
_pdbx_struct_sheet_hbond.range_id_2 
_pdbx_struct_sheet_hbond.range_1_label_atom_id 
_pdbx_struct_sheet_hbond.range_1_label_comp_id 
_pdbx_struct_sheet_hbond.range_1_label_asym_id 
_pdbx_struct_sheet_hbond.range_1_label_seq_id 
_pdbx_struct_sheet_hbond.range_1_PDB_ins_code 
_pdbx_struct_sheet_hbond.range_1_auth_atom_id 
_pdbx_struct_sheet_hbond.range_1_auth_comp_id 
_pdbx_struct_sheet_hbond.range_1_auth_asym_id 
_pdbx_struct_sheet_hbond.range_1_auth_seq_id 
_pdbx_struct_sheet_hbond.range_2_label_atom_id 
_pdbx_struct_sheet_hbond.range_2_label_comp_id 
_pdbx_struct_sheet_hbond.range_2_label_asym_id 
_pdbx_struct_sheet_hbond.range_2_label_seq_id 
_pdbx_struct_sheet_hbond.range_2_PDB_ins_code 
_pdbx_struct_sheet_hbond.range_2_auth_atom_id 
_pdbx_struct_sheet_hbond.range_2_auth_comp_id 
_pdbx_struct_sheet_hbond.range_2_auth_asym_id 
_pdbx_struct_sheet_hbond.range_2_auth_seq_id 
AA1 1 2 N ASN A 5   ? N ASN A 14  O THR A 52  ? O THR A 61  
AA1 2 3 N CYS A 47  ? N CYS A 56  O LEU A 65  ? O LEU A 74  
AA1 3 4 N SER A 66  ? N SER A 75  O PHE A 76  ? O PHE A 85  
AA1 4 5 N CYS A 75  ? N CYS A 84  O TYR A 113 ? O TYR A 122 
AA1 5 6 N THR A 116 ? N THR A 125 O LYS A 153 ? O LYS A 162 
AA1 6 7 O LYS A 156 ? O LYS A 165 N GLU A 129 ? N GLU A 138 
# 
_struct_site.id                   AC1 
_struct_site.pdbx_evidence_code   Software 
_struct_site.pdbx_auth_asym_id    B 
_struct_site.pdbx_auth_comp_id    CMC 
_struct_site.pdbx_auth_seq_id     101 
_struct_site.pdbx_auth_ins_code   ? 
_struct_site.pdbx_num_residues    25 
_struct_site.details              'binding site for residue CMC B 101' 
# 
loop_
_struct_site_gen.id 
_struct_site_gen.site_id 
_struct_site_gen.pdbx_num_res 
_struct_site_gen.label_comp_id 
_struct_site_gen.label_asym_id 
_struct_site_gen.label_seq_id 
_struct_site_gen.pdbx_auth_ins_code 
_struct_site_gen.auth_comp_id 
_struct_site_gen.auth_asym_id 
_struct_site_gen.auth_seq_id 
_struct_site_gen.label_atom_id 
_struct_site_gen.label_alt_id 
_struct_site_gen.symmetry 
_struct_site_gen.details 
1  AC1 25 GLU A 26  ? GLU A 35  . ? 1_555 ? 
2  AC1 25 SER A 79  ? SER A 88  . ? 1_555 ? 
3  AC1 25 VAL A 80  ? VAL A 89  . ? 1_555 ? 
4  AC1 25 VAL A 81  ? VAL A 90  . ? 1_555 ? 
5  AC1 25 VAL A 82  ? VAL A 91  . ? 1_555 ? 
6  AC1 25 ARG A 87  ? ARG A 96  . ? 1_555 ? 
7  AC1 25 GLY A 88  ? GLY A 97  . ? 1_555 ? 
8  AC1 25 GLN A 89  ? GLN A 98  . ? 1_555 ? 
9  AC1 25 GLY A 90  ? GLY A 99  . ? 1_555 ? 
10 AC1 25 GLY A 92  ? GLY A 101 . ? 1_555 ? 
11 AC1 25 LYS A 93  ? LYS A 102 . ? 1_555 ? 
12 AC1 25 SER A 115 ? SER A 124 . ? 1_555 ? 
13 AC1 25 THR A 116 ? THR A 125 . ? 1_555 ? 
14 AC1 25 GLN A 119 ? GLN A 128 . ? 1_555 ? 
15 AC1 25 GLY A 121 ? GLY A 130 . ? 1_555 ? 
16 AC1 25 PHE A 122 ? PHE A 131 . ? 1_555 ? 
17 AC1 25 TYR A 123 ? TYR A 132 . ? 1_555 ? 
18 AC1 25 ARG A 125 ? ARG A 134 . ? 1_555 ? 
19 AC1 25 HOH D .   ? HOH A 203 . ? 1_555 ? 
20 AC1 25 HOH D .   ? HOH A 212 . ? 1_555 ? 
21 AC1 25 HOH D .   ? HOH A 227 . ? 1_555 ? 
22 AC1 25 ASP B 1   ? ASP B 1   . ? 1_555 ? 
23 AC1 25 HOH E .   ? HOH B 202 . ? 1_555 ? 
24 AC1 25 HOH E .   ? HOH B 206 . ? 1_555 ? 
25 AC1 25 HOH E .   ? HOH B 210 . ? 1_555 ? 
# 
_pdbx_entry_details.entry_id                   5WJE 
_pdbx_entry_details.compound_details           ? 
_pdbx_entry_details.source_details             ? 
_pdbx_entry_details.nonpolymer_details         ? 
_pdbx_entry_details.sequence_details           ? 
_pdbx_entry_details.has_ligand_of_interest     ? 
_pdbx_entry_details.has_protein_modification   Y 
# 
_pdbx_validate_rmsd_angle.id                         1 
_pdbx_validate_rmsd_angle.PDB_model_num              1 
_pdbx_validate_rmsd_angle.auth_atom_id_1             O 
_pdbx_validate_rmsd_angle.auth_asym_id_1             B 
_pdbx_validate_rmsd_angle.auth_comp_id_1             ILE 
_pdbx_validate_rmsd_angle.auth_seq_id_1              4 
_pdbx_validate_rmsd_angle.PDB_ins_code_1             ? 
_pdbx_validate_rmsd_angle.label_alt_id_1             ? 
_pdbx_validate_rmsd_angle.auth_atom_id_2             C 
_pdbx_validate_rmsd_angle.auth_asym_id_2             B 
_pdbx_validate_rmsd_angle.auth_comp_id_2             ILE 
_pdbx_validate_rmsd_angle.auth_seq_id_2              4 
_pdbx_validate_rmsd_angle.PDB_ins_code_2             ? 
_pdbx_validate_rmsd_angle.label_alt_id_2             ? 
_pdbx_validate_rmsd_angle.auth_atom_id_3             N 
_pdbx_validate_rmsd_angle.auth_asym_id_3             B 
_pdbx_validate_rmsd_angle.auth_comp_id_3             NH2 
_pdbx_validate_rmsd_angle.auth_seq_id_3              5 
_pdbx_validate_rmsd_angle.PDB_ins_code_3             ? 
_pdbx_validate_rmsd_angle.label_alt_id_3             ? 
_pdbx_validate_rmsd_angle.angle_value                109.49 
_pdbx_validate_rmsd_angle.angle_target_value         122.70 
_pdbx_validate_rmsd_angle.angle_deviation            -13.21 
_pdbx_validate_rmsd_angle.angle_standard_deviation   1.60 
_pdbx_validate_rmsd_angle.linker_flag                Y 
# 
loop_
_pdbx_validate_torsion.id 
_pdbx_validate_torsion.PDB_model_num 
_pdbx_validate_torsion.auth_comp_id 
_pdbx_validate_torsion.auth_asym_id 
_pdbx_validate_torsion.auth_seq_id 
_pdbx_validate_torsion.PDB_ins_code 
_pdbx_validate_torsion.label_alt_id 
_pdbx_validate_torsion.phi 
_pdbx_validate_torsion.psi 
1 1 SER A 53 ? ? -111.74 -111.29 
2 1 MET A 65 ? ? 29.17   59.49   
# 
loop_
_chem_comp_atom.comp_id 
_chem_comp_atom.atom_id 
_chem_comp_atom.type_symbol 
_chem_comp_atom.pdbx_aromatic_flag 
_chem_comp_atom.pdbx_stereo_config 
_chem_comp_atom.pdbx_ordinal 
ALA N    N N N 1   
ALA CA   C N S 2   
ALA C    C N N 3   
ALA O    O N N 4   
ALA CB   C N N 5   
ALA OXT  O N N 6   
ALA H    H N N 7   
ALA H2   H N N 8   
ALA HA   H N N 9   
ALA HB1  H N N 10  
ALA HB2  H N N 11  
ALA HB3  H N N 12  
ALA HXT  H N N 13  
ARG N    N N N 14  
ARG CA   C N S 15  
ARG C    C N N 16  
ARG O    O N N 17  
ARG CB   C N N 18  
ARG CG   C N N 19  
ARG CD   C N N 20  
ARG NE   N N N 21  
ARG CZ   C N N 22  
ARG NH1  N N N 23  
ARG NH2  N N N 24  
ARG OXT  O N N 25  
ARG H    H N N 26  
ARG H2   H N N 27  
ARG HA   H N N 28  
ARG HB2  H N N 29  
ARG HB3  H N N 30  
ARG HG2  H N N 31  
ARG HG3  H N N 32  
ARG HD2  H N N 33  
ARG HD3  H N N 34  
ARG HE   H N N 35  
ARG HH11 H N N 36  
ARG HH12 H N N 37  
ARG HH21 H N N 38  
ARG HH22 H N N 39  
ARG HXT  H N N 40  
ASN N    N N N 41  
ASN CA   C N S 42  
ASN C    C N N 43  
ASN O    O N N 44  
ASN CB   C N N 45  
ASN CG   C N N 46  
ASN OD1  O N N 47  
ASN ND2  N N N 48  
ASN OXT  O N N 49  
ASN H    H N N 50  
ASN H2   H N N 51  
ASN HA   H N N 52  
ASN HB2  H N N 53  
ASN HB3  H N N 54  
ASN HD21 H N N 55  
ASN HD22 H N N 56  
ASN HXT  H N N 57  
ASP N    N N N 58  
ASP CA   C N S 59  
ASP C    C N N 60  
ASP O    O N N 61  
ASP CB   C N N 62  
ASP CG   C N N 63  
ASP OD1  O N N 64  
ASP OD2  O N N 65  
ASP OXT  O N N 66  
ASP H    H N N 67  
ASP H2   H N N 68  
ASP HA   H N N 69  
ASP HB2  H N N 70  
ASP HB3  H N N 71  
ASP HD2  H N N 72  
ASP HXT  H N N 73  
CMC N1A  N Y N 74  
CMC C2A  C Y N 75  
CMC N3A  N Y N 76  
CMC C4A  C Y N 77  
CMC C5A  C Y N 78  
CMC C6A  C Y N 79  
CMC N6A  N N N 80  
CMC N7A  N Y N 81  
CMC C8A  C Y N 82  
CMC N9A  N Y N 83  
CMC C1B  C N R 84  
CMC C2B  C N R 85  
CMC O2B  O N N 86  
CMC C3B  C N S 87  
CMC O3B  O N N 88  
CMC P3B  P N N 89  
CMC O7A  O N N 90  
CMC O8A  O N N 91  
CMC O9A  O N N 92  
CMC C4B  C N R 93  
CMC O4B  O N N 94  
CMC C5B  C N N 95  
CMC O5B  O N N 96  
CMC P1A  P N N 97  
CMC O1A  O N N 98  
CMC O2A  O N N 99  
CMC O3A  O N N 100 
CMC P2A  P N N 101 
CMC O4A  O N N 102 
CMC O5A  O N N 103 
CMC O6A  O N N 104 
CMC CBP  C N N 105 
CMC CCP  C N N 106 
CMC CDP  C N N 107 
CMC CEP  C N N 108 
CMC CAP  C N R 109 
CMC OAP  O N N 110 
CMC C9P  C N N 111 
CMC O9P  O N N 112 
CMC N8P  N N N 113 
CMC C7P  C N N 114 
CMC C6P  C N N 115 
CMC C5P  C N N 116 
CMC O5P  O N N 117 
CMC N4P  N N N 118 
CMC C3P  C N N 119 
CMC C2P  C N N 120 
CMC S1P  S N N 121 
CMC C1   C N N 122 
CMC C2   C N N 123 
CMC O21  O N N 124 
CMC O22  O N N 125 
CMC H2A  H N N 126 
CMC H61A H N N 127 
CMC H62A H N N 128 
CMC H8A  H N N 129 
CMC H1B  H N N 130 
CMC H2B  H N N 131 
CMC HO2A H N N 132 
CMC H3B  H N N 133 
CMC HOA8 H N N 134 
CMC HOA9 H N N 135 
CMC H4B  H N N 136 
CMC H51A H N N 137 
CMC H52A H N N 138 
CMC HOA2 H N N 139 
CMC HOA5 H N N 140 
CMC H121 H N N 141 
CMC H122 H N N 142 
CMC H131 H N N 143 
CMC H132 H N N 144 
CMC H133 H N N 145 
CMC H141 H N N 146 
CMC H142 H N N 147 
CMC H143 H N N 148 
CMC H10  H N N 149 
CMC HO1  H N N 150 
CMC HN8  H N N 151 
CMC H71  H N N 152 
CMC H72  H N N 153 
CMC H61  H N N 154 
CMC H62  H N N 155 
CMC HN4  H N N 156 
CMC H31  H N N 157 
CMC H32  H N N 158 
CMC H21  H N N 159 
CMC H22  H N N 160 
CMC H11  H N N 161 
CMC H12  H N N 162 
CMC HO22 H N N 163 
CYS N    N N N 164 
CYS CA   C N R 165 
CYS C    C N N 166 
CYS O    O N N 167 
CYS CB   C N N 168 
CYS SG   S N N 169 
CYS OXT  O N N 170 
CYS H    H N N 171 
CYS H2   H N N 172 
CYS HA   H N N 173 
CYS HB2  H N N 174 
CYS HB3  H N N 175 
CYS HG   H N N 176 
CYS HXT  H N N 177 
GLN N    N N N 178 
GLN CA   C N S 179 
GLN C    C N N 180 
GLN O    O N N 181 
GLN CB   C N N 182 
GLN CG   C N N 183 
GLN CD   C N N 184 
GLN OE1  O N N 185 
GLN NE2  N N N 186 
GLN OXT  O N N 187 
GLN H    H N N 188 
GLN H2   H N N 189 
GLN HA   H N N 190 
GLN HB2  H N N 191 
GLN HB3  H N N 192 
GLN HG2  H N N 193 
GLN HG3  H N N 194 
GLN HE21 H N N 195 
GLN HE22 H N N 196 
GLN HXT  H N N 197 
GLU N    N N N 198 
GLU CA   C N S 199 
GLU C    C N N 200 
GLU O    O N N 201 
GLU CB   C N N 202 
GLU CG   C N N 203 
GLU CD   C N N 204 
GLU OE1  O N N 205 
GLU OE2  O N N 206 
GLU OXT  O N N 207 
GLU H    H N N 208 
GLU H2   H N N 209 
GLU HA   H N N 210 
GLU HB2  H N N 211 
GLU HB3  H N N 212 
GLU HG2  H N N 213 
GLU HG3  H N N 214 
GLU HE2  H N N 215 
GLU HXT  H N N 216 
GLY N    N N N 217 
GLY CA   C N N 218 
GLY C    C N N 219 
GLY O    O N N 220 
GLY OXT  O N N 221 
GLY H    H N N 222 
GLY H2   H N N 223 
GLY HA2  H N N 224 
GLY HA3  H N N 225 
GLY HXT  H N N 226 
HIS N    N N N 227 
HIS CA   C N S 228 
HIS C    C N N 229 
HIS O    O N N 230 
HIS CB   C N N 231 
HIS CG   C Y N 232 
HIS ND1  N Y N 233 
HIS CD2  C Y N 234 
HIS CE1  C Y N 235 
HIS NE2  N Y N 236 
HIS OXT  O N N 237 
HIS H    H N N 238 
HIS H2   H N N 239 
HIS HA   H N N 240 
HIS HB2  H N N 241 
HIS HB3  H N N 242 
HIS HD1  H N N 243 
HIS HD2  H N N 244 
HIS HE1  H N N 245 
HIS HE2  H N N 246 
HIS HXT  H N N 247 
HOH O    O N N 248 
HOH H1   H N N 249 
HOH H2   H N N 250 
ILE N    N N N 251 
ILE CA   C N S 252 
ILE C    C N N 253 
ILE O    O N N 254 
ILE CB   C N S 255 
ILE CG1  C N N 256 
ILE CG2  C N N 257 
ILE CD1  C N N 258 
ILE OXT  O N N 259 
ILE H    H N N 260 
ILE H2   H N N 261 
ILE HA   H N N 262 
ILE HB   H N N 263 
ILE HG12 H N N 264 
ILE HG13 H N N 265 
ILE HG21 H N N 266 
ILE HG22 H N N 267 
ILE HG23 H N N 268 
ILE HD11 H N N 269 
ILE HD12 H N N 270 
ILE HD13 H N N 271 
ILE HXT  H N N 272 
LEU N    N N N 273 
LEU CA   C N S 274 
LEU C    C N N 275 
LEU O    O N N 276 
LEU CB   C N N 277 
LEU CG   C N N 278 
LEU CD1  C N N 279 
LEU CD2  C N N 280 
LEU OXT  O N N 281 
LEU H    H N N 282 
LEU H2   H N N 283 
LEU HA   H N N 284 
LEU HB2  H N N 285 
LEU HB3  H N N 286 
LEU HG   H N N 287 
LEU HD11 H N N 288 
LEU HD12 H N N 289 
LEU HD13 H N N 290 
LEU HD21 H N N 291 
LEU HD22 H N N 292 
LEU HD23 H N N 293 
LEU HXT  H N N 294 
LYS N    N N N 295 
LYS CA   C N S 296 
LYS C    C N N 297 
LYS O    O N N 298 
LYS CB   C N N 299 
LYS CG   C N N 300 
LYS CD   C N N 301 
LYS CE   C N N 302 
LYS NZ   N N N 303 
LYS OXT  O N N 304 
LYS H    H N N 305 
LYS H2   H N N 306 
LYS HA   H N N 307 
LYS HB2  H N N 308 
LYS HB3  H N N 309 
LYS HG2  H N N 310 
LYS HG3  H N N 311 
LYS HD2  H N N 312 
LYS HD3  H N N 313 
LYS HE2  H N N 314 
LYS HE3  H N N 315 
LYS HZ1  H N N 316 
LYS HZ2  H N N 317 
LYS HZ3  H N N 318 
LYS HXT  H N N 319 
MET N    N N N 320 
MET CA   C N S 321 
MET C    C N N 322 
MET O    O N N 323 
MET CB   C N N 324 
MET CG   C N N 325 
MET SD   S N N 326 
MET CE   C N N 327 
MET OXT  O N N 328 
MET H    H N N 329 
MET H2   H N N 330 
MET HA   H N N 331 
MET HB2  H N N 332 
MET HB3  H N N 333 
MET HG2  H N N 334 
MET HG3  H N N 335 
MET HE1  H N N 336 
MET HE2  H N N 337 
MET HE3  H N N 338 
MET HXT  H N N 339 
NH2 N    N N N 340 
NH2 HN1  H N N 341 
NH2 HN2  H N N 342 
PHE N    N N N 343 
PHE CA   C N S 344 
PHE C    C N N 345 
PHE O    O N N 346 
PHE CB   C N N 347 
PHE CG   C Y N 348 
PHE CD1  C Y N 349 
PHE CD2  C Y N 350 
PHE CE1  C Y N 351 
PHE CE2  C Y N 352 
PHE CZ   C Y N 353 
PHE OXT  O N N 354 
PHE H    H N N 355 
PHE H2   H N N 356 
PHE HA   H N N 357 
PHE HB2  H N N 358 
PHE HB3  H N N 359 
PHE HD1  H N N 360 
PHE HD2  H N N 361 
PHE HE1  H N N 362 
PHE HE2  H N N 363 
PHE HZ   H N N 364 
PHE HXT  H N N 365 
PRO N    N N N 366 
PRO CA   C N S 367 
PRO C    C N N 368 
PRO O    O N N 369 
PRO CB   C N N 370 
PRO CG   C N N 371 
PRO CD   C N N 372 
PRO OXT  O N N 373 
PRO H    H N N 374 
PRO HA   H N N 375 
PRO HB2  H N N 376 
PRO HB3  H N N 377 
PRO HG2  H N N 378 
PRO HG3  H N N 379 
PRO HD2  H N N 380 
PRO HD3  H N N 381 
PRO HXT  H N N 382 
SER N    N N N 383 
SER CA   C N S 384 
SER C    C N N 385 
SER O    O N N 386 
SER CB   C N N 387 
SER OG   O N N 388 
SER OXT  O N N 389 
SER H    H N N 390 
SER H2   H N N 391 
SER HA   H N N 392 
SER HB2  H N N 393 
SER HB3  H N N 394 
SER HG   H N N 395 
SER HXT  H N N 396 
THR N    N N N 397 
THR CA   C N S 398 
THR C    C N N 399 
THR O    O N N 400 
THR CB   C N R 401 
THR OG1  O N N 402 
THR CG2  C N N 403 
THR OXT  O N N 404 
THR H    H N N 405 
THR H2   H N N 406 
THR HA   H N N 407 
THR HB   H N N 408 
THR HG1  H N N 409 
THR HG21 H N N 410 
THR HG22 H N N 411 
THR HG23 H N N 412 
THR HXT  H N N 413 
TRP N    N N N 414 
TRP CA   C N S 415 
TRP C    C N N 416 
TRP O    O N N 417 
TRP CB   C N N 418 
TRP CG   C Y N 419 
TRP CD1  C Y N 420 
TRP CD2  C Y N 421 
TRP NE1  N Y N 422 
TRP CE2  C Y N 423 
TRP CE3  C Y N 424 
TRP CZ2  C Y N 425 
TRP CZ3  C Y N 426 
TRP CH2  C Y N 427 
TRP OXT  O N N 428 
TRP H    H N N 429 
TRP H2   H N N 430 
TRP HA   H N N 431 
TRP HB2  H N N 432 
TRP HB3  H N N 433 
TRP HD1  H N N 434 
TRP HE1  H N N 435 
TRP HE3  H N N 436 
TRP HZ2  H N N 437 
TRP HZ3  H N N 438 
TRP HH2  H N N 439 
TRP HXT  H N N 440 
TYR N    N N N 441 
TYR CA   C N S 442 
TYR C    C N N 443 
TYR O    O N N 444 
TYR CB   C N N 445 
TYR CG   C Y N 446 
TYR CD1  C Y N 447 
TYR CD2  C Y N 448 
TYR CE1  C Y N 449 
TYR CE2  C Y N 450 
TYR CZ   C Y N 451 
TYR OH   O N N 452 
TYR OXT  O N N 453 
TYR H    H N N 454 
TYR H2   H N N 455 
TYR HA   H N N 456 
TYR HB2  H N N 457 
TYR HB3  H N N 458 
TYR HD1  H N N 459 
TYR HD2  H N N 460 
TYR HE1  H N N 461 
TYR HE2  H N N 462 
TYR HH   H N N 463 
TYR HXT  H N N 464 
VAL N    N N N 465 
VAL CA   C N S 466 
VAL C    C N N 467 
VAL O    O N N 468 
VAL CB   C N N 469 
VAL CG1  C N N 470 
VAL CG2  C N N 471 
VAL OXT  O N N 472 
VAL H    H N N 473 
VAL H2   H N N 474 
VAL HA   H N N 475 
VAL HB   H N N 476 
VAL HG11 H N N 477 
VAL HG12 H N N 478 
VAL HG13 H N N 479 
VAL HG21 H N N 480 
VAL HG22 H N N 481 
VAL HG23 H N N 482 
VAL HXT  H N N 483 
# 
loop_
_chem_comp_bond.comp_id 
_chem_comp_bond.atom_id_1 
_chem_comp_bond.atom_id_2 
_chem_comp_bond.value_order 
_chem_comp_bond.pdbx_aromatic_flag 
_chem_comp_bond.pdbx_stereo_config 
_chem_comp_bond.pdbx_ordinal 
ALA N   CA   sing N N 1   
ALA N   H    sing N N 2   
ALA N   H2   sing N N 3   
ALA CA  C    sing N N 4   
ALA CA  CB   sing N N 5   
ALA CA  HA   sing N N 6   
ALA C   O    doub N N 7   
ALA C   OXT  sing N N 8   
ALA CB  HB1  sing N N 9   
ALA CB  HB2  sing N N 10  
ALA CB  HB3  sing N N 11  
ALA OXT HXT  sing N N 12  
ARG N   CA   sing N N 13  
ARG N   H    sing N N 14  
ARG N   H2   sing N N 15  
ARG CA  C    sing N N 16  
ARG CA  CB   sing N N 17  
ARG CA  HA   sing N N 18  
ARG C   O    doub N N 19  
ARG C   OXT  sing N N 20  
ARG CB  CG   sing N N 21  
ARG CB  HB2  sing N N 22  
ARG CB  HB3  sing N N 23  
ARG CG  CD   sing N N 24  
ARG CG  HG2  sing N N 25  
ARG CG  HG3  sing N N 26  
ARG CD  NE   sing N N 27  
ARG CD  HD2  sing N N 28  
ARG CD  HD3  sing N N 29  
ARG NE  CZ   sing N N 30  
ARG NE  HE   sing N N 31  
ARG CZ  NH1  sing N N 32  
ARG CZ  NH2  doub N N 33  
ARG NH1 HH11 sing N N 34  
ARG NH1 HH12 sing N N 35  
ARG NH2 HH21 sing N N 36  
ARG NH2 HH22 sing N N 37  
ARG OXT HXT  sing N N 38  
ASN N   CA   sing N N 39  
ASN N   H    sing N N 40  
ASN N   H2   sing N N 41  
ASN CA  C    sing N N 42  
ASN CA  CB   sing N N 43  
ASN CA  HA   sing N N 44  
ASN C   O    doub N N 45  
ASN C   OXT  sing N N 46  
ASN CB  CG   sing N N 47  
ASN CB  HB2  sing N N 48  
ASN CB  HB3  sing N N 49  
ASN CG  OD1  doub N N 50  
ASN CG  ND2  sing N N 51  
ASN ND2 HD21 sing N N 52  
ASN ND2 HD22 sing N N 53  
ASN OXT HXT  sing N N 54  
ASP N   CA   sing N N 55  
ASP N   H    sing N N 56  
ASP N   H2   sing N N 57  
ASP CA  C    sing N N 58  
ASP CA  CB   sing N N 59  
ASP CA  HA   sing N N 60  
ASP C   O    doub N N 61  
ASP C   OXT  sing N N 62  
ASP CB  CG   sing N N 63  
ASP CB  HB2  sing N N 64  
ASP CB  HB3  sing N N 65  
ASP CG  OD1  doub N N 66  
ASP CG  OD2  sing N N 67  
ASP OD2 HD2  sing N N 68  
ASP OXT HXT  sing N N 69  
CMC N1A C2A  sing Y N 70  
CMC N1A C6A  doub Y N 71  
CMC C2A N3A  doub Y N 72  
CMC C2A H2A  sing N N 73  
CMC N3A C4A  sing Y N 74  
CMC C4A C5A  doub Y N 75  
CMC C4A N9A  sing Y N 76  
CMC C5A C6A  sing Y N 77  
CMC C5A N7A  sing Y N 78  
CMC C6A N6A  sing N N 79  
CMC N6A H61A sing N N 80  
CMC N6A H62A sing N N 81  
CMC N7A C8A  doub Y N 82  
CMC C8A N9A  sing Y N 83  
CMC C8A H8A  sing N N 84  
CMC N9A C1B  sing N N 85  
CMC C1B C2B  sing N N 86  
CMC C1B O4B  sing N N 87  
CMC C1B H1B  sing N N 88  
CMC C2B O2B  sing N N 89  
CMC C2B C3B  sing N N 90  
CMC C2B H2B  sing N N 91  
CMC O2B HO2A sing N N 92  
CMC C3B O3B  sing N N 93  
CMC C3B C4B  sing N N 94  
CMC C3B H3B  sing N N 95  
CMC O3B P3B  sing N N 96  
CMC P3B O7A  doub N N 97  
CMC P3B O8A  sing N N 98  
CMC P3B O9A  sing N N 99  
CMC O8A HOA8 sing N N 100 
CMC O9A HOA9 sing N N 101 
CMC C4B O4B  sing N N 102 
CMC C4B C5B  sing N N 103 
CMC C4B H4B  sing N N 104 
CMC C5B O5B  sing N N 105 
CMC C5B H51A sing N N 106 
CMC C5B H52A sing N N 107 
CMC O5B P1A  sing N N 108 
CMC P1A O1A  doub N N 109 
CMC P1A O2A  sing N N 110 
CMC P1A O3A  sing N N 111 
CMC O2A HOA2 sing N N 112 
CMC O3A P2A  sing N N 113 
CMC P2A O4A  doub N N 114 
CMC P2A O5A  sing N N 115 
CMC P2A O6A  sing N N 116 
CMC O5A HOA5 sing N N 117 
CMC O6A CCP  sing N N 118 
CMC CBP CCP  sing N N 119 
CMC CBP CDP  sing N N 120 
CMC CBP CEP  sing N N 121 
CMC CBP CAP  sing N N 122 
CMC CCP H121 sing N N 123 
CMC CCP H122 sing N N 124 
CMC CDP H131 sing N N 125 
CMC CDP H132 sing N N 126 
CMC CDP H133 sing N N 127 
CMC CEP H141 sing N N 128 
CMC CEP H142 sing N N 129 
CMC CEP H143 sing N N 130 
CMC CAP OAP  sing N N 131 
CMC CAP C9P  sing N N 132 
CMC CAP H10  sing N N 133 
CMC OAP HO1  sing N N 134 
CMC C9P O9P  doub N N 135 
CMC C9P N8P  sing N N 136 
CMC N8P C7P  sing N N 137 
CMC N8P HN8  sing N N 138 
CMC C7P C6P  sing N N 139 
CMC C7P H71  sing N N 140 
CMC C7P H72  sing N N 141 
CMC C6P C5P  sing N N 142 
CMC C6P H61  sing N N 143 
CMC C6P H62  sing N N 144 
CMC C5P O5P  doub N N 145 
CMC C5P N4P  sing N N 146 
CMC N4P C3P  sing N N 147 
CMC N4P HN4  sing N N 148 
CMC C3P C2P  sing N N 149 
CMC C3P H31  sing N N 150 
CMC C3P H32  sing N N 151 
CMC C2P S1P  sing N N 152 
CMC C2P H21  sing N N 153 
CMC C2P H22  sing N N 154 
CMC S1P C1   sing N N 155 
CMC C1  C2   sing N N 156 
CMC C1  H11  sing N N 157 
CMC C1  H12  sing N N 158 
CMC C2  O21  doub N N 159 
CMC C2  O22  sing N N 160 
CMC O22 HO22 sing N N 161 
CYS N   CA   sing N N 162 
CYS N   H    sing N N 163 
CYS N   H2   sing N N 164 
CYS CA  C    sing N N 165 
CYS CA  CB   sing N N 166 
CYS CA  HA   sing N N 167 
CYS C   O    doub N N 168 
CYS C   OXT  sing N N 169 
CYS CB  SG   sing N N 170 
CYS CB  HB2  sing N N 171 
CYS CB  HB3  sing N N 172 
CYS SG  HG   sing N N 173 
CYS OXT HXT  sing N N 174 
GLN N   CA   sing N N 175 
GLN N   H    sing N N 176 
GLN N   H2   sing N N 177 
GLN CA  C    sing N N 178 
GLN CA  CB   sing N N 179 
GLN CA  HA   sing N N 180 
GLN C   O    doub N N 181 
GLN C   OXT  sing N N 182 
GLN CB  CG   sing N N 183 
GLN CB  HB2  sing N N 184 
GLN CB  HB3  sing N N 185 
GLN CG  CD   sing N N 186 
GLN CG  HG2  sing N N 187 
GLN CG  HG3  sing N N 188 
GLN CD  OE1  doub N N 189 
GLN CD  NE2  sing N N 190 
GLN NE2 HE21 sing N N 191 
GLN NE2 HE22 sing N N 192 
GLN OXT HXT  sing N N 193 
GLU N   CA   sing N N 194 
GLU N   H    sing N N 195 
GLU N   H2   sing N N 196 
GLU CA  C    sing N N 197 
GLU CA  CB   sing N N 198 
GLU CA  HA   sing N N 199 
GLU C   O    doub N N 200 
GLU C   OXT  sing N N 201 
GLU CB  CG   sing N N 202 
GLU CB  HB2  sing N N 203 
GLU CB  HB3  sing N N 204 
GLU CG  CD   sing N N 205 
GLU CG  HG2  sing N N 206 
GLU CG  HG3  sing N N 207 
GLU CD  OE1  doub N N 208 
GLU CD  OE2  sing N N 209 
GLU OE2 HE2  sing N N 210 
GLU OXT HXT  sing N N 211 
GLY N   CA   sing N N 212 
GLY N   H    sing N N 213 
GLY N   H2   sing N N 214 
GLY CA  C    sing N N 215 
GLY CA  HA2  sing N N 216 
GLY CA  HA3  sing N N 217 
GLY C   O    doub N N 218 
GLY C   OXT  sing N N 219 
GLY OXT HXT  sing N N 220 
HIS N   CA   sing N N 221 
HIS N   H    sing N N 222 
HIS N   H2   sing N N 223 
HIS CA  C    sing N N 224 
HIS CA  CB   sing N N 225 
HIS CA  HA   sing N N 226 
HIS C   O    doub N N 227 
HIS C   OXT  sing N N 228 
HIS CB  CG   sing N N 229 
HIS CB  HB2  sing N N 230 
HIS CB  HB3  sing N N 231 
HIS CG  ND1  sing Y N 232 
HIS CG  CD2  doub Y N 233 
HIS ND1 CE1  doub Y N 234 
HIS ND1 HD1  sing N N 235 
HIS CD2 NE2  sing Y N 236 
HIS CD2 HD2  sing N N 237 
HIS CE1 NE2  sing Y N 238 
HIS CE1 HE1  sing N N 239 
HIS NE2 HE2  sing N N 240 
HIS OXT HXT  sing N N 241 
HOH O   H1   sing N N 242 
HOH O   H2   sing N N 243 
ILE N   CA   sing N N 244 
ILE N   H    sing N N 245 
ILE N   H2   sing N N 246 
ILE CA  C    sing N N 247 
ILE CA  CB   sing N N 248 
ILE CA  HA   sing N N 249 
ILE C   O    doub N N 250 
ILE C   OXT  sing N N 251 
ILE CB  CG1  sing N N 252 
ILE CB  CG2  sing N N 253 
ILE CB  HB   sing N N 254 
ILE CG1 CD1  sing N N 255 
ILE CG1 HG12 sing N N 256 
ILE CG1 HG13 sing N N 257 
ILE CG2 HG21 sing N N 258 
ILE CG2 HG22 sing N N 259 
ILE CG2 HG23 sing N N 260 
ILE CD1 HD11 sing N N 261 
ILE CD1 HD12 sing N N 262 
ILE CD1 HD13 sing N N 263 
ILE OXT HXT  sing N N 264 
LEU N   CA   sing N N 265 
LEU N   H    sing N N 266 
LEU N   H2   sing N N 267 
LEU CA  C    sing N N 268 
LEU CA  CB   sing N N 269 
LEU CA  HA   sing N N 270 
LEU C   O    doub N N 271 
LEU C   OXT  sing N N 272 
LEU CB  CG   sing N N 273 
LEU CB  HB2  sing N N 274 
LEU CB  HB3  sing N N 275 
LEU CG  CD1  sing N N 276 
LEU CG  CD2  sing N N 277 
LEU CG  HG   sing N N 278 
LEU CD1 HD11 sing N N 279 
LEU CD1 HD12 sing N N 280 
LEU CD1 HD13 sing N N 281 
LEU CD2 HD21 sing N N 282 
LEU CD2 HD22 sing N N 283 
LEU CD2 HD23 sing N N 284 
LEU OXT HXT  sing N N 285 
LYS N   CA   sing N N 286 
LYS N   H    sing N N 287 
LYS N   H2   sing N N 288 
LYS CA  C    sing N N 289 
LYS CA  CB   sing N N 290 
LYS CA  HA   sing N N 291 
LYS C   O    doub N N 292 
LYS C   OXT  sing N N 293 
LYS CB  CG   sing N N 294 
LYS CB  HB2  sing N N 295 
LYS CB  HB3  sing N N 296 
LYS CG  CD   sing N N 297 
LYS CG  HG2  sing N N 298 
LYS CG  HG3  sing N N 299 
LYS CD  CE   sing N N 300 
LYS CD  HD2  sing N N 301 
LYS CD  HD3  sing N N 302 
LYS CE  NZ   sing N N 303 
LYS CE  HE2  sing N N 304 
LYS CE  HE3  sing N N 305 
LYS NZ  HZ1  sing N N 306 
LYS NZ  HZ2  sing N N 307 
LYS NZ  HZ3  sing N N 308 
LYS OXT HXT  sing N N 309 
MET N   CA   sing N N 310 
MET N   H    sing N N 311 
MET N   H2   sing N N 312 
MET CA  C    sing N N 313 
MET CA  CB   sing N N 314 
MET CA  HA   sing N N 315 
MET C   O    doub N N 316 
MET C   OXT  sing N N 317 
MET CB  CG   sing N N 318 
MET CB  HB2  sing N N 319 
MET CB  HB3  sing N N 320 
MET CG  SD   sing N N 321 
MET CG  HG2  sing N N 322 
MET CG  HG3  sing N N 323 
MET SD  CE   sing N N 324 
MET CE  HE1  sing N N 325 
MET CE  HE2  sing N N 326 
MET CE  HE3  sing N N 327 
MET OXT HXT  sing N N 328 
NH2 N   HN1  sing N N 329 
NH2 N   HN2  sing N N 330 
PHE N   CA   sing N N 331 
PHE N   H    sing N N 332 
PHE N   H2   sing N N 333 
PHE CA  C    sing N N 334 
PHE CA  CB   sing N N 335 
PHE CA  HA   sing N N 336 
PHE C   O    doub N N 337 
PHE C   OXT  sing N N 338 
PHE CB  CG   sing N N 339 
PHE CB  HB2  sing N N 340 
PHE CB  HB3  sing N N 341 
PHE CG  CD1  doub Y N 342 
PHE CG  CD2  sing Y N 343 
PHE CD1 CE1  sing Y N 344 
PHE CD1 HD1  sing N N 345 
PHE CD2 CE2  doub Y N 346 
PHE CD2 HD2  sing N N 347 
PHE CE1 CZ   doub Y N 348 
PHE CE1 HE1  sing N N 349 
PHE CE2 CZ   sing Y N 350 
PHE CE2 HE2  sing N N 351 
PHE CZ  HZ   sing N N 352 
PHE OXT HXT  sing N N 353 
PRO N   CA   sing N N 354 
PRO N   CD   sing N N 355 
PRO N   H    sing N N 356 
PRO CA  C    sing N N 357 
PRO CA  CB   sing N N 358 
PRO CA  HA   sing N N 359 
PRO C   O    doub N N 360 
PRO C   OXT  sing N N 361 
PRO CB  CG   sing N N 362 
PRO CB  HB2  sing N N 363 
PRO CB  HB3  sing N N 364 
PRO CG  CD   sing N N 365 
PRO CG  HG2  sing N N 366 
PRO CG  HG3  sing N N 367 
PRO CD  HD2  sing N N 368 
PRO CD  HD3  sing N N 369 
PRO OXT HXT  sing N N 370 
SER N   CA   sing N N 371 
SER N   H    sing N N 372 
SER N   H2   sing N N 373 
SER CA  C    sing N N 374 
SER CA  CB   sing N N 375 
SER CA  HA   sing N N 376 
SER C   O    doub N N 377 
SER C   OXT  sing N N 378 
SER CB  OG   sing N N 379 
SER CB  HB2  sing N N 380 
SER CB  HB3  sing N N 381 
SER OG  HG   sing N N 382 
SER OXT HXT  sing N N 383 
THR N   CA   sing N N 384 
THR N   H    sing N N 385 
THR N   H2   sing N N 386 
THR CA  C    sing N N 387 
THR CA  CB   sing N N 388 
THR CA  HA   sing N N 389 
THR C   O    doub N N 390 
THR C   OXT  sing N N 391 
THR CB  OG1  sing N N 392 
THR CB  CG2  sing N N 393 
THR CB  HB   sing N N 394 
THR OG1 HG1  sing N N 395 
THR CG2 HG21 sing N N 396 
THR CG2 HG22 sing N N 397 
THR CG2 HG23 sing N N 398 
THR OXT HXT  sing N N 399 
TRP N   CA   sing N N 400 
TRP N   H    sing N N 401 
TRP N   H2   sing N N 402 
TRP CA  C    sing N N 403 
TRP CA  CB   sing N N 404 
TRP CA  HA   sing N N 405 
TRP C   O    doub N N 406 
TRP C   OXT  sing N N 407 
TRP CB  CG   sing N N 408 
TRP CB  HB2  sing N N 409 
TRP CB  HB3  sing N N 410 
TRP CG  CD1  doub Y N 411 
TRP CG  CD2  sing Y N 412 
TRP CD1 NE1  sing Y N 413 
TRP CD1 HD1  sing N N 414 
TRP CD2 CE2  doub Y N 415 
TRP CD2 CE3  sing Y N 416 
TRP NE1 CE2  sing Y N 417 
TRP NE1 HE1  sing N N 418 
TRP CE2 CZ2  sing Y N 419 
TRP CE3 CZ3  doub Y N 420 
TRP CE3 HE3  sing N N 421 
TRP CZ2 CH2  doub Y N 422 
TRP CZ2 HZ2  sing N N 423 
TRP CZ3 CH2  sing Y N 424 
TRP CZ3 HZ3  sing N N 425 
TRP CH2 HH2  sing N N 426 
TRP OXT HXT  sing N N 427 
TYR N   CA   sing N N 428 
TYR N   H    sing N N 429 
TYR N   H2   sing N N 430 
TYR CA  C    sing N N 431 
TYR CA  CB   sing N N 432 
TYR CA  HA   sing N N 433 
TYR C   O    doub N N 434 
TYR C   OXT  sing N N 435 
TYR CB  CG   sing N N 436 
TYR CB  HB2  sing N N 437 
TYR CB  HB3  sing N N 438 
TYR CG  CD1  doub Y N 439 
TYR CG  CD2  sing Y N 440 
TYR CD1 CE1  sing Y N 441 
TYR CD1 HD1  sing N N 442 
TYR CD2 CE2  doub Y N 443 
TYR CD2 HD2  sing N N 444 
TYR CE1 CZ   doub Y N 445 
TYR CE1 HE1  sing N N 446 
TYR CE2 CZ   sing Y N 447 
TYR CE2 HE2  sing N N 448 
TYR CZ  OH   sing N N 449 
TYR OH  HH   sing N N 450 
TYR OXT HXT  sing N N 451 
VAL N   CA   sing N N 452 
VAL N   H    sing N N 453 
VAL N   H2   sing N N 454 
VAL CA  C    sing N N 455 
VAL CA  CB   sing N N 456 
VAL CA  HA   sing N N 457 
VAL C   O    doub N N 458 
VAL C   OXT  sing N N 459 
VAL CB  CG1  sing N N 460 
VAL CB  CG2  sing N N 461 
VAL CB  HB   sing N N 462 
VAL CG1 HG11 sing N N 463 
VAL CG1 HG12 sing N N 464 
VAL CG1 HG13 sing N N 465 
VAL CG2 HG21 sing N N 466 
VAL CG2 HG22 sing N N 467 
VAL CG2 HG23 sing N N 468 
VAL OXT HXT  sing N N 469 
# 
_pdbx_initial_refinement_model.id               1 
_pdbx_initial_refinement_model.entity_id_list   ? 
_pdbx_initial_refinement_model.type             'experimental model' 
_pdbx_initial_refinement_model.source_name      PDB 
_pdbx_initial_refinement_model.accession_code   5WJD 
_pdbx_initial_refinement_model.details          ? 
# 
_atom_sites.entry_id                    5WJE 
_atom_sites.fract_transf_matrix[1][1]   -0.02024813 
_atom_sites.fract_transf_matrix[1][2]   -0.01064223 
_atom_sites.fract_transf_matrix[1][3]   0.01420821 
_atom_sites.fract_transf_matrix[2][1]   -0.00186524 
_atom_sites.fract_transf_matrix[2][2]   0.01350133 
_atom_sites.fract_transf_matrix[2][3]   0.00745461 
_atom_sites.fract_transf_matrix[3][1]   -0.00945090 
_atom_sites.fract_transf_matrix[3][2]   0.00433713 
_atom_sites.fract_transf_matrix[3][3]   -0.01021989 
_atom_sites.fract_transf_vector[1]      -0.048216 
_atom_sites.fract_transf_vector[2]      0.124070 
_atom_sites.fract_transf_vector[3]      -0.211810 
# 
loop_
_atom_type.symbol 
C 
N 
O 
P 
S 
# 
loop_
_atom_site.group_PDB 
_atom_site.id 
_atom_site.type_symbol 
_atom_site.label_atom_id 
_atom_site.label_alt_id 
_atom_site.label_comp_id 
_atom_site.label_asym_id 
_atom_site.label_entity_id 
_atom_site.label_seq_id 
_atom_site.pdbx_PDB_ins_code 
_atom_site.Cartn_x 
_atom_site.Cartn_y 
_atom_site.Cartn_z 
_atom_site.occupancy 
_atom_site.B_iso_or_equiv 
_atom_site.pdbx_formal_charge 
_atom_site.auth_seq_id 
_atom_site.auth_comp_id 
_atom_site.auth_asym_id 
_atom_site.auth_atom_id 
_atom_site.pdbx_PDB_model_num 
ATOM   1    N N   . GLY A 1 1   ? -15.115 22.902  -3.750  1.00 33.20 ? 10  GLY A N   1 
ATOM   2    C CA  . GLY A 1 1   ? -14.741 21.858  -2.813  1.00 32.67 ? 10  GLY A CA  1 
ATOM   3    C C   . GLY A 1 1   ? -13.724 20.892  -3.387  1.00 32.64 ? 10  GLY A C   1 
ATOM   4    O O   . GLY A 1 1   ? -13.399 20.959  -4.573  1.00 35.82 ? 10  GLY A O   1 
ATOM   5    N N   . SER A 1 2   ? -13.224 19.989  -2.547  1.00 29.96 ? 11  SER A N   1 
ATOM   6    C CA  . SER A 1 2   ? -12.206 19.040  -2.989  1.00 29.32 ? 11  SER A CA  1 
ATOM   7    C C   . SER A 1 2   ? -12.855 17.886  -3.748  1.00 28.03 ? 11  SER A C   1 
ATOM   8    O O   . SER A 1 2   ? -13.810 17.282  -3.247  1.00 28.37 ? 11  SER A O   1 
ATOM   9    C CB  . SER A 1 2   ? -11.421 18.499  -1.801  1.00 30.26 ? 11  SER A CB  1 
ATOM   10   O OG  . SER A 1 2   ? -10.649 17.370  -2.181  1.00 26.91 ? 11  SER A OG  1 
ATOM   11   N N   . PRO A 1 3   ? -12.373 17.554  -4.945  1.00 26.08 ? 12  PRO A N   1 
ATOM   12   C CA  . PRO A 1 3   ? -12.908 16.406  -5.685  1.00 24.82 ? 12  PRO A CA  1 
ATOM   13   C C   . PRO A 1 3   ? -12.218 15.080  -5.394  1.00 23.36 ? 12  PRO A C   1 
ATOM   14   O O   . PRO A 1 3   ? -12.571 14.076  -6.023  1.00 22.21 ? 12  PRO A O   1 
ATOM   15   C CB  . PRO A 1 3   ? -12.663 16.825  -7.141  1.00 25.72 ? 12  PRO A CB  1 
ATOM   16   C CG  . PRO A 1 3   ? -11.365 17.582  -7.068  1.00 26.16 ? 12  PRO A CG  1 
ATOM   17   C CD  . PRO A 1 3   ? -11.363 18.292  -5.727  1.00 26.61 ? 12  PRO A CD  1 
ATOM   18   N N   . PHE A 1 4   ? -11.262 15.043  -4.469  1.00 20.55 ? 13  PHE A N   1 
ATOM   19   C CA  . PHE A 1 4   ? -10.439 13.861  -4.255  1.00 21.17 ? 13  PHE A CA  1 
ATOM   20   C C   . PHE A 1 4   ? -11.081 12.923  -3.242  1.00 20.61 ? 13  PHE A C   1 
ATOM   21   O O   . PHE A 1 4   ? -11.682 13.363  -2.257  1.00 20.86 ? 13  PHE A O   1 
ATOM   22   C CB  . PHE A 1 4   ? -9.041  14.272  -3.795  1.00 21.75 ? 13  PHE A CB  1 
ATOM   23   C CG  . PHE A 1 4   ? -8.308  15.112  -4.800  1.00 22.26 ? 13  PHE A CG  1 
ATOM   24   C CD1 . PHE A 1 4   ? -7.758  14.533  -5.931  1.00 21.53 ? 13  PHE A CD1 1 
ATOM   25   C CD2 . PHE A 1 4   ? -8.191  16.481  -4.629  1.00 23.26 ? 13  PHE A CD2 1 
ATOM   26   C CE1 . PHE A 1 4   ? -7.091  15.301  -6.869  1.00 22.45 ? 13  PHE A CE1 1 
ATOM   27   C CE2 . PHE A 1 4   ? -7.525  17.256  -5.562  1.00 24.52 ? 13  PHE A CE2 1 
ATOM   28   C CZ  . PHE A 1 4   ? -6.975  16.663  -6.683  1.00 22.24 ? 13  PHE A CZ  1 
ATOM   29   N N   . ASN A 1 5   ? -10.941 11.622  -3.490  1.00 18.78 ? 14  ASN A N   1 
ATOM   30   C CA  . ASN A 1 5   ? -11.650 10.604  -2.727  1.00 20.13 ? 14  ASN A CA  1 
ATOM   31   C C   . ASN A 1 5   ? -10.800 9.343   -2.663  1.00 19.84 ? 14  ASN A C   1 
ATOM   32   O O   . ASN A 1 5   ? -10.384 8.822   -3.702  1.00 20.22 ? 14  ASN A O   1 
ATOM   33   C CB  . ASN A 1 5   ? -13.011 10.302  -3.369  1.00 20.08 ? 14  ASN A CB  1 
ATOM   34   C CG  . ASN A 1 5   ? -13.964 9.592   -2.425  1.00 22.50 ? 14  ASN A CG  1 
ATOM   35   O OD1 . ASN A 1 5   ? -13.755 9.572   -1.212  1.00 22.16 ? 14  ASN A OD1 1 
ATOM   36   N ND2 . ASN A 1 5   ? -15.024 9.009   -2.982  1.00 21.25 ? 14  ASN A ND2 1 
ATOM   37   N N   . VAL A 1 6   ? -10.543 8.856   -1.451  1.00 17.34 ? 15  VAL A N   1 
ATOM   38   C CA  . VAL A 1 6   ? -9.853  7.587   -1.243  1.00 18.93 ? 15  VAL A CA  1 
ATOM   39   C C   . VAL A 1 6   ? -10.899 6.516   -0.969  1.00 18.74 ? 15  VAL A C   1 
ATOM   40   O O   . VAL A 1 6   ? -11.718 6.656   -0.051  1.00 18.11 ? 15  VAL A O   1 
ATOM   41   C CB  . VAL A 1 6   ? -8.838  7.676   -0.093  1.00 17.29 ? 15  VAL A CB  1 
ATOM   42   C CG1 . VAL A 1 6   ? -8.172  6.322   0.117   1.00 16.38 ? 15  VAL A CG1 1 
ATOM   43   C CG2 . VAL A 1 6   ? -7.803  8.743   -0.385  1.00 15.44 ? 15  VAL A CG2 1 
ATOM   44   N N   . VAL A 1 7   ? -10.873 5.447   -1.760  1.00 15.48 ? 16  VAL A N   1 
ATOM   45   C CA  . VAL A 1 7   ? -11.919 4.424   -1.706  1.00 16.60 ? 16  VAL A CA  1 
ATOM   46   C C   . VAL A 1 7   ? -11.284 3.049   -1.725  1.00 16.34 ? 16  VAL A C   1 
ATOM   47   O O   . VAL A 1 7   ? -10.178 2.850   -2.251  1.00 15.46 ? 16  VAL A O   1 
ATOM   48   C CB  . VAL A 1 7   ? -12.904 4.553   -2.887  1.00 18.69 ? 16  VAL A CB  1 
ATOM   49   C CG1 . VAL A 1 7   ? -13.683 5.864   -2.796  1.00 18.75 ? 16  VAL A CG1 1 
ATOM   50   C CG2 . VAL A 1 7   ? -12.164 4.446   -4.215  1.00 16.38 ? 16  VAL A CG2 1 
ATOM   51   N N   . PRO A 1 8   ? -11.968 2.063   -1.147  1.00 17.43 ? 17  PRO A N   1 
ATOM   52   C CA  . PRO A 1 8   ? -11.487 0.682   -1.238  1.00 17.15 ? 17  PRO A CA  1 
ATOM   53   C C   . PRO A 1 8   ? -11.771 0.119   -2.620  1.00 17.97 ? 17  PRO A C   1 
ATOM   54   O O   . PRO A 1 8   ? -12.835 0.353   -3.198  1.00 17.96 ? 17  PRO A O   1 
ATOM   55   C CB  . PRO A 1 8   ? -12.295 -0.057  -0.161  1.00 17.66 ? 17  PRO A CB  1 
ATOM   56   C CG  . PRO A 1 8   ? -13.116 0.985   0.535   1.00 22.32 ? 17  PRO A CG  1 
ATOM   57   C CD  . PRO A 1 8   ? -13.225 2.147   -0.387  1.00 20.53 ? 17  PRO A CD  1 
ATOM   58   N N   . ILE A 1 9   ? -10.803 -0.634  -3.149  1.00 15.34 ? 18  ILE A N   1 
ATOM   59   C CA  . ILE A 1 9   ? -10.904 -1.068  -4.539  1.00 16.91 ? 18  ILE A CA  1 
ATOM   60   C C   . ILE A 1 9   ? -12.036 -2.075  -4.728  1.00 17.71 ? 18  ILE A C   1 
ATOM   61   O O   . ILE A 1 9   ? -12.600 -2.178  -5.823  1.00 18.13 ? 18  ILE A O   1 
ATOM   62   C CB  . ILE A 1 9   ? -9.555  -1.628  -5.029  1.00 17.04 ? 18  ILE A CB  1 
ATOM   63   C CG1 . ILE A 1 9   ? -9.533  -1.710  -6.558  1.00 18.79 ? 18  ILE A CG1 1 
ATOM   64   C CG2 . ILE A 1 9   ? -9.299  -3.003  -4.451  1.00 18.20 ? 18  ILE A CG2 1 
ATOM   65   C CD1 . ILE A 1 9   ? -9.876  -0.410  -7.249  1.00 16.94 ? 18  ILE A CD1 1 
ATOM   66   N N   . HIS A 1 10  ? -12.409 -2.816  -3.680  1.00 18.28 ? 19  HIS A N   1 
ATOM   67   C CA  . HIS A 1 10  ? -13.442 -3.829  -3.867  1.00 19.54 ? 19  HIS A CA  1 
ATOM   68   C C   . HIS A 1 10  ? -14.827 -3.229  -4.067  1.00 19.97 ? 19  HIS A C   1 
ATOM   69   O O   . HIS A 1 10  ? -15.731 -3.942  -4.510  1.00 21.59 ? 19  HIS A O   1 
ATOM   70   C CB  . HIS A 1 10  ? -13.462 -4.818  -2.696  1.00 19.32 ? 19  HIS A CB  1 
ATOM   71   C CG  . HIS A 1 10  ? -13.414 -4.179  -1.343  1.00 21.00 ? 19  HIS A CG  1 
ATOM   72   N ND1 . HIS A 1 10  ? -12.231 -3.845  -0.720  1.00 20.01 ? 19  HIS A ND1 1 
ATOM   73   C CD2 . HIS A 1 10  ? -14.402 -3.845  -0.479  1.00 23.89 ? 19  HIS A CD2 1 
ATOM   74   C CE1 . HIS A 1 10  ? -12.493 -3.322  0.464   1.00 21.45 ? 19  HIS A CE1 1 
ATOM   75   N NE2 . HIS A 1 10  ? -13.802 -3.308  0.635   1.00 23.53 ? 19  HIS A NE2 1 
ATOM   76   N N   . ASN A 1 11  ? -15.015 -1.948  -3.762  1.00 18.31 ? 20  ASN A N   1 
ATOM   77   C CA  . ASN A 1 11  ? -16.263 -1.267  -4.075  1.00 20.08 ? 20  ASN A CA  1 
ATOM   78   C C   . ASN A 1 11  ? -16.225 -0.545  -5.413  1.00 18.47 ? 20  ASN A C   1 
ATOM   79   O O   . ASN A 1 11  ? -17.253 -0.008  -5.839  1.00 17.58 ? 20  ASN A O   1 
ATOM   80   C CB  . ASN A 1 11  ? -16.616 -0.265  -2.968  1.00 21.03 ? 20  ASN A CB  1 
ATOM   81   C CG  . ASN A 1 11  ? -17.097 -0.945  -1.704  1.00 25.61 ? 20  ASN A CG  1 
ATOM   82   O OD1 . ASN A 1 11  ? -17.579 -2.078  -1.744  1.00 27.10 ? 20  ASN A OD1 1 
ATOM   83   N ND2 . ASN A 1 11  ? -16.967 -0.260  -0.571  1.00 25.43 ? 20  ASN A ND2 1 
ATOM   84   N N   . TYR A 1 12  ? -15.072 -0.510  -6.078  1.00 17.82 ? 21  TYR A N   1 
ATOM   85   C CA  . TYR A 1 12  ? -14.903 0.196   -7.348  1.00 17.28 ? 21  TYR A CA  1 
ATOM   86   C C   . TYR A 1 12  ? -14.194 -0.714  -8.343  1.00 18.59 ? 21  TYR A C   1 
ATOM   87   O O   . TYR A 1 12  ? -13.057 -0.447  -8.747  1.00 18.37 ? 21  TYR A O   1 
ATOM   88   C CB  . TYR A 1 12  ? -14.129 1.501   -7.148  1.00 18.01 ? 21  TYR A CB  1 
ATOM   89   C CG  . TYR A 1 12  ? -14.926 2.561   -6.417  1.00 17.72 ? 21  TYR A CG  1 
ATOM   90   C CD1 . TYR A 1 12  ? -15.100 2.501   -5.041  1.00 16.86 ? 21  TYR A CD1 1 
ATOM   91   C CD2 . TYR A 1 12  ? -15.518 3.611   -7.107  1.00 17.35 ? 21  TYR A CD2 1 
ATOM   92   C CE1 . TYR A 1 12  ? -15.836 3.453   -4.370  1.00 17.87 ? 21  TYR A CE1 1 
ATOM   93   C CE2 . TYR A 1 12  ? -16.254 4.573   -6.443  1.00 18.91 ? 21  TYR A CE2 1 
ATOM   94   C CZ  . TYR A 1 12  ? -16.409 4.489   -5.073  1.00 19.48 ? 21  TYR A CZ  1 
ATOM   95   O OH  . TYR A 1 12  ? -17.138 5.442   -4.400  1.00 20.64 ? 21  TYR A OH  1 
ATOM   96   N N   . PRO A 1 13  ? -14.846 -1.801  -8.765  1.00 18.93 ? 22  PRO A N   1 
ATOM   97   C CA  . PRO A 1 13  ? -14.222 -2.665  -9.780  1.00 20.28 ? 22  PRO A CA  1 
ATOM   98   C C   . PRO A 1 13  ? -13.923 -1.940  -11.078 1.00 20.50 ? 22  PRO A C   1 
ATOM   99   O O   . PRO A 1 13  ? -13.026 -2.360  -11.818 1.00 20.90 ? 22  PRO A O   1 
ATOM   100  C CB  . PRO A 1 13  ? -15.258 -3.782  -9.977  1.00 22.61 ? 22  PRO A CB  1 
ATOM   101  C CG  . PRO A 1 13  ? -16.547 -3.216  -9.483  1.00 21.26 ? 22  PRO A CG  1 
ATOM   102  C CD  . PRO A 1 13  ? -16.184 -2.281  -8.376  1.00 19.64 ? 22  PRO A CD  1 
ATOM   103  N N   . GLU A 1 14  ? -14.644 -0.853  -11.373 1.00 19.32 ? 23  GLU A N   1 
ATOM   104  C CA  . GLU A 1 14  ? -14.362 -0.049  -12.556 1.00 20.24 ? 23  GLU A CA  1 
ATOM   105  C C   . GLU A 1 14  ? -12.951 0.530   -12.547 1.00 20.09 ? 23  GLU A C   1 
ATOM   106  O O   . GLU A 1 14  ? -12.425 0.860   -13.616 1.00 19.38 ? 23  GLU A O   1 
ATOM   107  C CB  . GLU A 1 14  ? -15.380 1.091   -12.675 1.00 22.40 ? 23  GLU A CB  1 
ATOM   108  C CG  . GLU A 1 14  ? -16.836 0.644   -12.735 1.00 24.67 ? 23  GLU A CG  1 
ATOM   109  C CD  . GLU A 1 14  ? -17.545 0.748   -11.396 1.00 23.03 ? 23  GLU A CD  1 
ATOM   110  O OE1 . GLU A 1 14  ? -16.900 0.516   -10.354 1.00 22.17 ? 23  GLU A OE1 1 
ATOM   111  O OE2 . GLU A 1 14  ? -18.752 1.066   -11.384 1.00 25.36 ? 23  GLU A OE2 1 
ATOM   112  N N   . LEU A 1 15  ? -12.327 0.659   -11.375 1.00 17.30 ? 24  LEU A N   1 
ATOM   113  C CA  . LEU A 1 15  ? -10.993 1.232   -11.257 1.00 16.81 ? 24  LEU A CA  1 
ATOM   114  C C   . LEU A 1 15  ? -9.883  0.189   -11.247 1.00 17.36 ? 24  LEU A C   1 
ATOM   115  O O   . LEU A 1 15  ? -8.714  0.553   -11.090 1.00 18.15 ? 24  LEU A O   1 
ATOM   116  C CB  . LEU A 1 15  ? -10.897 2.076   -9.984  1.00 16.82 ? 24  LEU A CB  1 
ATOM   117  C CG  . LEU A 1 15  ? -11.802 3.303   -9.912  1.00 16.41 ? 24  LEU A CG  1 
ATOM   118  C CD1 . LEU A 1 15  ? -11.559 4.061   -8.621  1.00 17.18 ? 24  LEU A CD1 1 
ATOM   119  C CD2 . LEU A 1 15  ? -11.573 4.198   -11.115 1.00 16.95 ? 24  LEU A CD2 1 
ATOM   120  N N   . MET A 1 16  ? -10.208 -1.092  -11.424 1.00 16.74 ? 25  MET A N   1 
ATOM   121  C CA  . MET A 1 16  ? -9.210  -2.131  -11.199 1.00 18.56 ? 25  MET A CA  1 
ATOM   122  C C   . MET A 1 16  ? -8.160  -2.165  -12.306 1.00 19.04 ? 25  MET A C   1 
ATOM   123  O O   . MET A 1 16  ? -6.962  -2.292  -12.024 1.00 18.91 ? 25  MET A O   1 
ATOM   124  C CB  . MET A 1 16  ? -9.900  -3.485  -11.052 1.00 20.62 ? 25  MET A CB  1 
ATOM   125  C CG  . MET A 1 16  ? -10.668 -3.608  -9.746  1.00 25.58 ? 25  MET A CG  1 
ATOM   126  S SD  . MET A 1 16  ? -11.205 -5.283  -9.362  1.00 34.95 ? 25  MET A SD  1 
ATOM   127  C CE  . MET A 1 16  ? -9.634  -6.108  -9.149  1.00 31.51 ? 25  MET A CE  1 
ATOM   128  N N   . LYS A 1 17  ? -8.579  -2.058  -13.569 1.00 18.01 ? 26  LYS A N   1 
ATOM   129  C CA  . LYS A 1 17  ? -7.601  -2.105  -14.652 1.00 21.62 ? 26  LYS A CA  1 
ATOM   130  C C   . LYS A 1 17  ? -6.711  -0.865  -14.658 1.00 20.35 ? 26  LYS A C   1 
ATOM   131  O O   . LYS A 1 17  ? -5.527  -0.955  -15.004 1.00 19.29 ? 26  LYS A O   1 
ATOM   132  C CB  . LYS A 1 17  ? -8.303  -2.276  -16.002 1.00 24.18 ? 26  LYS A CB  1 
ATOM   133  C CG  . LYS A 1 17  ? -8.800  -3.696  -16.242 1.00 28.07 ? 26  LYS A CG  1 
ATOM   134  C CD  . LYS A 1 17  ? -9.388  -3.893  -17.629 1.00 35.77 ? 26  LYS A CD  1 
ATOM   135  C CE  . LYS A 1 17  ? -10.098 -5.240  -17.714 1.00 38.56 ? 26  LYS A CE  1 
ATOM   136  N NZ  . LYS A 1 17  ? -9.587  -6.096  -18.818 1.00 47.26 ? 26  LYS A NZ  1 
ATOM   137  N N   . ASP A 1 18  ? -7.252  0.293   -14.264 1.00 18.94 ? 27  ASP A N   1 
ATOM   138  C CA  . ASP A 1 18  ? -6.417  1.482   -14.112 1.00 19.87 ? 27  ASP A CA  1 
ATOM   139  C C   . ASP A 1 18  ? -5.415  1.312   -12.977 1.00 19.44 ? 27  ASP A C   1 
ATOM   140  O O   . ASP A 1 18  ? -4.259  1.738   -13.092 1.00 18.38 ? 27  ASP A O   1 
ATOM   141  C CB  . ASP A 1 18  ? -7.285  2.713   -13.858 1.00 19.39 ? 27  ASP A CB  1 
ATOM   142  C CG  . ASP A 1 18  ? -7.810  3.332   -15.134 1.00 27.41 ? 27  ASP A CG  1 
ATOM   143  O OD1 . ASP A 1 18  ? -8.362  2.595   -15.977 1.00 29.79 ? 27  ASP A OD1 1 
ATOM   144  O OD2 . ASP A 1 18  ? -7.665  4.565   -15.289 1.00 31.45 ? 27  ASP A OD2 1 
ATOM   145  N N   . THR A 1 19  ? -5.841  0.703   -11.869 1.00 16.86 ? 28  THR A N   1 
ATOM   146  C CA  . THR A 1 19  ? -4.931  0.472   -10.751 1.00 17.62 ? 28  THR A CA  1 
ATOM   147  C C   . THR A 1 19  ? -3.830  -0.514  -11.128 1.00 17.24 ? 28  THR A C   1 
ATOM   148  O O   . THR A 1 19  ? -2.665  -0.326  -10.756 1.00 16.78 ? 28  THR A O   1 
ATOM   149  C CB  . THR A 1 19  ? -5.715  -0.029  -9.535  1.00 17.49 ? 28  THR A CB  1 
ATOM   150  O OG1 . THR A 1 19  ? -6.794  0.871   -9.260  1.00 17.09 ? 28  THR A OG1 1 
ATOM   151  C CG2 . THR A 1 19  ? -4.815  -0.113  -8.310  1.00 16.74 ? 28  THR A CG2 1 
ATOM   152  N N   . CYS A 1 20  ? -4.179  -1.576  -11.860 1.00 17.23 ? 29  CYS A N   1 
ATOM   153  C CA  . CYS A 1 20  ? -3.165  -2.499  -12.359 1.00 18.59 ? 29  CYS A CA  1 
ATOM   154  C C   . CYS A 1 20  ? -2.142  -1.769  -13.216 1.00 18.39 ? 29  CYS A C   1 
ATOM   155  O O   . CYS A 1 20  ? -0.932  -1.968  -13.065 1.00 18.85 ? 29  CYS A O   1 
ATOM   156  C CB  . CYS A 1 20  ? -3.822  -3.627  -13.158 1.00 20.88 ? 29  CYS A CB  1 
ATOM   157  S SG  . CYS A 1 20  ? -4.818  -4.771  -12.187 1.00 26.36 ? 29  CYS A SG  1 
ATOM   158  N N   . ALA A 1 21  ? -2.617  -0.915  -14.127 1.00 16.34 ? 30  ALA A N   1 
ATOM   159  C CA  . ALA A 1 21  ? -1.708  -0.155  -14.977 1.00 18.45 ? 30  ALA A CA  1 
ATOM   160  C C   . ALA A 1 21  ? -0.805  0.750   -14.151 1.00 20.07 ? 30  ALA A C   1 
ATOM   161  O O   . ALA A 1 21  ? 0.384   0.899   -14.456 1.00 20.91 ? 30  ALA A O   1 
ATOM   162  C CB  . ALA A 1 21  ? -2.501  0.667   -15.993 1.00 19.38 ? 30  ALA A CB  1 
ATOM   163  N N   . LEU A 1 22  ? -1.357  1.362   -13.100 1.00 18.51 ? 31  LEU A N   1 
ATOM   164  C CA  . LEU A 1 22  ? -0.576  2.256   -12.252 1.00 16.84 ? 31  LEU A CA  1 
ATOM   165  C C   . LEU A 1 22  ? 0.572   1.515   -11.575 1.00 17.85 ? 31  LEU A C   1 
ATOM   166  O O   . LEU A 1 22  ? 1.726   1.960   -11.619 1.00 18.29 ? 31  LEU A O   1 
ATOM   167  C CB  . LEU A 1 22  ? -1.486  2.904   -11.211 1.00 17.22 ? 31  LEU A CB  1 
ATOM   168  C CG  . LEU A 1 22  ? -0.784  3.716   -10.126 1.00 16.09 ? 31  LEU A CG  1 
ATOM   169  C CD1 . LEU A 1 22  ? -0.037  4.868   -10.760 1.00 18.84 ? 31  LEU A CD1 1 
ATOM   170  C CD2 . LEU A 1 22  ? -1.782  4.222   -9.098  1.00 16.47 ? 31  LEU A CD2 1 
ATOM   171  N N   . ILE A 1 23  ? 0.272   0.380   -10.939 1.00 17.06 ? 32  ILE A N   1 
ATOM   172  C CA  . ILE A 1 23  ? 1.305   -0.378  -10.239 1.00 17.36 ? 32  ILE A CA  1 
ATOM   173  C C   . ILE A 1 23  ? 2.301   -0.971  -11.226 1.00 19.34 ? 32  ILE A C   1 
ATOM   174  O O   . ILE A 1 23  ? 3.514   -0.960  -10.986 1.00 19.27 ? 32  ILE A O   1 
ATOM   175  C CB  . ILE A 1 23  ? 0.667   -1.471  -9.363  1.00 16.02 ? 32  ILE A CB  1 
ATOM   176  C CG1 . ILE A 1 23  ? -0.384  -0.866  -8.431  1.00 16.47 ? 32  ILE A CG1 1 
ATOM   177  C CG2 . ILE A 1 23  ? 1.736   -2.192  -8.563  1.00 18.66 ? 32  ILE A CG2 1 
ATOM   178  C CD1 . ILE A 1 23  ? -1.193  -1.896  -7.673  1.00 13.72 ? 32  ILE A CD1 1 
ATOM   179  N N   . ASN A 1 24  ? 1.809   -1.501  -12.351 1.00 20.00 ? 33  ASN A N   1 
ATOM   180  C CA  . ASN A 1 24  ? 2.689   -2.129  -13.331 1.00 21.20 ? 33  ASN A CA  1 
ATOM   181  C C   . ASN A 1 24  ? 3.591   -1.124  -14.038 1.00 22.33 ? 33  ASN A C   1 
ATOM   182  O O   . ASN A 1 24  ? 4.607   -1.526  -14.613 1.00 21.82 ? 33  ASN A O   1 
ATOM   183  C CB  . ASN A 1 24  ? 1.868   -2.907  -14.360 1.00 20.90 ? 33  ASN A CB  1 
ATOM   184  C CG  . ASN A 1 24  ? 1.526   -4.306  -13.890 1.00 20.43 ? 33  ASN A CG  1 
ATOM   185  O OD1 . ASN A 1 24  ? 2.234   -4.881  -13.064 1.00 19.83 ? 33  ASN A OD1 1 
ATOM   186  N ND2 . ASN A 1 24  ? 0.438   -4.862  -14.415 1.00 18.72 ? 33  ASN A ND2 1 
ATOM   187  N N   . ALA A 1 25  ? 3.244   0.166   -14.014 1.00 23.19 ? 34  ALA A N   1 
ATOM   188  C CA  . ALA A 1 25  ? 4.148   1.178   -14.550 1.00 22.72 ? 34  ALA A CA  1 
ATOM   189  C C   . ALA A 1 25  ? 5.414   1.295   -13.711 1.00 23.70 ? 34  ALA A C   1 
ATOM   190  O O   . ALA A 1 25  ? 6.486   1.592   -14.247 1.00 25.62 ? 34  ALA A O   1 
ATOM   191  C CB  . ALA A 1 25  ? 3.437   2.529   -14.637 1.00 21.47 ? 34  ALA A CB  1 
ATOM   192  N N   . GLU A 1 26  ? 5.313   1.059   -12.404 1.00 21.62 ? 35  GLU A N   1 
ATOM   193  C CA  . GLU A 1 26  ? 6.471   1.094   -11.521 1.00 24.19 ? 35  GLU A CA  1 
ATOM   194  C C   . GLU A 1 26  ? 7.153   -0.265  -11.403 1.00 24.93 ? 35  GLU A C   1 
ATOM   195  O O   . GLU A 1 26  ? 8.384   -0.344  -11.459 1.00 24.52 ? 35  GLU A O   1 
ATOM   196  C CB  . GLU A 1 26  ? 6.055   1.594   -10.133 1.00 23.50 ? 35  GLU A CB  1 
ATOM   197  C CG  . GLU A 1 26  ? 7.193   1.684   -9.130  1.00 26.34 ? 35  GLU A CG  1 
ATOM   198  C CD  . GLU A 1 26  ? 8.218   2.755   -9.480  1.00 29.57 ? 35  GLU A CD  1 
ATOM   199  O OE1 . GLU A 1 26  ? 9.359   2.672   -8.974  1.00 32.32 ? 35  GLU A OE1 1 
ATOM   200  O OE2 . GLU A 1 26  ? 7.884   3.682   -10.250 1.00 26.39 ? 35  GLU A OE2 1 
ATOM   201  N N   . TRP A 1 27  ? 6.379   -1.339  -11.240 1.00 23.19 ? 36  TRP A N   1 
ATOM   202  C CA  . TRP A 1 27  ? 6.912   -2.697  -11.122 1.00 22.20 ? 36  TRP A CA  1 
ATOM   203  C C   . TRP A 1 27  ? 6.204   -3.583  -12.136 1.00 21.38 ? 36  TRP A C   1 
ATOM   204  O O   . TRP A 1 27  ? 5.123   -4.120  -11.862 1.00 21.04 ? 36  TRP A O   1 
ATOM   205  C CB  . TRP A 1 27  ? 6.734   -3.239  -9.707  1.00 24.01 ? 36  TRP A CB  1 
ATOM   206  C CG  . TRP A 1 27  ? 7.258   -2.329  -8.641  1.00 26.17 ? 36  TRP A CG  1 
ATOM   207  C CD1 . TRP A 1 27  ? 8.565   -2.043  -8.378  1.00 28.15 ? 36  TRP A CD1 1 
ATOM   208  C CD2 . TRP A 1 27  ? 6.485   -1.593  -7.684  1.00 24.99 ? 36  TRP A CD2 1 
ATOM   209  N NE1 . TRP A 1 27  ? 8.655   -1.174  -7.319  1.00 28.71 ? 36  TRP A NE1 1 
ATOM   210  C CE2 . TRP A 1 27  ? 7.393   -0.883  -6.874  1.00 25.82 ? 36  TRP A CE2 1 
ATOM   211  C CE3 . TRP A 1 27  ? 5.115   -1.467  -7.435  1.00 23.53 ? 36  TRP A CE3 1 
ATOM   212  C CZ2 . TRP A 1 27  ? 6.975   -0.055  -5.833  1.00 24.00 ? 36  TRP A CZ2 1 
ATOM   213  C CZ3 . TRP A 1 27  ? 4.702   -0.643  -6.399  1.00 23.45 ? 36  TRP A CZ3 1 
ATOM   214  C CH2 . TRP A 1 27  ? 5.628   0.051   -5.612  1.00 23.05 ? 36  TRP A CH2 1 
ATOM   215  N N   . PRO A 1 28  ? 6.793   -3.770  -13.318 1.00 22.19 ? 37  PRO A N   1 
ATOM   216  C CA  . PRO A 1 28  ? 6.085   -4.454  -14.414 1.00 23.09 ? 37  PRO A CA  1 
ATOM   217  C C   . PRO A 1 28  ? 5.828   -5.920  -14.097 1.00 21.87 ? 37  PRO A C   1 
ATOM   218  O O   . PRO A 1 28  ? 6.760   -6.713  -13.948 1.00 22.43 ? 37  PRO A O   1 
ATOM   219  C CB  . PRO A 1 28  ? 7.035   -4.293  -15.607 1.00 23.26 ? 37  PRO A CB  1 
ATOM   220  C CG  . PRO A 1 28  ? 7.926   -3.145  -15.237 1.00 25.10 ? 37  PRO A CG  1 
ATOM   221  C CD  . PRO A 1 28  ? 8.090   -3.228  -13.754 1.00 23.48 ? 37  PRO A CD  1 
ATOM   222  N N   . ARG A 1 29  ? 4.550   -6.273  -13.992 1.00 20.57 ? 38  ARG A N   1 
ATOM   223  C CA  . ARG A 1 29  ? 4.105   -7.655  -13.891 1.00 21.00 ? 38  ARG A CA  1 
ATOM   224  C C   . ARG A 1 29  ? 2.903   -7.822  -14.808 1.00 21.21 ? 38  ARG A C   1 
ATOM   225  O O   . ARG A 1 29  ? 2.422   -6.859  -15.414 1.00 21.09 ? 38  ARG A O   1 
ATOM   226  C CB  . ARG A 1 29  ? 3.768   -8.032  -12.441 1.00 20.31 ? 38  ARG A CB  1 
ATOM   227  C CG  . ARG A 1 29  ? 4.968   -8.031  -11.502 1.00 21.79 ? 38  ARG A CG  1 
ATOM   228  C CD  . ARG A 1 29  ? 5.804   -9.290  -11.676 1.00 22.75 ? 38  ARG A CD  1 
ATOM   229  N NE  . ARG A 1 29  ? 5.040   -10.489 -11.348 1.00 25.91 ? 38  ARG A NE  1 
ATOM   230  C CZ  . ARG A 1 29  ? 4.988   -11.032 -10.137 1.00 25.90 ? 38  ARG A CZ  1 
ATOM   231  N NH1 . ARG A 1 29  ? 5.664   -10.486 -9.136  1.00 25.71 ? 38  ARG A NH1 1 
ATOM   232  N NH2 . ARG A 1 29  ? 4.263   -12.123 -9.926  1.00 26.85 ? 38  ARG A NH2 1 
ATOM   233  N N   . SER A 1 30  ? 2.409   -9.050  -14.923 1.00 18.80 ? 39  SER A N   1 
ATOM   234  C CA  . SER A 1 30  ? 1.231   -9.279  -15.744 1.00 20.97 ? 39  SER A CA  1 
ATOM   235  C C   . SER A 1 30  ? 0.015   -8.602  -15.124 1.00 21.60 ? 39  SER A C   1 
ATOM   236  O O   . SER A 1 30  ? -0.075  -8.431  -13.905 1.00 20.54 ? 39  SER A O   1 
ATOM   237  C CB  . SER A 1 30  ? 0.965   -10.774 -15.905 1.00 22.07 ? 39  SER A CB  1 
ATOM   238  O OG  . SER A 1 30  ? 0.320   -11.298 -14.757 1.00 23.14 ? 39  SER A OG  1 
ATOM   239  N N   . GLU A 1 31  ? -0.928  -8.205  -15.982 1.00 22.83 ? 40  GLU A N   1 
ATOM   240  C CA  . GLU A 1 31  ? -2.168  -7.619  -15.486 1.00 23.03 ? 40  GLU A CA  1 
ATOM   241  C C   . GLU A 1 31  ? -2.890  -8.579  -14.550 1.00 22.16 ? 40  GLU A C   1 
ATOM   242  O O   . GLU A 1 31  ? -3.405  -8.170  -13.504 1.00 21.62 ? 40  GLU A O   1 
ATOM   243  C CB  . GLU A 1 31  ? -3.075  -7.228  -16.652 1.00 22.90 ? 40  GLU A CB  1 
ATOM   244  C CG  . GLU A 1 31  ? -4.348  -6.509  -16.227 1.00 26.55 ? 40  GLU A CG  1 
ATOM   245  C CD  . GLU A 1 31  ? -5.280  -6.216  -17.393 1.00 39.21 ? 40  GLU A CD  1 
ATOM   246  O OE1 . GLU A 1 31  ? -5.298  -7.006  -18.361 1.00 39.94 ? 40  GLU A OE1 1 
ATOM   247  O OE2 . GLU A 1 31  ? -5.991  -5.189  -17.345 1.00 41.30 ? 40  GLU A OE2 1 
ATOM   248  N N   . THR A 1 32  ? -2.924  -9.868  -14.906 1.00 19.98 ? 41  THR A N   1 
ATOM   249  C CA  . THR A 1 32  ? -3.619  -10.854 -14.086 1.00 20.94 ? 41  THR A CA  1 
ATOM   250  C C   . THR A 1 32  ? -3.014  -10.944 -12.691 1.00 20.30 ? 41  THR A C   1 
ATOM   251  O O   . THR A 1 32  ? -3.740  -11.084 -11.699 1.00 19.57 ? 41  THR A O   1 
ATOM   252  C CB  . THR A 1 32  ? -3.579  -12.219 -14.773 1.00 23.56 ? 41  THR A CB  1 
ATOM   253  O OG1 . THR A 1 32  ? -3.963  -12.069 -16.145 1.00 23.82 ? 41  THR A OG1 1 
ATOM   254  C CG2 . THR A 1 32  ? -4.528  -13.198 -14.090 1.00 22.06 ? 41  THR A CG2 1 
ATOM   255  N N   . ALA A 1 33  ? -1.684  -10.871 -12.592 1.00 19.82 ? 42  ALA A N   1 
ATOM   256  C CA  . ALA A 1 33  ? -1.036  -10.931 -11.286 1.00 21.47 ? 42  ALA A CA  1 
ATOM   257  C C   . ALA A 1 33  ? -1.468  -9.766  -10.403 1.00 21.92 ? 42  ALA A C   1 
ATOM   258  O O   . ALA A 1 33  ? -1.708  -9.944  -9.204  1.00 21.52 ? 42  ALA A O   1 
ATOM   259  C CB  . ALA A 1 33  ? 0.482   -10.945 -11.450 1.00 21.49 ? 42  ALA A CB  1 
ATOM   260  N N   . ARG A 1 34  ? -1.572  -8.567  -10.980 1.00 19.64 ? 43  ARG A N   1 
ATOM   261  C CA  . ARG A 1 34  ? -2.049  -7.419  -10.214 1.00 22.15 ? 43  ARG A CA  1 
ATOM   262  C C   . ARG A 1 34  ? -3.523  -7.568  -9.861  1.00 22.29 ? 43  ARG A C   1 
ATOM   263  O O   . ARG A 1 34  ? -3.942  -7.204  -8.756  1.00 20.55 ? 43  ARG A O   1 
ATOM   264  C CB  . ARG A 1 34  ? -1.819  -6.127  -10.998 1.00 20.32 ? 43  ARG A CB  1 
ATOM   265  C CG  . ARG A 1 34  ? -0.365  -5.800  -11.273 1.00 22.78 ? 43  ARG A CG  1 
ATOM   266  C CD  . ARG A 1 34  ? 0.400   -5.495  -9.998  1.00 21.89 ? 43  ARG A CD  1 
ATOM   267  N NE  . ARG A 1 34  ? 1.822   -5.295  -10.269 1.00 23.12 ? 43  ARG A NE  1 
ATOM   268  C CZ  . ARG A 1 34  ? 2.779   -5.388  -9.352  1.00 22.21 ? 43  ARG A CZ  1 
ATOM   269  N NH1 . ARG A 1 34  ? 2.465   -5.677  -8.096  1.00 23.35 ? 43  ARG A NH1 1 
ATOM   270  N NH2 . ARG A 1 34  ? 4.047   -5.190  -9.688  1.00 21.22 ? 43  ARG A NH2 1 
ATOM   271  N N   . MET A 1 35  ? -4.323  -8.093  -10.793 1.00 21.44 ? 44  MET A N   1 
ATOM   272  C CA  . MET A 1 35  ? -5.745  -8.293  -10.530 1.00 21.95 ? 44  MET A CA  1 
ATOM   273  C C   . MET A 1 35  ? -5.967  -9.245  -9.363  1.00 22.07 ? 44  MET A C   1 
ATOM   274  O O   . MET A 1 35  ? -6.874  -9.037  -8.548  1.00 21.86 ? 44  MET A O   1 
ATOM   275  C CB  . MET A 1 35  ? -6.442  -8.817  -11.788 1.00 23.33 ? 44  MET A CB  1 
ATOM   276  C CG  . MET A 1 35  ? -6.636  -7.772  -12.870 1.00 27.06 ? 44  MET A CG  1 
ATOM   277  S SD  . MET A 1 35  ? -7.851  -6.524  -12.402 1.00 30.54 ? 44  MET A SD  1 
ATOM   278  C CE  . MET A 1 35  ? -9.352  -7.505  -12.417 1.00 31.40 ? 44  MET A CE  1 
ATOM   279  N N   . ARG A 1 36  ? -5.153  -10.301 -9.268  1.00 20.82 ? 45  ARG A N   1 
ATOM   280  C CA  . ARG A 1 36  ? -5.285  -11.236 -8.155  1.00 22.20 ? 45  ARG A CA  1 
ATOM   281  C C   . ARG A 1 36  ? -5.067  -10.537 -6.819  1.00 23.84 ? 45  ARG A C   1 
ATOM   282  O O   . ARG A 1 36  ? -5.775  -10.809 -5.843  1.00 23.27 ? 45  ARG A O   1 
ATOM   283  C CB  . ARG A 1 36  ? -4.299  -12.394 -8.317  1.00 24.32 ? 45  ARG A CB  1 
ATOM   284  C CG  . ARG A 1 36  ? -4.728  -13.447 -9.327  1.00 23.49 ? 45  ARG A CG  1 
ATOM   285  C CD  . ARG A 1 36  ? -3.912  -14.722 -9.172  1.00 22.73 ? 45  ARG A CD  1 
ATOM   286  N NE  . ARG A 1 36  ? -2.492  -14.493 -9.415  1.00 21.82 ? 45  ARG A NE  1 
ATOM   287  C CZ  . ARG A 1 36  ? -1.907  -14.633 -10.599 1.00 22.32 ? 45  ARG A CZ  1 
ATOM   288  N NH1 . ARG A 1 36  ? -2.619  -15.004 -11.653 1.00 21.77 ? 45  ARG A NH1 1 
ATOM   289  N NH2 . ARG A 1 36  ? -0.608  -14.399 -10.729 1.00 24.95 ? 45  ARG A NH2 1 
ATOM   290  N N   . SER A 1 37  ? -4.089  -9.632  -6.755  1.00 23.57 ? 46  SER A N   1 
ATOM   291  C CA  . SER A 1 37  ? -3.850  -8.894  -5.520  1.00 24.08 ? 46  SER A CA  1 
ATOM   292  C C   . SER A 1 37  ? -5.009  -7.960  -5.201  1.00 23.15 ? 46  SER A C   1 
ATOM   293  O O   . SER A 1 37  ? -5.435  -7.865  -4.045  1.00 25.28 ? 46  SER A O   1 
ATOM   294  C CB  . SER A 1 37  ? -2.542  -8.114  -5.619  1.00 24.65 ? 46  SER A CB  1 
ATOM   295  O OG  . SER A 1 37  ? -2.365  -7.292  -4.479  1.00 29.61 ? 46  SER A OG  1 
ATOM   296  N N   . LEU A 1 38  ? -5.540  -7.269  -6.211  1.00 21.53 ? 47  LEU A N   1 
ATOM   297  C CA  . LEU A 1 38  ? -6.641  -6.343  -5.970  1.00 23.33 ? 47  LEU A CA  1 
ATOM   298  C C   . LEU A 1 38  ? -7.930  -7.083  -5.631  1.00 23.72 ? 47  LEU A C   1 
ATOM   299  O O   . LEU A 1 38  ? -8.728  -6.608  -4.815  1.00 22.99 ? 47  LEU A O   1 
ATOM   300  C CB  . LEU A 1 38  ? -6.845  -5.441  -7.187  1.00 22.03 ? 47  LEU A CB  1 
ATOM   301  C CG  . LEU A 1 38  ? -5.704  -4.500  -7.565  1.00 22.24 ? 47  LEU A CG  1 
ATOM   302  C CD1 . LEU A 1 38  ? -5.985  -3.817  -8.897  1.00 19.77 ? 47  LEU A CD1 1 
ATOM   303  C CD2 . LEU A 1 38  ? -5.479  -3.476  -6.463  1.00 18.66 ? 47  LEU A CD2 1 
ATOM   304  N N   . GLU A 1 39  ? -8.153  -8.246  -6.248  1.00 23.23 ? 48  GLU A N   1 
ATOM   305  C CA  . GLU A 1 39  ? -9.380  -8.994  -6.003  1.00 23.47 ? 48  GLU A CA  1 
ATOM   306  C C   . GLU A 1 39  ? -9.463  -9.534  -4.580  1.00 23.45 ? 48  GLU A C   1 
ATOM   307  O O   . GLU A 1 39  ? -10.562 -9.858  -4.120  1.00 25.12 ? 48  GLU A O   1 
ATOM   308  C CB  . GLU A 1 39  ? -9.505  -10.142 -7.008  1.00 25.86 ? 48  GLU A CB  1 
ATOM   309  C CG  . GLU A 1 39  ? -10.152 -9.728  -8.321  1.00 31.48 ? 48  GLU A CG  1 
ATOM   310  C CD  . GLU A 1 39  ? -9.796  -10.652 -9.473  1.00 38.27 ? 48  GLU A CD  1 
ATOM   311  O OE1 . GLU A 1 39  ? -9.119  -11.678 -9.236  1.00 36.02 ? 48  GLU A OE1 1 
ATOM   312  O OE2 . GLU A 1 39  ? -10.195 -10.351 -10.618 1.00 42.35 ? 48  GLU A OE2 1 
ATOM   313  N N   . ALA A 1 40  ? -8.337  -9.631  -3.874  1.00 22.82 ? 49  ALA A N   1 
ATOM   314  C CA  . ALA A 1 40  ? -8.348  -10.092 -2.492  1.00 23.11 ? 49  ALA A CA  1 
ATOM   315  C C   . ALA A 1 40  ? -8.794  -9.019  -1.508  1.00 24.42 ? 49  ALA A C   1 
ATOM   316  O O   . ALA A 1 40  ? -8.989  -9.329  -0.327  1.00 24.20 ? 49  ALA A O   1 
ATOM   317  C CB  . ALA A 1 40  ? -6.957  -10.599 -2.100  1.00 21.99 ? 49  ALA A CB  1 
ATOM   318  N N   . SER A 1 41  ? -8.964  -7.776  -1.959  1.00 21.93 ? 50  SER A N   1 
ATOM   319  C CA  . SER A 1 41  ? -9.293  -6.681  -1.059  1.00 20.93 ? 50  SER A CA  1 
ATOM   320  C C   . SER A 1 41  ? -10.667 -6.881  -0.427  1.00 21.80 ? 50  SER A C   1 
ATOM   321  O O   . SER A 1 41  ? -11.630 -7.267  -1.094  1.00 22.41 ? 50  SER A O   1 
ATOM   322  C CB  . SER A 1 41  ? -9.250  -5.357  -1.819  1.00 18.96 ? 50  SER A CB  1 
ATOM   323  O OG  . SER A 1 41  ? -9.545  -4.264  -0.972  1.00 19.70 ? 50  SER A OG  1 
ATOM   324  N N   . CYS A 1 42  ? -10.754 -6.612  0.874   1.00 20.53 ? 51  CYS A N   1 
ATOM   325  C CA  . CYS A 1 42  ? -11.999 -6.768  1.613   1.00 21.47 ? 51  CYS A CA  1 
ATOM   326  C C   . CYS A 1 42  ? -12.034 -5.730  2.727   1.00 24.09 ? 51  CYS A C   1 
ATOM   327  O O   . CYS A 1 42  ? -11.139 -4.888  2.846   1.00 21.67 ? 51  CYS A O   1 
ATOM   328  C CB  . CYS A 1 42  ? -12.141 -8.190  2.166   1.00 23.74 ? 51  CYS A CB  1 
ATOM   329  S SG  . CYS A 1 42  ? -10.878 -8.636  3.385   1.00 26.24 ? 51  CYS A SG  1 
ATOM   330  N N   . ASP A 1 43  ? -13.075 -5.806  3.560   1.00 25.39 ? 52  ASP A N   1 
ATOM   331  C CA  . ASP A 1 43  ? -13.307 -4.797  4.588   1.00 26.76 ? 52  ASP A CA  1 
ATOM   332  C C   . ASP A 1 43  ? -12.513 -5.033  5.870   1.00 27.05 ? 52  ASP A C   1 
ATOM   333  O O   . ASP A 1 43  ? -12.646 -4.244  6.810   1.00 29.20 ? 52  ASP A O   1 
ATOM   334  C CB  . ASP A 1 43  ? -14.801 -4.708  4.905   1.00 28.60 ? 52  ASP A CB  1 
ATOM   335  C CG  . ASP A 1 43  ? -15.532 -3.748  3.981   1.00 35.67 ? 52  ASP A CG  1 
ATOM   336  O OD1 . ASP A 1 43  ? -14.872 -2.848  3.413   1.00 32.53 ? 52  ASP A OD1 1 
ATOM   337  O OD2 . ASP A 1 43  ? -16.765 -3.885  3.830   1.00 39.29 ? 52  ASP A OD2 1 
ATOM   338  N N   . SER A 1 44  ? -11.709 -6.090  5.943   1.00 24.57 ? 53  SER A N   1 
ATOM   339  C CA  . SER A 1 44  ? -10.737 -6.221  7.020   1.00 25.27 ? 53  SER A CA  1 
ATOM   340  C C   . SER A 1 44  ? -9.341  -6.088  6.428   1.00 25.13 ? 53  SER A C   1 
ATOM   341  O O   . SER A 1 44  ? -8.957  -5.006  5.974   1.00 27.69 ? 53  SER A O   1 
ATOM   342  C CB  . SER A 1 44  ? -10.905 -7.552  7.755   1.00 25.62 ? 53  SER A CB  1 
ATOM   343  O OG  . SER A 1 44  ? -11.087 -8.618  6.842   1.00 31.54 ? 53  SER A OG  1 
ATOM   344  N N   . LEU A 1 45  ? -8.579  -7.177  6.419   1.00 23.71 ? 54  LEU A N   1 
ATOM   345  C CA  . LEU A 1 45  ? -7.312  -7.232  5.716   1.00 22.25 ? 54  LEU A CA  1 
ATOM   346  C C   . LEU A 1 45  ? -7.292  -8.496  4.869   1.00 22.94 ? 54  LEU A C   1 
ATOM   347  O O   . LEU A 1 45  ? -7.824  -9.529  5.291   1.00 27.09 ? 54  LEU A O   1 
ATOM   348  C CB  . LEU A 1 45  ? -6.120  -7.224  6.689   1.00 21.25 ? 54  LEU A CB  1 
ATOM   349  C CG  . LEU A 1 45  ? -5.951  -5.962  7.542   1.00 23.10 ? 54  LEU A CG  1 
ATOM   350  C CD1 . LEU A 1 45  ? -4.871  -6.144  8.597   1.00 23.05 ? 54  LEU A CD1 1 
ATOM   351  C CD2 . LEU A 1 45  ? -5.651  -4.750  6.677   1.00 21.17 ? 54  LEU A CD2 1 
ATOM   352  N N   . PRO A 1 46  ? -6.708  -8.448  3.666   1.00 19.91 ? 55  PRO A N   1 
ATOM   353  C CA  . PRO A 1 46  ? -6.058  -7.271  3.088   1.00 20.62 ? 55  PRO A CA  1 
ATOM   354  C C   . PRO A 1 46  ? -7.040  -6.291  2.462   1.00 21.87 ? 55  PRO A C   1 
ATOM   355  O O   . PRO A 1 46  ? -8.179  -6.648  2.176   1.00 21.04 ? 55  PRO A O   1 
ATOM   356  C CB  . PRO A 1 46  ? -5.151  -7.875  2.022   1.00 22.76 ? 55  PRO A CB  1 
ATOM   357  C CG  . PRO A 1 46  ? -5.908  -9.062  1.555   1.00 24.55 ? 55  PRO A CG  1 
ATOM   358  C CD  . PRO A 1 46  ? -6.606  -9.616  2.774   1.00 22.68 ? 55  PRO A CD  1 
ATOM   359  N N   . CYS A 1 47  ? -6.585  -5.060  2.251   1.00 21.35 ? 56  CYS A N   1 
ATOM   360  C CA  . CYS A 1 47  ? -7.414  -4.009  1.679   1.00 19.37 ? 56  CYS A CA  1 
ATOM   361  C C   . CYS A 1 47  ? -6.550  -3.120  0.800   1.00 19.88 ? 56  CYS A C   1 
ATOM   362  O O   . CYS A 1 47  ? -5.480  -2.678  1.230   1.00 21.69 ? 56  CYS A O   1 
ATOM   363  C CB  . CYS A 1 47  ? -8.080  -3.182  2.783   1.00 21.27 ? 56  CYS A CB  1 
ATOM   364  S SG  . CYS A 1 47  ? -9.155  -1.855  2.186   1.00 26.75 ? 56  CYS A SG  1 
ATOM   365  N N   . SER A 1 48  ? -7.005  -2.874  -0.423  1.00 17.75 ? 57  SER A N   1 
ATOM   366  C CA  . SER A 1 48  ? -6.342  -1.948  -1.333  1.00 17.28 ? 57  SER A CA  1 
ATOM   367  C C   . SER A 1 48  ? -7.134  -0.650  -1.406  1.00 16.91 ? 57  SER A C   1 
ATOM   368  O O   . SER A 1 48  ? -8.331  -0.662  -1.712  1.00 16.58 ? 57  SER A O   1 
ATOM   369  C CB  . SER A 1 48  ? -6.191  -2.553  -2.727  1.00 18.81 ? 57  SER A CB  1 
ATOM   370  O OG  . SER A 1 48  ? -4.982  -3.280  -2.835  1.00 19.87 ? 57  SER A OG  1 
ATOM   371  N N   . LEU A 1 49  ? -6.463  0.461   -1.123  1.00 17.98 ? 58  LEU A N   1 
ATOM   372  C CA  . LEU A 1 49  ? -7.056  1.789   -1.176  1.00 15.00 ? 58  LEU A CA  1 
ATOM   373  C C   . LEU A 1 49  ? -6.500  2.531   -2.383  1.00 15.88 ? 58  LEU A C   1 
ATOM   374  O O   . LEU A 1 49  ? -5.288  2.509   -2.624  1.00 15.51 ? 58  LEU A O   1 
ATOM   375  C CB  . LEU A 1 49  ? -6.762  2.567   0.107   1.00 14.73 ? 58  LEU A CB  1 
ATOM   376  C CG  . LEU A 1 49  ? -7.260  1.935   1.407   1.00 17.23 ? 58  LEU A CG  1 
ATOM   377  C CD1 . LEU A 1 49  ? -6.858  2.785   2.600   1.00 20.50 ? 58  LEU A CD1 1 
ATOM   378  C CD2 . LEU A 1 49  ? -8.767  1.752   1.363   1.00 17.92 ? 58  LEU A CD2 1 
ATOM   379  N N   . VAL A 1 50  ? -7.378  3.179   -3.142  1.00 13.59 ? 59  VAL A N   1 
ATOM   380  C CA  . VAL A 1 50  ? -6.969  3.954   -4.305  1.00 14.19 ? 59  VAL A CA  1 
ATOM   381  C C   . VAL A 1 50  ? -7.487  5.375   -4.154  1.00 14.77 ? 59  VAL A C   1 
ATOM   382  O O   . VAL A 1 50  ? -8.586  5.598   -3.637  1.00 15.75 ? 59  VAL A O   1 
ATOM   383  C CB  . VAL A 1 50  ? -7.464  3.331   -5.628  1.00 13.66 ? 59  VAL A CB  1 
ATOM   384  C CG1 . VAL A 1 50  ? -6.754  2.012   -5.889  1.00 12.72 ? 59  VAL A CG1 1 
ATOM   385  C CG2 . VAL A 1 50  ? -8.966  3.133   -5.595  1.00 13.52 ? 59  VAL A CG2 1 
ATOM   386  N N   . LEU A 1 51  ? -6.679  6.332   -4.584  1.00 14.48 ? 60  LEU A N   1 
ATOM   387  C CA  . LEU A 1 51  ? -7.082  7.728   -4.609  1.00 13.97 ? 60  LEU A CA  1 
ATOM   388  C C   . LEU A 1 51  ? -7.663  8.031   -5.983  1.00 18.12 ? 60  LEU A C   1 
ATOM   389  O O   . LEU A 1 51  ? -6.978  7.873   -6.999  1.00 17.89 ? 60  LEU A O   1 
ATOM   390  C CB  . LEU A 1 51  ? -5.896  8.638   -4.306  1.00 16.06 ? 60  LEU A CB  1 
ATOM   391  C CG  . LEU A 1 51  ? -6.143  10.135  -4.482  1.00 17.43 ? 60  LEU A CG  1 
ATOM   392  C CD1 . LEU A 1 51  ? -7.204  10.626  -3.515  1.00 17.65 ? 60  LEU A CD1 1 
ATOM   393  C CD2 . LEU A 1 51  ? -4.850  10.888  -4.282  1.00 18.41 ? 60  LEU A CD2 1 
ATOM   394  N N   . THR A 1 52  ? -8.928  8.441   -6.013  1.00 17.79 ? 61  THR A N   1 
ATOM   395  C CA  . THR A 1 52  ? -9.582  8.792   -7.267  1.00 18.91 ? 61  THR A CA  1 
ATOM   396  C C   . THR A 1 52  ? -10.253 10.151  -7.123  1.00 18.52 ? 61  THR A C   1 
ATOM   397  O O   . THR A 1 52  ? -10.040 10.847  -6.125  1.00 18.78 ? 61  THR A O   1 
ATOM   398  C CB  . THR A 1 52  ? -10.590 7.711   -7.673  1.00 19.99 ? 61  THR A CB  1 
ATOM   399  O OG1 . THR A 1 52  ? -11.153 8.025   -8.953  1.00 19.77 ? 61  THR A OG1 1 
ATOM   400  C CG2 . THR A 1 52  ? -11.699 7.607   -6.640  1.00 21.20 ? 61  THR A CG2 1 
ATOM   401  N N   . THR A 1 53  ? -11.056 10.549  -8.104  1.00 20.15 ? 62  THR A N   1 
ATOM   402  C CA  . THR A 1 53  ? -11.666 11.868  -8.091  1.00 22.93 ? 62  THR A CA  1 
ATOM   403  C C   . THR A 1 53  ? -13.131 11.766  -8.484  1.00 22.30 ? 62  THR A C   1 
ATOM   404  O O   . THR A 1 53  ? -13.605 10.727  -8.952  1.00 22.88 ? 62  THR A O   1 
ATOM   405  C CB  . THR A 1 53  ? -10.945 12.840  -9.036  1.00 24.63 ? 62  THR A CB  1 
ATOM   406  O OG1 . THR A 1 53  ? -10.840 12.255  -10.339 1.00 26.49 ? 62  THR A OG1 1 
ATOM   407  C CG2 . THR A 1 53  ? -9.557  13.164  -8.516  1.00 23.96 ? 62  THR A CG2 1 
ATOM   408  N N   . GLU A 1 54  ? -13.846 12.868  -8.265  1.00 21.67 ? 63  GLU A N   1 
ATOM   409  C CA  . GLU A 1 54  ? -15.178 13.051  -8.819  1.00 22.05 ? 63  GLU A CA  1 
ATOM   410  C C   . GLU A 1 54  ? -15.191 12.652  -10.287 1.00 22.39 ? 63  GLU A C   1 
ATOM   411  O O   . GLU A 1 54  ? -14.338 13.084  -11.066 1.00 22.01 ? 63  GLU A O   1 
ATOM   412  C CB  . GLU A 1 54  ? -15.604 14.514  -8.662  1.00 22.96 ? 63  GLU A CB  1 
ATOM   413  C CG  . GLU A 1 54  ? -16.793 14.917  -9.514  1.00 24.39 ? 63  GLU A CG  1 
ATOM   414  C CD  . GLU A 1 54  ? -17.129 16.396  -9.397  1.00 29.67 ? 63  GLU A CD  1 
ATOM   415  O OE1 . GLU A 1 54  ? -16.310 17.158  -8.840  1.00 30.73 ? 63  GLU A OE1 1 
ATOM   416  O OE2 . GLU A 1 54  ? -18.216 16.797  -9.865  1.00 30.92 ? 63  GLU A OE2 1 
ATOM   417  N N   . GLY A 1 55  ? -16.154 11.806  -10.655 1.00 23.11 ? 64  GLY A N   1 
ATOM   418  C CA  . GLY A 1 55  ? -16.234 11.266  -11.993 1.00 22.95 ? 64  GLY A CA  1 
ATOM   419  C C   . GLY A 1 55  ? -15.478 9.973   -12.201 1.00 25.01 ? 64  GLY A C   1 
ATOM   420  O O   . GLY A 1 55  ? -15.646 9.344   -13.256 1.00 26.33 ? 64  GLY A O   1 
ATOM   421  N N   . MET A 1 56  ? -14.680 9.548   -11.215 1.00 23.52 ? 65  MET A N   1 
ATOM   422  C CA  . MET A 1 56  ? -13.804 8.378   -11.260 1.00 24.58 ? 65  MET A CA  1 
ATOM   423  C C   . MET A 1 56  ? -13.307 8.054   -12.664 1.00 23.92 ? 65  MET A C   1 
ATOM   424  O O   . MET A 1 56  ? -13.553 6.961   -13.182 1.00 26.08 ? 65  MET A O   1 
ATOM   425  C CB  . MET A 1 56  ? -14.494 7.150   -10.642 1.00 24.71 ? 65  MET A CB  1 
ATOM   426  C CG  . MET A 1 56  ? -15.871 6.794   -11.187 1.00 26.19 ? 65  MET A CG  1 
ATOM   427  S SD  . MET A 1 56  ? -16.543 5.297   -10.418 1.00 30.35 ? 65  MET A SD  1 
ATOM   428  C CE  . MET A 1 56  ? -15.257 4.117   -10.792 1.00 27.87 ? 65  MET A CE  1 
ATOM   429  N N   . CYS A 1 57  ? -12.608 9.000   -13.284 1.00 23.86 ? 66  CYS A N   1 
ATOM   430  C CA  A CYS A 1 57  ? -12.035 8.782   -14.603 0.48 24.67 ? 66  CYS A CA  1 
ATOM   431  C CA  B CYS A 1 57  ? -12.023 8.815   -14.604 0.52 24.72 ? 66  CYS A CA  1 
ATOM   432  C C   . CYS A 1 57  ? -10.585 8.322   -14.551 1.00 24.32 ? 66  CYS A C   1 
ATOM   433  O O   . CYS A 1 57  ? -10.014 8.008   -15.601 1.00 23.04 ? 66  CYS A O   1 
ATOM   434  C CB  A CYS A 1 57  ? -12.135 10.059  -15.442 0.48 25.35 ? 66  CYS A CB  1 
ATOM   435  C CB  B CYS A 1 57  ? -12.064 10.130  -15.397 0.52 25.45 ? 66  CYS A CB  1 
ATOM   436  S SG  A CYS A 1 57  ? -11.339 11.500  -14.704 0.48 28.14 ? 66  CYS A SG  1 
ATOM   437  S SG  B CYS A 1 57  ? -13.666 10.972  -15.448 0.52 29.46 ? 66  CYS A SG  1 
ATOM   438  N N   . ARG A 1 58  ? -9.985  8.254   -13.366 1.00 22.54 ? 67  ARG A N   1 
ATOM   439  C CA  . ARG A 1 58  ? -8.566  7.955   -13.254 1.00 23.23 ? 67  ARG A CA  1 
ATOM   440  C C   . ARG A 1 58  ? -8.272  7.454   -11.850 1.00 22.19 ? 67  ARG A C   1 
ATOM   441  O O   . ARG A 1 58  ? -9.108  7.540   -10.947 1.00 21.26 ? 67  ARG A O   1 
ATOM   442  C CB  . ARG A 1 58  ? -7.730  9.198   -13.553 1.00 23.96 ? 67  ARG A CB  1 
ATOM   443  C CG  . ARG A 1 58  ? -7.980  10.290  -12.533 1.00 25.23 ? 67  ARG A CG  1 
ATOM   444  C CD  . ARG A 1 58  ? -7.294  11.587  -12.891 1.00 31.52 ? 67  ARG A CD  1 
ATOM   445  N NE  . ARG A 1 58  ? -7.607  12.621  -11.909 1.00 36.12 ? 67  ARG A NE  1 
ATOM   446  C CZ  . ARG A 1 58  ? -7.183  13.878  -11.978 1.00 38.14 ? 67  ARG A CZ  1 
ATOM   447  N NH1 . ARG A 1 58  ? -7.524  14.744  -11.032 1.00 34.30 ? 67  ARG A NH1 1 
ATOM   448  N NH2 . ARG A 1 58  ? -6.419  14.273  -12.991 1.00 43.32 ? 67  ARG A NH2 1 
ATOM   449  N N   . VAL A 1 59  ? -7.055  6.945   -11.675 1.00 19.51 ? 68  VAL A N   1 
ATOM   450  C CA  . VAL A 1 59  ? -6.531  6.555   -10.372 1.00 19.96 ? 68  VAL A CA  1 
ATOM   451  C C   . VAL A 1 59  ? -5.222  7.304   -10.156 1.00 20.37 ? 68  VAL A C   1 
ATOM   452  O O   . VAL A 1 59  ? -4.302  7.199   -10.976 1.00 19.77 ? 68  VAL A O   1 
ATOM   453  C CB  . VAL A 1 59  ? -6.309  5.039   -10.264 1.00 19.07 ? 68  VAL A CB  1 
ATOM   454  C CG1 . VAL A 1 59  ? -5.706  4.694   -8.910  1.00 18.51 ? 68  VAL A CG1 1 
ATOM   455  C CG2 . VAL A 1 59  ? -7.616  4.292   -10.484 1.00 19.62 ? 68  VAL A CG2 1 
ATOM   456  N N   . ILE A 1 60  ? -5.137  8.049   -9.057  1.00 15.36 ? 69  ILE A N   1 
ATOM   457  C CA  . ILE A 1 60  ? -3.952  8.856   -8.790  1.00 16.93 ? 69  ILE A CA  1 
ATOM   458  C C   . ILE A 1 60  ? -2.927  8.106   -7.942  1.00 16.60 ? 69  ILE A C   1 
ATOM   459  O O   . ILE A 1 60  ? -1.720  8.261   -8.152  1.00 16.57 ? 69  ILE A O   1 
ATOM   460  C CB  . ILE A 1 60  ? -4.365  10.183  -8.125  1.00 16.54 ? 69  ILE A CB  1 
ATOM   461  C CG1 . ILE A 1 60  ? -5.190  11.025  -9.099  1.00 18.73 ? 69  ILE A CG1 1 
ATOM   462  C CG2 . ILE A 1 60  ? -3.145  10.956  -7.652  1.00 15.59 ? 69  ILE A CG2 1 
ATOM   463  C CD1 . ILE A 1 60  ? -5.779  12.276  -8.476  1.00 22.50 ? 69  ILE A CD1 1 
ATOM   464  N N   . ALA A 1 61  ? -3.377  7.286   -6.996  1.00 15.29 ? 70  ALA A N   1 
ATOM   465  C CA  . ALA A 1 61  ? -2.466  6.609   -6.089  1.00 15.57 ? 70  ALA A CA  1 
ATOM   466  C C   . ALA A 1 61  ? -3.095  5.307   -5.618  1.00 15.59 ? 70  ALA A C   1 
ATOM   467  O O   . ALA A 1 61  ? -4.311  5.121   -5.696  1.00 14.13 ? 70  ALA A O   1 
ATOM   468  C CB  . ALA A 1 61  ? -2.111  7.494   -4.889  1.00 14.40 ? 70  ALA A CB  1 
ATOM   469  N N   . HIS A 1 62  ? -2.244  4.411   -5.116  1.00 14.35 ? 71  HIS A N   1 
ATOM   470  C CA  . HIS A 1 62  ? -2.680  3.123   -4.594  1.00 15.26 ? 71  HIS A CA  1 
ATOM   471  C C   . HIS A 1 62  ? -1.778  2.708   -3.442  1.00 14.34 ? 71  HIS A C   1 
ATOM   472  O O   . HIS A 1 62  ? -0.581  3.006   -3.435  1.00 14.86 ? 71  HIS A O   1 
ATOM   473  C CB  . HIS A 1 62  ? -2.662  2.032   -5.677  1.00 14.61 ? 71  HIS A CB  1 
ATOM   474  C CG  . HIS A 1 62  ? -2.690  0.637   -5.131  1.00 15.57 ? 71  HIS A CG  1 
ATOM   475  N ND1 . HIS A 1 62  ? -1.546  -0.045  -4.772  1.00 15.12 ? 71  HIS A ND1 1 
ATOM   476  C CD2 . HIS A 1 62  ? -3.721  -0.202  -4.875  1.00 16.02 ? 71  HIS A CD2 1 
ATOM   477  C CE1 . HIS A 1 62  ? -1.873  -1.242  -4.318  1.00 15.21 ? 71  HIS A CE1 1 
ATOM   478  N NE2 . HIS A 1 62  ? -3.187  -1.363  -4.371  1.00 14.72 ? 71  HIS A NE2 1 
ATOM   479  N N   . LEU A 1 63  ? -2.365  2.019   -2.465  1.00 13.68 ? 72  LEU A N   1 
ATOM   480  C CA  . LEU A 1 63  ? -1.584  1.281   -1.483  1.00 14.83 ? 72  LEU A CA  1 
ATOM   481  C C   . LEU A 1 63  ? -2.393  0.081   -1.014  1.00 16.37 ? 72  LEU A C   1 
ATOM   482  O O   . LEU A 1 63  ? -3.625  0.062   -1.100  1.00 15.58 ? 72  LEU A O   1 
ATOM   483  C CB  . LEU A 1 63  ? -1.152  2.159   -0.298  1.00 14.75 ? 72  LEU A CB  1 
ATOM   484  C CG  . LEU A 1 63  ? -2.146  2.857   0.635   1.00 15.71 ? 72  LEU A CG  1 
ATOM   485  C CD1 . LEU A 1 63  ? -2.785  1.899   1.633   1.00 17.15 ? 72  LEU A CD1 1 
ATOM   486  C CD2 . LEU A 1 63  ? -1.428  3.978   1.372   1.00 14.70 ? 72  LEU A CD2 1 
ATOM   487  N N   . LYS A 1 64  ? -1.683  -0.923  -0.512  1.00 14.74 ? 73  LYS A N   1 
ATOM   488  C CA  . LYS A 1 64  ? -2.289  -2.160  -0.042  1.00 17.82 ? 73  LYS A CA  1 
ATOM   489  C C   . LYS A 1 64  ? -1.979  -2.338  1.436   1.00 19.33 ? 73  LYS A C   1 
ATOM   490  O O   . LYS A 1 64  ? -0.822  -2.216  1.849   1.00 19.63 ? 73  LYS A O   1 
ATOM   491  C CB  . LYS A 1 64  ? -1.771  -3.356  -0.846  1.00 19.64 ? 73  LYS A CB  1 
ATOM   492  C CG  . LYS A 1 64  ? -2.365  -4.694  -0.448  1.00 21.90 ? 73  LYS A CG  1 
ATOM   493  C CD  . LYS A 1 64  ? -1.669  -5.829  -1.182  1.00 25.74 ? 73  LYS A CD  1 
ATOM   494  C CE  . LYS A 1 64  ? -2.223  -7.178  -0.765  1.00 28.40 ? 73  LYS A CE  1 
ATOM   495  N NZ  . LYS A 1 64  ? -3.552  -7.436  -1.387  1.00 29.85 ? 73  LYS A NZ  1 
ATOM   496  N N   . LEU A 1 65  ? -3.010  -2.611  2.228   1.00 17.53 ? 74  LEU A N   1 
ATOM   497  C CA  . LEU A 1 65  ? -2.850  -2.963  3.633   1.00 17.21 ? 74  LEU A CA  1 
ATOM   498  C C   . LEU A 1 65  ? -2.914  -4.480  3.751   1.00 19.60 ? 74  LEU A C   1 
ATOM   499  O O   . LEU A 1 65  ? -3.885  -5.097  3.303   1.00 17.12 ? 74  LEU A O   1 
ATOM   500  C CB  . LEU A 1 65  ? -3.931  -2.307  4.490   1.00 19.46 ? 74  LEU A CB  1 
ATOM   501  C CG  . LEU A 1 65  ? -4.050  -0.786  4.384   1.00 20.66 ? 74  LEU A CG  1 
ATOM   502  C CD1 . LEU A 1 65  ? -5.353  -0.312  5.008   1.00 21.53 ? 74  LEU A CD1 1 
ATOM   503  C CD2 . LEU A 1 65  ? -2.853  -0.110  5.038   1.00 20.19 ? 74  LEU A CD2 1 
ATOM   504  N N   . SER A 1 66  ? -1.883  -5.077  4.344   1.00 20.34 ? 75  SER A N   1 
ATOM   505  C CA  . SER A 1 66  ? -1.809  -6.527  4.399   1.00 20.32 ? 75  SER A CA  1 
ATOM   506  C C   . SER A 1 66  ? -1.685  -7.012  5.839   1.00 21.38 ? 75  SER A C   1 
ATOM   507  O O   . SER A 1 66  ? -1.061  -6.347  6.673   1.00 20.93 ? 75  SER A O   1 
ATOM   508  C CB  . SER A 1 66  ? -0.620  -7.047  3.584   1.00 21.19 ? 75  SER A CB  1 
ATOM   509  O OG  . SER A 1 66  ? -0.746  -6.725  2.211   1.00 23.65 ? 75  SER A OG  1 
ATOM   510  N N   . PRO A 1 67  ? -2.265  -8.166  6.161   1.00 21.74 ? 76  PRO A N   1 
ATOM   511  C CA  . PRO A 1 67  ? -2.147  -8.693  7.523   1.00 23.45 ? 76  PRO A CA  1 
ATOM   512  C C   . PRO A 1 67  ? -0.744  -9.209  7.807   1.00 25.28 ? 76  PRO A C   1 
ATOM   513  O O   . PRO A 1 67  ? 0.022   -9.559  6.906   1.00 24.63 ? 76  PRO A O   1 
ATOM   514  C CB  . PRO A 1 67  ? -3.171  -9.831  7.552   1.00 25.55 ? 76  PRO A CB  1 
ATOM   515  C CG  . PRO A 1 67  ? -3.282  -10.262 6.123   1.00 25.33 ? 76  PRO A CG  1 
ATOM   516  C CD  . PRO A 1 67  ? -3.117  -9.012  5.307   1.00 22.82 ? 76  PRO A CD  1 
ATOM   517  N N   . ILE A 1 68  ? -0.414  -9.240  9.095   1.00 25.24 ? 77  ILE A N   1 
ATOM   518  C CA  . ILE A 1 68  ? 0.859   -9.761  9.583   1.00 26.78 ? 77  ILE A CA  1 
ATOM   519  C C   . ILE A 1 68  ? 0.549   -10.954 10.473  1.00 29.12 ? 77  ILE A C   1 
ATOM   520  O O   . ILE A 1 68  ? -0.157  -10.815 11.480  1.00 27.69 ? 77  ILE A O   1 
ATOM   521  C CB  . ILE A 1 68  ? 1.664   -8.695  10.343  1.00 25.90 ? 77  ILE A CB  1 
ATOM   522  C CG1 . ILE A 1 68  ? 2.045   -7.548  9.405   1.00 22.73 ? 77  ILE A CG1 1 
ATOM   523  C CG2 . ILE A 1 68  ? 2.910   -9.310  10.962  1.00 27.38 ? 77  ILE A CG2 1 
ATOM   524  C CD1 . ILE A 1 68  ? 2.730   -6.393  10.101  1.00 21.92 ? 77  ILE A CD1 1 
ATOM   525  N N   . ASN A 1 69  ? 1.080   -12.122 10.100  1.00 26.85 ? 78  ASN A N   1 
ATOM   526  C CA  . ASN A 1 69  ? 0.711   -13.374 10.757  1.00 32.13 ? 78  ASN A CA  1 
ATOM   527  C C   . ASN A 1 69  ? 0.901   -13.305 12.269  1.00 31.68 ? 78  ASN A C   1 
ATOM   528  O O   . ASN A 1 69  ? 0.053   -13.786 13.030  1.00 32.99 ? 78  ASN A O   1 
ATOM   529  C CB  . ASN A 1 69  ? 1.533   -14.525 10.175  1.00 33.64 ? 78  ASN A CB  1 
ATOM   530  C CG  . ASN A 1 69  ? 0.850   -15.868 10.332  1.00 38.87 ? 78  ASN A CG  1 
ATOM   531  O OD1 . ASN A 1 69  ? -0.156  -16.143 9.676   1.00 44.32 ? 78  ASN A OD1 1 
ATOM   532  N ND2 . ASN A 1 69  ? 1.399   -16.717 11.196  1.00 35.23 ? 78  ASN A ND2 1 
ATOM   533  N N   . SER A 1 70  ? 1.998   -12.706 12.722  1.00 27.92 ? 79  SER A N   1 
ATOM   534  C CA  . SER A 1 70  ? 2.365   -12.727 14.132  1.00 27.38 ? 79  SER A CA  1 
ATOM   535  C C   . SER A 1 70  ? 1.940   -11.478 14.893  1.00 30.49 ? 79  SER A C   1 
ATOM   536  O O   . SER A 1 70  ? 2.200   -11.392 16.097  1.00 30.32 ? 79  SER A O   1 
ATOM   537  C CB  . SER A 1 70  ? 3.877   -12.922 14.275  1.00 28.56 ? 79  SER A CB  1 
ATOM   538  O OG  . SER A 1 70  ? 4.587   -11.788 13.805  1.00 30.96 ? 79  SER A OG  1 
ATOM   539  N N   . LYS A 1 71  ? 1.295   -10.513 14.239  1.00 30.24 ? 80  LYS A N   1 
ATOM   540  C CA  . LYS A 1 71  ? 0.916   -9.249  14.872  1.00 28.71 ? 80  LYS A CA  1 
ATOM   541  C C   . LYS A 1 71  ? -0.544  -8.952  14.540  1.00 29.73 ? 80  LYS A C   1 
ATOM   542  O O   . LYS A 1 71  ? -0.848  -8.439  13.459  1.00 30.01 ? 80  LYS A O   1 
ATOM   543  C CB  . LYS A 1 71  ? 1.827   -8.112  14.418  1.00 27.27 ? 80  LYS A CB  1 
ATOM   544  C CG  . LYS A 1 71  ? 3.295   -8.322  14.745  1.00 26.26 ? 80  LYS A CG  1 
ATOM   545  C CD  . LYS A 1 71  ? 4.156   -7.227  14.135  1.00 28.49 ? 80  LYS A CD  1 
ATOM   546  C CE  . LYS A 1 71  ? 5.617   -7.384  14.525  1.00 30.65 ? 80  LYS A CE  1 
ATOM   547  N NZ  . LYS A 1 71  ? 5.819   -7.206  15.991  1.00 32.27 ? 80  LYS A NZ  1 
ATOM   548  N N   . LYS A 1 72  ? -1.443  -9.258  15.478  1.00 30.34 ? 81  LYS A N   1 
ATOM   549  C CA  . LYS A 1 72  ? -2.867  -9.049  15.241  1.00 31.70 ? 81  LYS A CA  1 
ATOM   550  C C   . LYS A 1 72  ? -3.256  -7.576  15.264  1.00 31.74 ? 81  LYS A C   1 
ATOM   551  O O   . LYS A 1 72  ? -4.272  -7.208  14.664  1.00 33.17 ? 81  LYS A O   1 
ATOM   552  C CB  . LYS A 1 72  ? -3.689  -9.820  16.276  1.00 30.07 ? 81  LYS A CB  1 
ATOM   553  N N   . LYS A 1 73  ? -2.480  -6.726  15.939  1.00 29.89 ? 82  LYS A N   1 
ATOM   554  C CA  . LYS A 1 73  ? -2.783  -5.305  16.049  1.00 29.49 ? 82  LYS A CA  1 
ATOM   555  C C   . LYS A 1 73  ? -1.918  -4.450  15.129  1.00 27.73 ? 82  LYS A C   1 
ATOM   556  O O   . LYS A 1 73  ? -1.748  -3.251  15.378  1.00 25.96 ? 82  LYS A O   1 
ATOM   557  C CB  . LYS A 1 73  ? -2.633  -4.846  17.500  1.00 30.34 ? 82  LYS A CB  1 
ATOM   558  C CG  . LYS A 1 73  ? -3.428  -5.674  18.498  1.00 32.41 ? 82  LYS A CG  1 
ATOM   559  C CD  . LYS A 1 73  ? -4.895  -5.764  18.098  1.00 35.25 ? 82  LYS A CD  1 
ATOM   560  C CE  . LYS A 1 73  ? -5.571  -4.400  18.115  1.00 38.45 ? 82  LYS A CE  1 
ATOM   561  N NZ  . LYS A 1 73  ? -7.054  -4.509  17.969  1.00 36.23 ? 82  LYS A NZ  1 
ATOM   562  N N   . ALA A 1 74  ? -1.368  -5.041  14.072  1.00 24.80 ? 83  ALA A N   1 
ATOM   563  C CA  . ALA A 1 74  ? -0.522  -4.320  13.138  1.00 22.75 ? 83  ALA A CA  1 
ATOM   564  C C   . ALA A 1 74  ? -0.892  -4.728  11.722  1.00 23.48 ? 83  ALA A C   1 
ATOM   565  O O   . ALA A 1 74  ? -1.620  -5.699  11.501  1.00 23.30 ? 83  ALA A O   1 
ATOM   566  C CB  . ALA A 1 74  ? 0.965   -4.587  13.401  1.00 23.17 ? 83  ALA A CB  1 
ATOM   567  N N   . CYS A 1 75  ? -0.386  -3.969  10.754  1.00 21.14 ? 84  CYS A N   1 
ATOM   568  C CA  . CYS A 1 75  ? -0.540  -4.347  9.360   1.00 20.33 ? 84  CYS A CA  1 
ATOM   569  C C   . CYS A 1 75  ? 0.655   -3.836  8.575   1.00 18.92 ? 84  CYS A C   1 
ATOM   570  O O   . CYS A 1 75  ? 1.393   -2.955  9.023   1.00 18.93 ? 84  CYS A O   1 
ATOM   571  C CB  . CYS A 1 75  ? -1.847  -3.817  8.763   1.00 21.37 ? 84  CYS A CB  1 
ATOM   572  S SG  . CYS A 1 75  ? -1.810  -2.079  8.316   1.00 28.13 ? 84  CYS A SG  1 
ATOM   573  N N   . PHE A 1 76  ? 0.838   -4.417  7.396   1.00 19.05 ? 85  PHE A N   1 
ATOM   574  C CA  . PHE A 1 76  ? 1.936   -4.101  6.495   1.00 19.17 ? 85  PHE A CA  1 
ATOM   575  C C   . PHE A 1 76  ? 1.362   -3.365  5.292   1.00 19.95 ? 85  PHE A C   1 
ATOM   576  O O   . PHE A 1 76  ? 0.466   -3.884  4.619   1.00 21.71 ? 85  PHE A O   1 
ATOM   577  C CB  . PHE A 1 76  ? 2.647   -5.383  6.060   1.00 20.04 ? 85  PHE A CB  1 
ATOM   578  C CG  . PHE A 1 76  ? 4.094   -5.196  5.708   1.00 21.09 ? 85  PHE A CG  1 
ATOM   579  C CD1 . PHE A 1 76  ? 5.053   -5.085  6.698   1.00 22.53 ? 85  PHE A CD1 1 
ATOM   580  C CD2 . PHE A 1 76  ? 4.496   -5.154  4.385   1.00 25.58 ? 85  PHE A CD2 1 
ATOM   581  C CE1 . PHE A 1 76  ? 6.388   -4.921  6.373   1.00 23.46 ? 85  PHE A CE1 1 
ATOM   582  C CE2 . PHE A 1 76  ? 5.828   -4.988  4.056   1.00 25.77 ? 85  PHE A CE2 1 
ATOM   583  C CZ  . PHE A 1 76  ? 6.774   -4.870  5.050   1.00 23.04 ? 85  PHE A CZ  1 
ATOM   584  N N   . VAL A 1 77  ? 1.861   -2.158  5.029   1.00 17.79 ? 86  VAL A N   1 
ATOM   585  C CA  . VAL A 1 77  ? 1.437   -1.380  3.868   1.00 18.44 ? 86  VAL A CA  1 
ATOM   586  C C   . VAL A 1 77  ? 2.422   -1.635  2.735   1.00 18.83 ? 86  VAL A C   1 
ATOM   587  O O   . VAL A 1 77  ? 3.642   -1.561  2.931   1.00 19.73 ? 86  VAL A O   1 
ATOM   588  C CB  . VAL A 1 77  ? 1.326   0.120   4.200   1.00 19.13 ? 86  VAL A CB  1 
ATOM   589  C CG1 . VAL A 1 77  ? 2.601   0.643   4.830   1.00 22.75 ? 86  VAL A CG1 1 
ATOM   590  C CG2 . VAL A 1 77  ? 0.983   0.916   2.954   1.00 18.46 ? 86  VAL A CG2 1 
ATOM   591  N N   . GLU A 1 78  ? 1.899   -1.974  1.556   1.00 17.37 ? 87  GLU A N   1 
ATOM   592  C CA  . GLU A 1 78  ? 2.729   -2.380  0.432   1.00 19.26 ? 87  GLU A CA  1 
ATOM   593  C C   . GLU A 1 78  ? 2.231   -1.724  -0.847  1.00 17.90 ? 87  GLU A C   1 
ATOM   594  O O   . GLU A 1 78  ? 1.112   -1.208  -0.913  1.00 18.26 ? 87  GLU A O   1 
ATOM   595  C CB  . GLU A 1 78  ? 2.737   -3.902  0.234   1.00 20.04 ? 87  GLU A CB  1 
ATOM   596  C CG  . GLU A 1 78  ? 2.629   -4.723  1.500   1.00 21.74 ? 87  GLU A CG  1 
ATOM   597  C CD  . GLU A 1 78  ? 2.725   -6.212  1.231   1.00 27.34 ? 87  GLU A CD  1 
ATOM   598  O OE1 . GLU A 1 78  ? 3.838   -6.692  0.923   1.00 28.18 ? 87  GLU A OE1 1 
ATOM   599  O OE2 . GLU A 1 78  ? 1.686   -6.901  1.322   1.00 27.54 ? 87  GLU A OE2 1 
ATOM   600  N N   . SER A 1 79  ? 3.084   -1.770  -1.872  1.00 18.46 ? 88  SER A N   1 
ATOM   601  C CA  . SER A 1 79  ? 2.750   -1.307  -3.220  1.00 18.95 ? 88  SER A CA  1 
ATOM   602  C C   . SER A 1 79  ? 2.242   0.134   -3.210  1.00 16.33 ? 88  SER A C   1 
ATOM   603  O O   . SER A 1 79  ? 1.240   0.473   -3.842  1.00 15.54 ? 88  SER A O   1 
ATOM   604  C CB  . SER A 1 79  ? 1.737   -2.244  -3.879  1.00 19.17 ? 88  SER A CB  1 
ATOM   605  O OG  . SER A 1 79  ? 2.343   -3.474  -4.238  1.00 22.17 ? 88  SER A OG  1 
ATOM   606  N N   . VAL A 1 80  ? 2.950   0.989   -2.479  1.00 15.34 ? 89  VAL A N   1 
ATOM   607  C CA  . VAL A 1 80  ? 2.616   2.407   -2.422  1.00 15.39 ? 89  VAL A CA  1 
ATOM   608  C C   . VAL A 1 80  ? 3.159   3.081   -3.673  1.00 17.21 ? 89  VAL A C   1 
ATOM   609  O O   . VAL A 1 80  ? 4.376   3.126   -3.888  1.00 17.34 ? 89  VAL A O   1 
ATOM   610  C CB  . VAL A 1 80  ? 3.185   3.060   -1.157  1.00 16.83 ? 89  VAL A CB  1 
ATOM   611  C CG1 . VAL A 1 80  ? 2.799   4.529   -1.103  1.00 15.14 ? 89  VAL A CG1 1 
ATOM   612  C CG2 . VAL A 1 80  ? 2.696   2.321   0.079   1.00 18.15 ? 89  VAL A CG2 1 
ATOM   613  N N   . VAL A 1 81  ? 2.263   3.608   -4.504  1.00 15.77 ? 90  VAL A N   1 
ATOM   614  C CA  . VAL A 1 81  ? 2.668   4.226   -5.762  1.00 17.37 ? 90  VAL A CA  1 
ATOM   615  C C   . VAL A 1 81  ? 1.701   5.353   -6.095  1.00 17.21 ? 90  VAL A C   1 
ATOM   616  O O   . VAL A 1 81  ? 0.482   5.204   -5.965  1.00 16.16 ? 90  VAL A O   1 
ATOM   617  C CB  . VAL A 1 81  ? 2.744   3.194   -6.910  1.00 17.22 ? 90  VAL A CB  1 
ATOM   618  C CG1 . VAL A 1 81  ? 1.443   2.417   -7.029  1.00 17.70 ? 90  VAL A CG1 1 
ATOM   619  C CG2 . VAL A 1 81  ? 3.095   3.877   -8.225  1.00 17.75 ? 90  VAL A CG2 1 
ATOM   620  N N   . VAL A 1 82  ? 2.254   6.492   -6.501  1.00 16.05 ? 91  VAL A N   1 
ATOM   621  C CA  . VAL A 1 82  ? 1.487   7.617   -7.016  1.00 16.33 ? 91  VAL A CA  1 
ATOM   622  C C   . VAL A 1 82  ? 1.748   7.706   -8.511  1.00 17.11 ? 91  VAL A C   1 
ATOM   623  O O   . VAL A 1 82  ? 2.871   7.466   -8.968  1.00 17.63 ? 91  VAL A O   1 
ATOM   624  C CB  . VAL A 1 82  ? 1.870   8.932   -6.305  1.00 17.08 ? 91  VAL A CB  1 
ATOM   625  C CG1 . VAL A 1 82  ? 1.125   10.119  -6.914  1.00 15.80 ? 91  VAL A CG1 1 
ATOM   626  C CG2 . VAL A 1 82  ? 1.593   8.827   -4.811  1.00 15.19 ? 91  VAL A CG2 1 
ATOM   627  N N   . ASP A 1 83  ? 0.702   8.022   -9.274  1.00 16.35 ? 92  ASP A N   1 
ATOM   628  C CA  . ASP A 1 83  ? 0.849   8.257   -10.704 1.00 19.55 ? 92  ASP A CA  1 
ATOM   629  C C   . ASP A 1 83  ? 1.976   9.249   -10.967 1.00 19.06 ? 92  ASP A C   1 
ATOM   630  O O   . ASP A 1 83  ? 2.054   10.299  -10.323 1.00 18.27 ? 92  ASP A O   1 
ATOM   631  C CB  . ASP A 1 83  ? -0.474  8.773   -11.280 1.00 22.50 ? 92  ASP A CB  1 
ATOM   632  C CG  . ASP A 1 83  ? -0.481  8.805   -12.797 1.00 24.94 ? 92  ASP A CG  1 
ATOM   633  O OD1 . ASP A 1 83  ? -0.042  7.817   -13.418 1.00 28.28 ? 92  ASP A OD1 1 
ATOM   634  O OD2 . ASP A 1 83  ? -0.940  9.814   -13.371 1.00 27.18 ? 92  ASP A OD2 1 
ATOM   635  N N   . LYS A 1 84  ? 2.854   8.896   -11.913 1.00 19.04 ? 93  LYS A N   1 
ATOM   636  C CA  . LYS A 1 84  ? 4.093   9.646   -12.123 1.00 19.22 ? 93  LYS A CA  1 
ATOM   637  C C   . LYS A 1 84  ? 3.833   11.137  -12.312 1.00 19.27 ? 93  LYS A C   1 
ATOM   638  O O   . LYS A 1 84  ? 4.436   11.977  -11.633 1.00 19.56 ? 93  LYS A O   1 
ATOM   639  C CB  . LYS A 1 84  ? 4.842   9.080   -13.331 1.00 21.68 ? 93  LYS A CB  1 
ATOM   640  C CG  . LYS A 1 84  ? 6.183   9.746   -13.595 1.00 22.47 ? 93  LYS A CG  1 
ATOM   641  C CD  . LYS A 1 84  ? 6.931   9.037   -14.714 1.00 26.85 ? 93  LYS A CD  1 
ATOM   642  C CE  . LYS A 1 84  ? 8.149   9.828   -15.160 1.00 30.57 ? 93  LYS A CE  1 
ATOM   643  N NZ  . LYS A 1 84  ? 9.029   10.199  -14.017 1.00 34.42 ? 93  LYS A NZ  1 
ATOM   644  N N   . ARG A 1 85  ? 2.934   11.484  -13.233 1.00 17.85 ? 94  ARG A N   1 
ATOM   645  C CA  . ARG A 1 85  ? 2.652   12.887  -13.504 1.00 20.23 ? 94  ARG A CA  1 
ATOM   646  C C   . ARG A 1 85  ? 2.000   13.598  -12.323 1.00 18.53 ? 94  ARG A C   1 
ATOM   647  O O   . ARG A 1 85  ? 1.913   14.830  -12.338 1.00 18.72 ? 94  ARG A O   1 
ATOM   648  C CB  . ARG A 1 85  ? 1.774   13.011  -14.757 1.00 20.08 ? 94  ARG A CB  1 
ATOM   649  C CG  . ARG A 1 85  ? 0.304   12.704  -14.539 1.00 21.34 ? 94  ARG A CG  1 
ATOM   650  C CD  . ARG A 1 85  ? -0.303  11.943  -15.714 1.00 27.03 ? 94  ARG A CD  1 
ATOM   651  N NE  . ARG A 1 85  ? 0.138   12.447  -17.010 1.00 31.87 ? 94  ARG A NE  1 
ATOM   652  C CZ  . ARG A 1 85  ? 0.585   11.680  -18.002 1.00 30.18 ? 94  ARG A CZ  1 
ATOM   653  N NH1 . ARG A 1 85  ? 0.647   10.365  -17.857 1.00 32.24 ? 94  ARG A NH1 1 
ATOM   654  N NH2 . ARG A 1 85  ? 0.965   12.233  -19.145 1.00 28.91 ? 94  ARG A NH2 1 
ATOM   655  N N   . HIS A 1 86  ? 1.560   12.863  -11.303 1.00 16.64 ? 95  HIS A N   1 
ATOM   656  C CA  . HIS A 1 86  ? 0.957   13.445  -10.111 1.00 17.00 ? 95  HIS A CA  1 
ATOM   657  C C   . HIS A 1 86  ? 1.895   13.445  -8.913  1.00 17.51 ? 95  HIS A C   1 
ATOM   658  O O   . HIS A 1 86  ? 1.478   13.833  -7.817  1.00 17.18 ? 95  HIS A O   1 
ATOM   659  C CB  . HIS A 1 86  ? -0.335  12.700  -9.745  1.00 18.20 ? 95  HIS A CB  1 
ATOM   660  C CG  . HIS A 1 86  ? -1.479  12.975  -10.672 1.00 20.72 ? 95  HIS A CG  1 
ATOM   661  N ND1 . HIS A 1 86  ? -1.741  12.200  -11.783 1.00 20.23 ? 95  HIS A ND1 1 
ATOM   662  C CD2 . HIS A 1 86  ? -2.429  13.940  -10.656 1.00 19.60 ? 95  HIS A CD2 1 
ATOM   663  C CE1 . HIS A 1 86  ? -2.802  12.676  -12.409 1.00 22.71 ? 95  HIS A CE1 1 
ATOM   664  N NE2 . HIS A 1 86  ? -3.238  13.732  -11.746 1.00 21.19 ? 95  HIS A NE2 1 
ATOM   665  N N   . ARG A 1 87  ? 3.144   13.025  -9.087  1.00 17.93 ? 96  ARG A N   1 
ATOM   666  C CA  . ARG A 1 87  ? 4.054   12.925  -7.958  1.00 19.54 ? 96  ARG A CA  1 
ATOM   667  C C   . ARG A 1 87  ? 4.532   14.306  -7.520  1.00 20.45 ? 96  ARG A C   1 
ATOM   668  O O   . ARG A 1 87  ? 4.528   15.274  -8.288  1.00 19.21 ? 96  ARG A O   1 
ATOM   669  C CB  . ARG A 1 87  ? 5.252   12.039  -8.307  1.00 20.78 ? 96  ARG A CB  1 
ATOM   670  C CG  . ARG A 1 87  ? 5.003   10.558  -8.077  1.00 20.60 ? 96  ARG A CG  1 
ATOM   671  C CD  . ARG A 1 87  ? 6.028   9.687   -8.780  1.00 19.69 ? 96  ARG A CD  1 
ATOM   672  N NE  . ARG A 1 87  ? 5.448   8.397   -9.138  1.00 20.20 ? 96  ARG A NE  1 
ATOM   673  C CZ  . ARG A 1 87  ? 6.040   7.495   -9.914  1.00 23.89 ? 96  ARG A CZ  1 
ATOM   674  N NH1 . ARG A 1 87  ? 7.245   7.736   -10.413 1.00 25.35 ? 96  ARG A NH1 1 
ATOM   675  N NH2 . ARG A 1 87  ? 5.427   6.349   -10.188 1.00 19.47 ? 96  ARG A NH2 1 
ATOM   676  N N   . GLY A 1 88  ? 4.958   14.383  -6.260  1.00 19.69 ? 97  GLY A N   1 
ATOM   677  C CA  . GLY A 1 88  ? 5.418   15.637  -5.700  1.00 21.50 ? 97  GLY A CA  1 
ATOM   678  C C   . GLY A 1 88  ? 4.332   16.661  -5.476  1.00 20.84 ? 97  GLY A C   1 
ATOM   679  O O   . GLY A 1 88  ? 4.630   17.850  -5.358  1.00 21.67 ? 97  GLY A O   1 
ATOM   680  N N   . GLN A 1 89  ? 3.072   16.229  -5.410  1.00 18.76 ? 98  GLN A N   1 
ATOM   681  C CA  . GLN A 1 89  ? 1.937   17.135  -5.286  1.00 18.52 ? 98  GLN A CA  1 
ATOM   682  C C   . GLN A 1 89  ? 1.098   16.836  -4.049  1.00 19.10 ? 98  GLN A C   1 
ATOM   683  O O   . GLN A 1 89  ? -0.051  17.282  -3.957  1.00 17.75 ? 98  GLN A O   1 
ATOM   684  C CB  . GLN A 1 89  ? 1.087   17.078  -6.557  1.00 18.51 ? 98  GLN A CB  1 
ATOM   685  C CG  . GLN A 1 89  ? 1.834   17.590  -7.781  1.00 19.57 ? 98  GLN A CG  1 
ATOM   686  C CD  . GLN A 1 89  ? 1.312   17.028  -9.088  1.00 20.37 ? 98  GLN A CD  1 
ATOM   687  O OE1 . GLN A 1 89  ? 0.109   17.036  -9.348  1.00 20.44 ? 98  GLN A OE1 1 
ATOM   688  N NE2 . GLN A 1 89  ? 2.221   16.536  -9.922  1.00 19.73 ? 98  GLN A NE2 1 
ATOM   689  N N   . GLY A 1 90  ? 1.654   16.090  -3.092  1.00 18.41 ? 99  GLY A N   1 
ATOM   690  C CA  . GLY A 1 90  ? 0.997   15.824  -1.830  1.00 18.85 ? 99  GLY A CA  1 
ATOM   691  C C   . GLY A 1 90  ? 0.116   14.595  -1.797  1.00 16.96 ? 99  GLY A C   1 
ATOM   692  O O   . GLY A 1 90  ? -0.439  14.284  -0.736  1.00 17.36 ? 99  GLY A O   1 
ATOM   693  N N   . PHE A 1 91  ? -0.030  13.885  -2.917  1.00 16.49 ? 100 PHE A N   1 
ATOM   694  C CA  . PHE A 1 91  ? -0.934  12.740  -2.961  1.00 18.01 ? 100 PHE A CA  1 
ATOM   695  C C   . PHE A 1 91  ? -0.370  11.530  -2.228  1.00 16.63 ? 100 PHE A C   1 
ATOM   696  O O   . PHE A 1 91  ? -1.139  10.727  -1.688  1.00 16.09 ? 100 PHE A O   1 
ATOM   697  C CB  . PHE A 1 91  ? -1.254  12.374  -4.410  1.00 15.14 ? 100 PHE A CB  1 
ATOM   698  C CG  . PHE A 1 91  ? -2.010  13.441  -5.148  1.00 16.36 ? 100 PHE A CG  1 
ATOM   699  C CD1 . PHE A 1 91  ? -3.251  13.864  -4.696  1.00 17.97 ? 100 PHE A CD1 1 
ATOM   700  C CD2 . PHE A 1 91  ? -1.484  14.022  -6.289  1.00 17.55 ? 100 PHE A CD2 1 
ATOM   701  C CE1 . PHE A 1 91  ? -3.958  14.841  -5.370  1.00 17.82 ? 100 PHE A CE1 1 
ATOM   702  C CE2 . PHE A 1 91  ? -2.185  15.003  -6.969  1.00 19.12 ? 100 PHE A CE2 1 
ATOM   703  C CZ  . PHE A 1 91  ? -3.424  15.412  -6.507  1.00 18.35 ? 100 PHE A CZ  1 
ATOM   704  N N   . GLY A 1 92  ? 0.954   11.370  -2.209  1.00 16.01 ? 101 GLY A N   1 
ATOM   705  C CA  . GLY A 1 92  ? 1.537   10.302  -1.416  1.00 15.99 ? 101 GLY A CA  1 
ATOM   706  C C   . GLY A 1 92  ? 1.252   10.473  0.063   1.00 16.38 ? 101 GLY A C   1 
ATOM   707  O O   . GLY A 1 92  ? 0.803   9.543   0.735   1.00 17.25 ? 101 GLY A O   1 
ATOM   708  N N   . LYS A 1 93  ? 1.496   11.675  0.587   1.00 17.89 ? 102 LYS A N   1 
ATOM   709  C CA  . LYS A 1 93  ? 1.177   11.952  1.985   1.00 19.84 ? 102 LYS A CA  1 
ATOM   710  C C   . LYS A 1 93  ? -0.319  11.824  2.245   1.00 18.71 ? 102 LYS A C   1 
ATOM   711  O O   . LYS A 1 93  ? -0.730  11.374  3.322   1.00 18.85 ? 102 LYS A O   1 
ATOM   712  C CB  . LYS A 1 93  ? 1.668   13.351  2.369   1.00 19.11 ? 102 LYS A CB  1 
ATOM   713  N N   . LEU A 1 94  ? -1.145  12.209  1.268   1.00 19.05 ? 103 LEU A N   1 
ATOM   714  C CA  . LEU A 1 94  ? -2.595  12.130  1.428   1.00 17.35 ? 103 LEU A CA  1 
ATOM   715  C C   . LEU A 1 94  ? -3.047  10.693  1.660   1.00 17.76 ? 103 LEU A C   1 
ATOM   716  O O   . LEU A 1 94  ? -3.755  10.401  2.630   1.00 17.02 ? 103 LEU A O   1 
ATOM   717  C CB  . LEU A 1 94  ? -3.285  12.719  0.195   1.00 18.78 ? 103 LEU A CB  1 
ATOM   718  C CG  . LEU A 1 94  ? -4.813  12.853  0.163   1.00 20.45 ? 103 LEU A CG  1 
ATOM   719  C CD1 . LEU A 1 94  ? -5.217  13.959  -0.799  1.00 22.21 ? 103 LEU A CD1 1 
ATOM   720  C CD2 . LEU A 1 94  ? -5.504  11.555  -0.230  1.00 19.97 ? 103 LEU A CD2 1 
ATOM   721  N N   . ILE A 1 95  ? -2.658  9.779   0.769   1.00 16.06 ? 104 ILE A N   1 
ATOM   722  C CA  . ILE A 1 95  ? -3.164  8.414   0.879   1.00 15.71 ? 104 ILE A CA  1 
ATOM   723  C C   . ILE A 1 95  ? -2.519  7.683   2.052   1.00 15.97 ? 104 ILE A C   1 
ATOM   724  O O   . ILE A 1 95  ? -3.140  6.801   2.655   1.00 15.28 ? 104 ILE A O   1 
ATOM   725  C CB  . ILE A 1 95  ? -2.974  7.657   -0.451  1.00 17.17 ? 104 ILE A CB  1 
ATOM   726  C CG1 . ILE A 1 95  ? -3.808  6.372   -0.450  1.00 15.52 ? 104 ILE A CG1 1 
ATOM   727  C CG2 . ILE A 1 95  ? -1.500  7.356   -0.712  1.00 15.58 ? 104 ILE A CG2 1 
ATOM   728  C CD1 . ILE A 1 95  ? -4.009  5.770   -1.826  1.00 16.18 ? 104 ILE A CD1 1 
ATOM   729  N N   . MET A 1 96  ? -1.282  8.037   2.412   1.00 16.30 ? 105 MET A N   1 
ATOM   730  C CA  . MET A 1 96  ? -0.667  7.425   3.587   1.00 16.57 ? 105 MET A CA  1 
ATOM   731  C C   . MET A 1 96  ? -1.390  7.845   4.861   1.00 18.66 ? 105 MET A C   1 
ATOM   732  O O   . MET A 1 96  ? -1.670  7.008   5.727   1.00 17.47 ? 105 MET A O   1 
ATOM   733  C CB  . MET A 1 96  ? 0.816   7.791   3.664   1.00 19.19 ? 105 MET A CB  1 
ATOM   734  C CG  . MET A 1 96  ? 1.695   7.092   2.631   1.00 18.89 ? 105 MET A CG  1 
ATOM   735  S SD  . MET A 1 96  ? 1.706   5.291   2.780   1.00 20.61 ? 105 MET A SD  1 
ATOM   736  C CE  . MET A 1 96  ? 2.424   5.088   4.409   1.00 19.98 ? 105 MET A CE  1 
ATOM   737  N N   . LYS A 1 97  ? -1.713  9.137   4.986   1.00 16.48 ? 106 LYS A N   1 
ATOM   738  C CA  . LYS A 1 97  ? -2.444  9.605   6.159   1.00 18.06 ? 106 LYS A CA  1 
ATOM   739  C C   . LYS A 1 97  ? -3.845  9.007   6.213   1.00 19.11 ? 106 LYS A C   1 
ATOM   740  O O   . LYS A 1 97  ? -4.324  8.635   7.292   1.00 18.44 ? 106 LYS A O   1 
ATOM   741  C CB  . LYS A 1 97  ? -2.509  11.132  6.165   1.00 18.38 ? 106 LYS A CB  1 
ATOM   742  C CG  . LYS A 1 97  ? -3.221  11.711  7.376   1.00 21.43 ? 106 LYS A CG  1 
ATOM   743  N N   . PHE A 1 98  ? -4.517  8.907   5.063   1.00 18.58 ? 107 PHE A N   1 
ATOM   744  C CA  . PHE A 1 98  ? -5.828  8.269   5.031   1.00 17.46 ? 107 PHE A CA  1 
ATOM   745  C C   . PHE A 1 98  ? -5.737  6.826   5.504   1.00 18.27 ? 107 PHE A C   1 
ATOM   746  O O   . PHE A 1 98  ? -6.566  6.366   6.299   1.00 18.46 ? 107 PHE A O   1 
ATOM   747  C CB  . PHE A 1 98  ? -6.417  8.339   3.622   1.00 15.95 ? 107 PHE A CB  1 
ATOM   748  C CG  . PHE A 1 98  ? -7.889  8.026   3.561   1.00 18.76 ? 107 PHE A CG  1 
ATOM   749  C CD1 . PHE A 1 98  ? -8.343  6.717   3.643   1.00 18.75 ? 107 PHE A CD1 1 
ATOM   750  C CD2 . PHE A 1 98  ? -8.820  9.043   3.420   1.00 19.84 ? 107 PHE A CD2 1 
ATOM   751  C CE1 . PHE A 1 98  ? -9.698  6.428   3.591   1.00 19.45 ? 107 PHE A CE1 1 
ATOM   752  C CE2 . PHE A 1 98  ? -10.175 8.760   3.365   1.00 21.19 ? 107 PHE A CE2 1 
ATOM   753  C CZ  . PHE A 1 98  ? -10.613 7.449   3.450   1.00 19.43 ? 107 PHE A CZ  1 
ATOM   754  N N   . ALA A 1 99  ? -4.729  6.093   5.021   1.00 19.15 ? 108 ALA A N   1 
ATOM   755  C CA  . ALA A 1 99  ? -4.564  4.700   5.420   1.00 19.34 ? 108 ALA A CA  1 
ATOM   756  C C   . ALA A 1 99  ? -4.275  4.587   6.910   1.00 19.39 ? 108 ALA A C   1 
ATOM   757  O O   . ALA A 1 99  ? -4.812  3.703   7.588   1.00 18.78 ? 108 ALA A O   1 
ATOM   758  C CB  . ALA A 1 99  ? -3.449  4.047   4.605   1.00 18.70 ? 108 ALA A CB  1 
ATOM   759  N N   . GLU A 1 100 ? -3.437  5.481   7.438   1.00 17.40 ? 109 GLU A N   1 
ATOM   760  C CA  . GLU A 1 100 ? -3.118  5.448   8.861   1.00 18.54 ? 109 GLU A CA  1 
ATOM   761  C C   . GLU A 1 100 ? -4.368  5.669   9.706   1.00 19.57 ? 109 GLU A C   1 
ATOM   762  O O   . GLU A 1 100 ? -4.615  4.937   10.671  1.00 19.54 ? 109 GLU A O   1 
ATOM   763  C CB  . GLU A 1 100 ? -2.049  6.495   9.180   1.00 21.08 ? 109 GLU A CB  1 
ATOM   764  C CG  . GLU A 1 100 ? -0.673  6.151   8.623   1.00 22.55 ? 109 GLU A CG  1 
ATOM   765  C CD  . GLU A 1 100 ? 0.202   7.374   8.409   1.00 24.06 ? 109 GLU A CD  1 
ATOM   766  O OE1 . GLU A 1 100 ? -0.133  8.455   8.942   1.00 24.29 ? 109 GLU A OE1 1 
ATOM   767  O OE2 . GLU A 1 100 ? 1.222   7.254   7.697   1.00 23.28 ? 109 GLU A OE2 1 
ATOM   768  N N   . ASP A 1 101 ? -5.176  6.670   9.346   1.00 19.62 ? 110 ASP A N   1 
ATOM   769  C CA  . ASP A 1 101 ? -6.432  6.897   10.057  1.00 18.85 ? 110 ASP A CA  1 
ATOM   770  C C   . ASP A 1 101 ? -7.384  5.722   9.875   1.00 20.28 ? 110 ASP A C   1 
ATOM   771  O O   . ASP A 1 101 ? -8.075  5.318   10.819  1.00 19.44 ? 110 ASP A O   1 
ATOM   772  C CB  . ASP A 1 101 ? -7.083  8.194   9.576   1.00 20.26 ? 110 ASP A CB  1 
ATOM   773  C CG  . ASP A 1 101 ? -6.295  9.436   9.981   1.00 27.96 ? 110 ASP A CG  1 
ATOM   774  O OD1 . ASP A 1 101 ? -5.541  9.379   10.979  1.00 27.91 ? 110 ASP A OD1 1 
ATOM   775  O OD2 . ASP A 1 101 ? -6.441  10.476  9.301   1.00 27.71 ? 110 ASP A OD2 1 
ATOM   776  N N   . TYR A 1 102 ? -7.433  5.159   8.668   1.00 19.44 ? 111 TYR A N   1 
ATOM   777  C CA  . TYR A 1 102 ? -8.301  4.014   8.415   1.00 20.08 ? 111 TYR A CA  1 
ATOM   778  C C   . TYR A 1 102 ? -7.920  2.831   9.295   1.00 20.06 ? 111 TYR A C   1 
ATOM   779  O O   . TYR A 1 102 ? -8.791  2.172   9.875   1.00 19.47 ? 111 TYR A O   1 
ATOM   780  C CB  . TYR A 1 102 ? -8.234  3.635   6.934   1.00 19.36 ? 111 TYR A CB  1 
ATOM   781  C CG  . TYR A 1 102 ? -9.091  2.452   6.542   1.00 21.16 ? 111 TYR A CG  1 
ATOM   782  C CD1 . TYR A 1 102 ? -10.448 2.604   6.291   1.00 22.44 ? 111 TYR A CD1 1 
ATOM   783  C CD2 . TYR A 1 102 ? -8.538  1.186   6.406   1.00 21.84 ? 111 TYR A CD2 1 
ATOM   784  C CE1 . TYR A 1 102 ? -11.234 1.524   5.922   1.00 21.90 ? 111 TYR A CE1 1 
ATOM   785  C CE2 . TYR A 1 102 ? -9.316  0.099   6.038   1.00 22.63 ? 111 TYR A CE2 1 
ATOM   786  C CZ  . TYR A 1 102 ? -10.664 0.274   5.797   1.00 25.39 ? 111 TYR A CZ  1 
ATOM   787  O OH  . TYR A 1 102 ? -11.442 -0.802  5.430   1.00 27.09 ? 111 TYR A OH  1 
ATOM   788  N N   . CYS A 1 103 ? -6.621  2.550   9.413   1.00 19.07 ? 112 CYS A N   1 
ATOM   789  C CA  . CYS A 1 103 ? -6.184  1.431   10.243  1.00 20.77 ? 112 CYS A CA  1 
ATOM   790  C C   . CYS A 1 103 ? -6.486  1.679   11.716  1.00 20.27 ? 112 CYS A C   1 
ATOM   791  O O   . CYS A 1 103 ? -6.873  0.755   12.440  1.00 21.38 ? 112 CYS A O   1 
ATOM   792  C CB  . CYS A 1 103 ? -4.689  1.179   10.037  1.00 19.59 ? 112 CYS A CB  1 
ATOM   793  S SG  . CYS A 1 103 ? -4.259  0.545   8.401   1.00 23.02 ? 112 CYS A SG  1 
ATOM   794  N N   . ARG A 1 104 ? -6.319  2.918   12.179  1.00 17.73 ? 113 ARG A N   1 
ATOM   795  C CA  . ARG A 1 104 ? -6.536  3.204   13.592  1.00 19.59 ? 113 ARG A CA  1 
ATOM   796  C C   . ARG A 1 104 ? -8.020  3.209   13.935  1.00 20.81 ? 113 ARG A C   1 
ATOM   797  O O   . ARG A 1 104 ? -8.446  2.572   14.907  1.00 23.62 ? 113 ARG A O   1 
ATOM   798  C CB  . ARG A 1 104 ? -5.898  4.544   13.961  1.00 20.69 ? 113 ARG A CB  1 
ATOM   799  C CG  . ARG A 1 104 ? -6.190  4.987   15.387  1.00 20.95 ? 113 ARG A CG  1 
ATOM   800  C CD  . ARG A 1 104 ? -5.473  6.283   15.726  1.00 23.96 ? 113 ARG A CD  1 
ATOM   801  N NE  . ARG A 1 104 ? -5.748  7.330   14.747  1.00 27.11 ? 113 ARG A NE  1 
ATOM   802  C CZ  . ARG A 1 104 ? -6.783  8.163   14.810  1.00 28.22 ? 113 ARG A CZ  1 
ATOM   803  N NH1 . ARG A 1 104 ? -6.949  9.088   13.871  1.00 26.59 ? 113 ARG A NH1 1 
ATOM   804  N NH2 . ARG A 1 104 ? -7.652  8.074   15.810  1.00 25.08 ? 113 ARG A NH2 1 
ATOM   805  N N   . VAL A 1 105 ? -8.825  3.917   13.149  1.00 19.65 ? 114 VAL A N   1 
ATOM   806  C CA  . VAL A 1 105 ? -10.219 4.162   13.506  1.00 20.16 ? 114 VAL A CA  1 
ATOM   807  C C   . VAL A 1 105 ? -11.115 3.003   13.086  1.00 23.21 ? 114 VAL A C   1 
ATOM   808  O O   . VAL A 1 105 ? -11.958 2.544   13.862  1.00 26.26 ? 114 VAL A O   1 
ATOM   809  C CB  . VAL A 1 105 ? -10.691 5.495   12.886  1.00 21.35 ? 114 VAL A CB  1 
ATOM   810  C CG1 . VAL A 1 105 ? -12.180 5.715   13.143  1.00 21.44 ? 114 VAL A CG1 1 
ATOM   811  C CG2 . VAL A 1 105 ? -9.868  6.654   13.434  1.00 19.90 ? 114 VAL A CG2 1 
ATOM   812  N N   . VAL A 1 106 ? -10.958 2.511   11.861  1.00 20.88 ? 115 VAL A N   1 
ATOM   813  C CA  . VAL A 1 106 ? -11.847 1.476   11.342  1.00 21.57 ? 115 VAL A CA  1 
ATOM   814  C C   . VAL A 1 106 ? -11.381 0.086   11.746  1.00 22.99 ? 115 VAL A C   1 
ATOM   815  O O   . VAL A 1 106 ? -12.174 -0.732  12.218  1.00 24.38 ? 115 VAL A O   1 
ATOM   816  C CB  . VAL A 1 106 ? -11.973 1.600   9.808   1.00 21.27 ? 115 VAL A CB  1 
ATOM   817  C CG1 . VAL A 1 106 ? -12.859 0.489   9.258   1.00 21.41 ? 115 VAL A CG1 1 
ATOM   818  C CG2 . VAL A 1 106 ? -12.518 2.969   9.424   1.00 18.91 ? 115 VAL A CG2 1 
ATOM   819  N N   . LEU A 1 107 ? -10.094 -0.210  11.566  1.00 21.40 ? 116 LEU A N   1 
ATOM   820  C CA  . LEU A 1 107 ? -9.575  -1.545  11.834  1.00 22.94 ? 116 LEU A CA  1 
ATOM   821  C C   . LEU A 1 107 ? -9.018  -1.705  13.244  1.00 24.57 ? 116 LEU A C   1 
ATOM   822  O O   . LEU A 1 107 ? -8.654  -2.823  13.623  1.00 26.31 ? 116 LEU A O   1 
ATOM   823  C CB  . LEU A 1 107 ? -8.492  -1.905  10.810  1.00 22.49 ? 116 LEU A CB  1 
ATOM   824  C CG  . LEU A 1 107 ? -8.943  -1.893  9.348   1.00 22.06 ? 116 LEU A CG  1 
ATOM   825  C CD1 . LEU A 1 107 ? -7.812  -2.334  8.432   1.00 23.65 ? 116 LEU A CD1 1 
ATOM   826  C CD2 . LEU A 1 107 ? -10.174 -2.767  9.150   1.00 22.65 ? 116 LEU A CD2 1 
ATOM   827  N N   . ASP A 1 108 ? -8.941  -0.621  14.020  1.00 24.37 ? 117 ASP A N   1 
ATOM   828  C CA  . ASP A 1 108 ? -8.485  -0.664  15.410  1.00 25.43 ? 117 ASP A CA  1 
ATOM   829  C C   . ASP A 1 108 ? -7.080  -1.256  15.525  1.00 26.39 ? 117 ASP A C   1 
ATOM   830  O O   . ASP A 1 108 ? -6.789  -2.048  16.422  1.00 28.78 ? 117 ASP A O   1 
ATOM   831  C CB  . ASP A 1 108 ? -9.472  -1.431  16.292  1.00 31.07 ? 117 ASP A CB  1 
ATOM   832  C CG  . ASP A 1 108 ? -9.309  -1.108  17.766  1.00 42.29 ? 117 ASP A CG  1 
ATOM   833  O OD1 . ASP A 1 108 ? -9.152  0.087   18.100  1.00 44.24 ? 117 ASP A OD1 1 
ATOM   834  O OD2 . ASP A 1 108 ? -9.337  -2.046  18.591  1.00 51.32 ? 117 ASP A OD2 1 
ATOM   835  N N   . LEU A 1 109 ? -6.200  -0.869  14.611  1.00 22.84 ? 118 LEU A N   1 
ATOM   836  C CA  . LEU A 1 109 ? -4.817  -1.311  14.658  1.00 22.69 ? 118 LEU A CA  1 
ATOM   837  C C   . LEU A 1 109 ? -3.961  -0.292  15.404  1.00 23.80 ? 118 LEU A C   1 
ATOM   838  O O   . LEU A 1 109 ? -4.332  0.873   15.559  1.00 23.64 ? 118 LEU A O   1 
ATOM   839  C CB  . LEU A 1 109 ? -4.277  -1.532  13.246  1.00 22.82 ? 118 LEU A CB  1 
ATOM   840  C CG  . LEU A 1 109 ? -5.077  -2.533  12.409  1.00 23.19 ? 118 LEU A CG  1 
ATOM   841  C CD1 . LEU A 1 109 ? -4.487  -2.661  11.015  1.00 24.05 ? 118 LEU A CD1 1 
ATOM   842  C CD2 . LEU A 1 109 ? -5.134  -3.885  13.103  1.00 21.89 ? 118 LEU A CD2 1 
ATOM   843  N N   . LYS A 1 110 ? -2.799  -0.750  15.877  1.00 22.61 ? 119 LYS A N   1 
ATOM   844  C CA  . LYS A 1 110 ? -1.904  0.091   16.657  1.00 23.10 ? 119 LYS A CA  1 
ATOM   845  C C   . LYS A 1 110 ? -0.624  0.469   15.929  1.00 22.23 ? 119 LYS A C   1 
ATOM   846  O O   . LYS A 1 110 ? -0.014  1.484   16.279  1.00 21.98 ? 119 LYS A O   1 
ATOM   847  C CB  . LYS A 1 110 ? -1.531  -0.607  17.976  1.00 25.77 ? 119 LYS A CB  1 
ATOM   848  C CG  . LYS A 1 110 ? -2.724  -0.952  18.858  1.00 29.42 ? 119 LYS A CG  1 
ATOM   849  C CD  . LYS A 1 110 ? -3.401  0.302   19.393  1.00 34.04 ? 119 LYS A CD  1 
ATOM   850  C CE  . LYS A 1 110 ? -4.788  -0.012  19.945  1.00 40.19 ? 119 LYS A CE  1 
ATOM   851  N NZ  . LYS A 1 110 ? -5.356  1.115   20.742  1.00 38.08 ? 119 LYS A NZ  1 
ATOM   852  N N   . THR A 1 111 ? -0.203  -0.306  14.934  1.00 21.10 ? 120 THR A N   1 
ATOM   853  C CA  . THR A 1 111 ? 1.069   -0.080  14.267  1.00 23.98 ? 120 THR A CA  1 
ATOM   854  C C   . THR A 1 111 ? 0.937   -0.402  12.784  1.00 23.05 ? 120 THR A C   1 
ATOM   855  O O   . THR A 1 111 ? 0.200   -1.310  12.392  1.00 21.25 ? 120 THR A O   1 
ATOM   856  C CB  . THR A 1 111 ? 2.184   -0.937  14.892  1.00 23.60 ? 120 THR A CB  1 
ATOM   857  O OG1 . THR A 1 111 ? 2.149   -0.797  16.317  1.00 28.51 ? 120 THR A OG1 1 
ATOM   858  C CG2 . THR A 1 111 ? 3.550   -0.505  14.385  1.00 22.48 ? 120 THR A CG2 1 
ATOM   859  N N   . ILE A 1 112 ? 1.658   0.357   11.964  1.00 20.04 ? 121 ILE A N   1 
ATOM   860  C CA  . ILE A 1 112 ? 1.781   0.087   10.538  1.00 20.41 ? 121 ILE A CA  1 
ATOM   861  C C   . ILE A 1 112 ? 3.251   -0.149  10.225  1.00 20.69 ? 121 ILE A C   1 
ATOM   862  O O   . ILE A 1 112 ? 4.109   0.651   10.614  1.00 22.29 ? 121 ILE A O   1 
ATOM   863  C CB  . ILE A 1 112 ? 1.220   1.240   9.688   1.00 20.15 ? 121 ILE A CB  1 
ATOM   864  C CG1 . ILE A 1 112 ? -0.308  1.257   9.761   1.00 23.27 ? 121 ILE A CG1 1 
ATOM   865  C CG2 . ILE A 1 112 ? 1.679   1.114   8.250   1.00 19.70 ? 121 ILE A CG2 1 
ATOM   866  C CD1 . ILE A 1 112 ? -0.954  2.235   8.799   1.00 25.31 ? 121 ILE A CD1 1 
ATOM   867  N N   . TYR A 1 113 ? 3.542   -1.245  9.531   1.00 19.45 ? 122 TYR A N   1 
ATOM   868  C CA  . TYR A 1 113 ? 4.892   -1.549  9.086   1.00 19.44 ? 122 TYR A CA  1 
ATOM   869  C C   . TYR A 1 113 ? 4.982   -1.421  7.573   1.00 18.32 ? 122 TYR A C   1 
ATOM   870  O O   . TYR A 1 113 ? 3.985   -1.566  6.861   1.00 18.50 ? 122 TYR A O   1 
ATOM   871  C CB  . TYR A 1 113 ? 5.314   -2.960  9.505   1.00 17.67 ? 122 TYR A CB  1 
ATOM   872  C CG  . TYR A 1 113 ? 5.511   -3.137  10.990  1.00 19.32 ? 122 TYR A CG  1 
ATOM   873  C CD1 . TYR A 1 113 ? 4.451   -3.493  11.813  1.00 19.80 ? 122 TYR A CD1 1 
ATOM   874  C CD2 . TYR A 1 113 ? 6.761   -2.958  11.571  1.00 20.53 ? 122 TYR A CD2 1 
ATOM   875  C CE1 . TYR A 1 113 ? 4.628   -3.663  13.171  1.00 21.79 ? 122 TYR A CE1 1 
ATOM   876  C CE2 . TYR A 1 113 ? 6.947   -3.126  12.929  1.00 22.19 ? 122 TYR A CE2 1 
ATOM   877  C CZ  . TYR A 1 113 ? 5.876   -3.477  13.725  1.00 23.52 ? 122 TYR A CZ  1 
ATOM   878  O OH  . TYR A 1 113 ? 6.051   -3.646  15.079  1.00 27.23 ? 122 TYR A OH  1 
ATOM   879  N N   . LEU A 1 114 ? 6.190   -1.146  7.089   1.00 17.36 ? 123 LEU A N   1 
ATOM   880  C CA  . LEU A 1 114 ? 6.466   -1.138  5.662   1.00 19.50 ? 123 LEU A CA  1 
ATOM   881  C C   . LEU A 1 114 ? 7.942   -1.419  5.448   1.00 20.81 ? 123 LEU A C   1 
ATOM   882  O O   . LEU A 1 114 ? 8.755   -1.337  6.372   1.00 19.03 ? 123 LEU A O   1 
ATOM   883  C CB  . LEU A 1 114 ? 6.078   0.194   5.008   1.00 19.88 ? 123 LEU A CB  1 
ATOM   884  C CG  . LEU A 1 114 ? 6.781   1.476   5.467   1.00 20.54 ? 123 LEU A CG  1 
ATOM   885  C CD1 . LEU A 1 114 ? 8.063   1.744   4.679   1.00 19.98 ? 123 LEU A CD1 1 
ATOM   886  C CD2 . LEU A 1 114 ? 5.825   2.648   5.343   1.00 19.68 ? 123 LEU A CD2 1 
ATOM   887  N N   . SER A 1 115 ? 8.282   -1.747  4.208   1.00 21.64 ? 124 SER A N   1 
ATOM   888  C CA  . SER A 1 115 ? 9.666   -1.826  3.777   1.00 22.90 ? 124 SER A CA  1 
ATOM   889  C C   . SER A 1 115 ? 9.829   -0.981  2.526   1.00 23.19 ? 124 SER A C   1 
ATOM   890  O O   . SER A 1 115 ? 8.885   -0.799  1.751   1.00 22.82 ? 124 SER A O   1 
ATOM   891  C CB  . SER A 1 115 ? 10.106  -3.274  3.504   1.00 22.31 ? 124 SER A CB  1 
ATOM   892  O OG  . SER A 1 115 ? 9.433   -3.809  2.379   1.00 23.51 ? 124 SER A OG  1 
ATOM   893  N N   . THR A 1 116 ? 11.033  -0.449  2.346   1.00 21.18 ? 125 THR A N   1 
ATOM   894  C CA  . THR A 1 116 ? 11.347  0.347   1.173   1.00 23.29 ? 125 THR A CA  1 
ATOM   895  C C   . THR A 1 116 ? 12.824  0.179   0.859   1.00 24.65 ? 125 THR A C   1 
ATOM   896  O O   . THR A 1 116 ? 13.645  -0.031  1.757   1.00 24.93 ? 125 THR A O   1 
ATOM   897  C CB  . THR A 1 116 ? 11.005  1.828   1.384   1.00 24.30 ? 125 THR A CB  1 
ATOM   898  O OG1 . THR A 1 116 ? 11.351  2.571   0.209   1.00 23.99 ? 125 THR A OG1 1 
ATOM   899  C CG2 . THR A 1 116 ? 11.756  2.393   2.585   1.00 22.14 ? 125 THR A CG2 1 
ATOM   900  N N   . ILE A 1 117 ? 13.153  0.259   -0.424  1.00 24.39 ? 126 ILE A N   1 
ATOM   901  C CA  . ILE A 1 117 ? 14.544  0.139   -0.842  1.00 26.29 ? 126 ILE A CA  1 
ATOM   902  C C   . ILE A 1 117 ? 15.225  1.500   -0.907  1.00 27.80 ? 126 ILE A C   1 
ATOM   903  O O   . ILE A 1 117 ? 16.366  1.648   -0.463  1.00 30.07 ? 126 ILE A O   1 
ATOM   904  C CB  . ILE A 1 117 ? 14.621  -0.605  -2.190  1.00 29.32 ? 126 ILE A CB  1 
ATOM   905  C CG1 . ILE A 1 117 ? 14.409  -2.104  -1.975  1.00 28.33 ? 126 ILE A CG1 1 
ATOM   906  C CG2 . ILE A 1 117 ? 15.955  -0.346  -2.877  1.00 31.94 ? 126 ILE A CG2 1 
ATOM   907  C CD1 . ILE A 1 117 ? 14.460  -2.912  -3.248  1.00 32.86 ? 126 ILE A CD1 1 
ATOM   908  N N   . ASP A 1 118 ? 14.538  2.524   -1.429  1.00 26.83 ? 127 ASP A N   1 
ATOM   909  C CA  . ASP A 1 118 ? 15.190  3.811   -1.640  1.00 27.08 ? 127 ASP A CA  1 
ATOM   910  C C   . ASP A 1 118 ? 14.295  5.017   -1.368  1.00 27.35 ? 127 ASP A C   1 
ATOM   911  O O   . ASP A 1 118 ? 14.697  6.144   -1.681  1.00 29.56 ? 127 ASP A O   1 
ATOM   912  C CB  . ASP A 1 118 ? 15.734  3.897   -3.073  1.00 28.98 ? 127 ASP A CB  1 
ATOM   913  C CG  . ASP A 1 118 ? 14.637  3.821   -4.121  1.00 31.87 ? 127 ASP A CG  1 
ATOM   914  O OD1 . ASP A 1 118 ? 13.477  3.520   -3.763  1.00 31.72 ? 127 ASP A OD1 1 
ATOM   915  O OD2 . ASP A 1 118 ? 14.934  4.065   -5.310  1.00 38.85 ? 127 ASP A OD2 1 
ATOM   916  N N   . GLN A 1 119 ? 13.102  4.836   -0.804  1.00 25.09 ? 128 GLN A N   1 
ATOM   917  C CA  . GLN A 1 119 ? 12.222  5.960   -0.512  1.00 23.93 ? 128 GLN A CA  1 
ATOM   918  C C   . GLN A 1 119 ? 12.001  6.148   0.984   1.00 22.61 ? 128 GLN A C   1 
ATOM   919  O O   . GLN A 1 119 ? 10.983  6.715   1.391   1.00 21.02 ? 128 GLN A O   1 
ATOM   920  C CB  . GLN A 1 119 ? 10.881  5.795   -1.231  1.00 24.96 ? 128 GLN A CB  1 
ATOM   921  C CG  . GLN A 1 119 ? 10.968  5.866   -2.754  1.00 27.36 ? 128 GLN A CG  1 
ATOM   922  C CD  . GLN A 1 119 ? 11.170  7.281   -3.282  1.00 29.46 ? 128 GLN A CD  1 
ATOM   923  O OE1 . GLN A 1 119 ? 11.370  8.225   -2.518  1.00 30.60 ? 128 GLN A OE1 1 
ATOM   924  N NE2 . GLN A 1 119 ? 11.118  7.428   -4.599  1.00 34.14 ? 128 GLN A NE2 1 
ATOM   925  N N   . ASP A 1 120 ? 12.941  5.687   1.812   1.00 23.50 ? 129 ASP A N   1 
ATOM   926  C CA  . ASP A 1 120 ? 12.802  5.855   3.252   1.00 22.29 ? 129 ASP A CA  1 
ATOM   927  C C   . ASP A 1 120 ? 12.809  7.323   3.660   1.00 21.83 ? 129 ASP A C   1 
ATOM   928  O O   . ASP A 1 120 ? 12.279  7.661   4.722   1.00 21.24 ? 129 ASP A O   1 
ATOM   929  C CB  . ASP A 1 120 ? 13.913  5.095   3.982   1.00 21.91 ? 129 ASP A CB  1 
ATOM   930  C CG  . ASP A 1 120 ? 15.280  5.327   3.371   1.00 25.42 ? 129 ASP A CG  1 
ATOM   931  O OD1 . ASP A 1 120 ? 15.415  5.175   2.138   1.00 26.97 ? 129 ASP A OD1 1 
ATOM   932  O OD2 . ASP A 1 120 ? 16.221  5.658   4.123   1.00 27.93 ? 129 ASP A OD2 1 
ATOM   933  N N   . GLY A 1 121 ? 13.384  8.202   2.835   1.00 22.23 ? 130 GLY A N   1 
ATOM   934  C CA  . GLY A 1 121 ? 13.318  9.623   3.125   1.00 24.35 ? 130 GLY A CA  1 
ATOM   935  C C   . GLY A 1 121 ? 11.905  10.170  3.080   1.00 25.96 ? 130 GLY A C   1 
ATOM   936  O O   . GLY A 1 121 ? 11.564  11.085  3.836   1.00 24.80 ? 130 GLY A O   1 
ATOM   937  N N   . PHE A 1 122 ? 11.065  9.623   2.198   1.00 23.43 ? 131 PHE A N   1 
ATOM   938  C CA  . PHE A 1 122 ? 9.668   10.041  2.150   1.00 23.22 ? 131 PHE A CA  1 
ATOM   939  C C   . PHE A 1 122 ? 8.921   9.615   3.409   1.00 22.06 ? 131 PHE A C   1 
ATOM   940  O O   . PHE A 1 122 ? 8.148   10.398  3.974   1.00 21.40 ? 131 PHE A O   1 
ATOM   941  C CB  . PHE A 1 122 ? 8.993   9.468   0.904   1.00 21.34 ? 131 PHE A CB  1 
ATOM   942  C CG  . PHE A 1 122 ? 7.490   9.499   0.956   1.00 23.39 ? 131 PHE A CG  1 
ATOM   943  C CD1 . PHE A 1 122 ? 6.803   10.699  0.840   1.00 24.34 ? 131 PHE A CD1 1 
ATOM   944  C CD2 . PHE A 1 122 ? 6.762   8.329   1.116   1.00 21.38 ? 131 PHE A CD2 1 
ATOM   945  C CE1 . PHE A 1 122 ? 5.418   10.732  0.885   1.00 21.42 ? 131 PHE A CE1 1 
ATOM   946  C CE2 . PHE A 1 122 ? 5.376   8.357   1.163   1.00 21.14 ? 131 PHE A CE2 1 
ATOM   947  C CZ  . PHE A 1 122 ? 4.705   9.561   1.047   1.00 19.04 ? 131 PHE A CZ  1 
ATOM   948  N N   . TYR A 1 123 ? 9.149   8.382   3.869   1.00 21.75 ? 132 TYR A N   1 
ATOM   949  C CA  . TYR A 1 123 ? 8.431   7.880   5.037   1.00 21.55 ? 132 TYR A CA  1 
ATOM   950  C C   . TYR A 1 123 ? 8.943   8.518   6.322   1.00 21.67 ? 132 TYR A C   1 
ATOM   951  O O   . TYR A 1 123 ? 8.158   8.798   7.234   1.00 21.49 ? 132 TYR A O   1 
ATOM   952  C CB  . TYR A 1 123 ? 8.538   6.358   5.102   1.00 20.07 ? 132 TYR A CB  1 
ATOM   953  C CG  . TYR A 1 123 ? 7.847   5.677   3.945   1.00 21.59 ? 132 TYR A CG  1 
ATOM   954  C CD1 . TYR A 1 123 ? 6.464   5.727   3.816   1.00 23.27 ? 132 TYR A CD1 1 
ATOM   955  C CD2 . TYR A 1 123 ? 8.572   5.001   2.974   1.00 21.20 ? 132 TYR A CD2 1 
ATOM   956  C CE1 . TYR A 1 123 ? 5.822   5.115   2.758   1.00 22.36 ? 132 TYR A CE1 1 
ATOM   957  C CE2 . TYR A 1 123 ? 7.940   4.386   1.911   1.00 21.88 ? 132 TYR A CE2 1 
ATOM   958  C CZ  . TYR A 1 123 ? 6.565   4.446   1.808   1.00 22.71 ? 132 TYR A CZ  1 
ATOM   959  O OH  . TYR A 1 123 ? 5.927   3.837   0.755   1.00 24.99 ? 132 TYR A OH  1 
ATOM   960  N N   . GLU A 1 124 ? 10.255  8.749   6.414   1.00 20.97 ? 133 GLU A N   1 
ATOM   961  C CA  . GLU A 1 124 ? 10.792  9.469   7.565   1.00 22.66 ? 133 GLU A CA  1 
ATOM   962  C C   . GLU A 1 124 ? 10.171  10.854  7.677   1.00 23.18 ? 133 GLU A C   1 
ATOM   963  O O   . GLU A 1 124 ? 9.890   11.331  8.782   1.00 24.64 ? 133 GLU A O   1 
ATOM   964  C CB  . GLU A 1 124 ? 12.314  9.572   7.459   1.00 23.56 ? 133 GLU A CB  1 
ATOM   965  N N   . ARG A 1 125 ? 9.929   11.504  6.537   1.00 23.45 ? 134 ARG A N   1 
ATOM   966  C CA  . ARG A 1 125 ? 9.353   12.842  6.545   1.00 24.00 ? 134 ARG A CA  1 
ATOM   967  C C   . ARG A 1 125 ? 7.949   12.844  7.143   1.00 25.18 ? 134 ARG A C   1 
ATOM   968  O O   . ARG A 1 125 ? 7.578   13.778  7.861   1.00 27.50 ? 134 ARG A O   1 
ATOM   969  C CB  . ARG A 1 125 ? 9.337   13.404  5.124   1.00 28.99 ? 134 ARG A CB  1 
ATOM   970  C CG  . ARG A 1 125 ? 8.802   14.823  5.001   1.00 38.00 ? 134 ARG A CG  1 
ATOM   971  C CD  . ARG A 1 125 ? 9.423   15.753  6.031   1.00 44.70 ? 134 ARG A CD  1 
ATOM   972  N NE  . ARG A 1 125 ? 9.128   17.155  5.743   1.00 53.31 ? 134 ARG A NE  1 
ATOM   973  C CZ  . ARG A 1 125 ? 9.883   17.934  4.973   1.00 55.08 ? 134 ARG A CZ  1 
ATOM   974  N NH1 . ARG A 1 125 ? 9.537   19.197  4.762   1.00 53.64 ? 134 ARG A NH1 1 
ATOM   975  N NH2 . ARG A 1 125 ? 10.985  17.451  4.413   1.00 53.77 ? 134 ARG A NH2 1 
ATOM   976  N N   . ILE A 1 126 ? 7.158   11.810  6.869   1.00 22.68 ? 135 ILE A N   1 
ATOM   977  C CA  . ILE A 1 126 ? 5.772   11.772  7.317   1.00 23.54 ? 135 ILE A CA  1 
ATOM   978  C C   . ILE A 1 126 ? 5.610   10.950  8.598   1.00 24.76 ? 135 ILE A C   1 
ATOM   979  O O   . ILE A 1 126 ? 4.498   10.544  8.931   1.00 26.65 ? 135 ILE A O   1 
ATOM   980  C CB  . ILE A 1 126 ? 4.828   11.276  6.211   1.00 23.32 ? 135 ILE A CB  1 
ATOM   981  C CG1 . ILE A 1 126 ? 5.126   9.819   5.856   1.00 22.85 ? 135 ILE A CG1 1 
ATOM   982  C CG2 . ILE A 1 126 ? 4.948   12.165  4.982   1.00 24.01 ? 135 ILE A CG2 1 
ATOM   983  C CD1 . ILE A 1 126 ? 4.159   9.234   4.854   1.00 22.35 ? 135 ILE A CD1 1 
ATOM   984  N N   . GLY A 1 127 ? 6.696   10.695  9.316   1.00 23.43 ? 136 GLY A N   1 
ATOM   985  C CA  . GLY A 1 127 ? 6.613   10.193  10.670  1.00 23.12 ? 136 GLY A CA  1 
ATOM   986  C C   . GLY A 1 127 ? 6.884   8.716   10.886  1.00 23.31 ? 136 GLY A C   1 
ATOM   987  O O   . GLY A 1 127 ? 6.487   8.185   11.929  1.00 24.09 ? 136 GLY A O   1 
ATOM   988  N N   . TYR A 1 128 ? 7.542   8.041   9.953   1.00 21.13 ? 137 TYR A N   1 
ATOM   989  C CA  . TYR A 1 128 ? 7.898   6.645   10.159  1.00 19.20 ? 137 TYR A CA  1 
ATOM   990  C C   . TYR A 1 128 ? 9.294   6.539   10.758  1.00 22.06 ? 137 TYR A C   1 
ATOM   991  O O   . TYR A 1 128 ? 10.165  7.376   10.508  1.00 21.77 ? 137 TYR A O   1 
ATOM   992  C CB  . TYR A 1 128 ? 7.817   5.860   8.849   1.00 19.40 ? 137 TYR A CB  1 
ATOM   993  C CG  . TYR A 1 128 ? 6.400   5.482   8.491   1.00 19.57 ? 137 TYR A CG  1 
ATOM   994  C CD1 . TYR A 1 128 ? 5.516   6.431   7.992   1.00 21.16 ? 137 TYR A CD1 1 
ATOM   995  C CD2 . TYR A 1 128 ? 5.937   4.186   8.673   1.00 20.07 ? 137 TYR A CD2 1 
ATOM   996  C CE1 . TYR A 1 128 ? 4.212   6.098   7.675   1.00 19.94 ? 137 TYR A CE1 1 
ATOM   997  C CE2 . TYR A 1 128 ? 4.633   3.843   8.360   1.00 19.60 ? 137 TYR A CE2 1 
ATOM   998  C CZ  . TYR A 1 128 ? 3.776   4.805   7.861   1.00 19.91 ? 137 TYR A CZ  1 
ATOM   999  O OH  . TYR A 1 128 ? 2.478   4.476   7.549   1.00 21.72 ? 137 TYR A OH  1 
ATOM   1000 N N   . GLU A 1 129 ? 9.490   5.507   11.573  1.00 20.42 ? 138 GLU A N   1 
ATOM   1001 C CA  . GLU A 1 129 ? 10.761  5.234   12.225  1.00 20.95 ? 138 GLU A CA  1 
ATOM   1002 C C   . GLU A 1 129 ? 11.379  3.975   11.636  1.00 22.98 ? 138 GLU A C   1 
ATOM   1003 O O   . GLU A 1 129 ? 10.675  2.994   11.384  1.00 22.72 ? 138 GLU A O   1 
ATOM   1004 C CB  . GLU A 1 129 ? 10.579  5.049   13.736  1.00 21.95 ? 138 GLU A CB  1 
ATOM   1005 C CG  . GLU A 1 129 ? 10.411  6.339   14.517  1.00 29.24 ? 138 GLU A CG  1 
ATOM   1006 C CD  . GLU A 1 129 ? 10.429  6.116   16.021  1.00 31.64 ? 138 GLU A CD  1 
ATOM   1007 N N   . TYR A 1 130 ? 12.693  4.007   11.423  1.00 22.98 ? 139 TYR A N   1 
ATOM   1008 C CA  . TYR A 1 130 ? 13.401  2.794   11.039  1.00 21.99 ? 139 TYR A CA  1 
ATOM   1009 C C   . TYR A 1 130 ? 13.266  1.753   12.142  1.00 23.04 ? 139 TYR A C   1 
ATOM   1010 O O   . TYR A 1 130 ? 13.234  2.083   13.331  1.00 23.46 ? 139 TYR A O   1 
ATOM   1011 C CB  . TYR A 1 130 ? 14.878  3.089   10.773  1.00 21.95 ? 139 TYR A CB  1 
ATOM   1012 C CG  . TYR A 1 130 ? 15.123  4.031   9.618   1.00 23.38 ? 139 TYR A CG  1 
ATOM   1013 C CD1 . TYR A 1 130 ? 15.190  5.403   9.819   1.00 25.76 ? 139 TYR A CD1 1 
ATOM   1014 C CD2 . TYR A 1 130 ? 15.291  3.548   8.325   1.00 23.52 ? 139 TYR A CD2 1 
ATOM   1015 C CE1 . TYR A 1 130 ? 15.416  6.269   8.767   1.00 24.61 ? 139 TYR A CE1 1 
ATOM   1016 C CE2 . TYR A 1 130 ? 15.517  4.408   7.265   1.00 23.80 ? 139 TYR A CE2 1 
ATOM   1017 C CZ  . TYR A 1 130 ? 15.579  5.768   7.494   1.00 24.36 ? 139 TYR A CZ  1 
ATOM   1018 O OH  . TYR A 1 130 ? 15.803  6.630   6.446   1.00 26.38 ? 139 TYR A OH  1 
ATOM   1019 N N   . CYS A 1 131 ? 13.180  0.486   11.743  1.00 23.53 ? 140 CYS A N   1 
ATOM   1020 C CA  . CYS A 1 131 ? 13.023  -0.596  12.704  1.00 26.68 ? 140 CYS A CA  1 
ATOM   1021 C C   . CYS A 1 131 ? 13.643  -1.867  12.142  1.00 27.34 ? 140 CYS A C   1 
ATOM   1022 O O   . CYS A 1 131 ? 13.999  -1.946  10.963  1.00 26.11 ? 140 CYS A O   1 
ATOM   1023 C CB  . CYS A 1 131 ? 11.548  -0.820  13.053  1.00 23.94 ? 140 CYS A CB  1 
ATOM   1024 S SG  . CYS A 1 131 ? 10.557  -1.420  11.671  1.00 24.65 ? 140 CYS A SG  1 
ATOM   1025 N N   . ALA A 1 132 ? 13.770  -2.868  13.010  1.00 27.91 ? 141 ALA A N   1 
ATOM   1026 C CA  . ALA A 1 132 ? 14.309  -4.150  12.596  1.00 30.11 ? 141 ALA A CA  1 
ATOM   1027 C C   . ALA A 1 132 ? 13.345  -4.840  11.630  1.00 30.46 ? 141 ALA A C   1 
ATOM   1028 O O   . ALA A 1 132 ? 12.136  -4.594  11.669  1.00 30.28 ? 141 ALA A O   1 
ATOM   1029 C CB  . ALA A 1 132 ? 14.562  -5.041  13.808  1.00 28.26 ? 141 ALA A CB  1 
ATOM   1030 N N   . PRO A 1 133 ? 13.858  -5.697  10.747  1.00 29.24 ? 142 PRO A N   1 
ATOM   1031 C CA  . PRO A 1 133 ? 12.979  -6.376  9.786   1.00 28.69 ? 142 PRO A CA  1 
ATOM   1032 C C   . PRO A 1 133 ? 11.927  -7.231  10.475  1.00 26.69 ? 142 PRO A C   1 
ATOM   1033 O O   . PRO A 1 133 ? 12.154  -7.805  11.542  1.00 27.76 ? 142 PRO A O   1 
ATOM   1034 C CB  . PRO A 1 133 ? 13.947  -7.240  8.968   1.00 26.44 ? 142 PRO A CB  1 
ATOM   1035 C CG  . PRO A 1 133 ? 15.259  -6.551  9.088   1.00 28.76 ? 142 PRO A CG  1 
ATOM   1036 C CD  . PRO A 1 133 ? 15.282  -5.964  10.474  1.00 28.28 ? 142 PRO A CD  1 
ATOM   1037 N N   . ILE A 1 134 ? 10.756  -7.300  9.846   1.00 27.68 ? 143 ILE A N   1 
ATOM   1038 C CA  . ILE A 1 134 ? 9.676   -8.176  10.276  1.00 27.67 ? 143 ILE A CA  1 
ATOM   1039 C C   . ILE A 1 134 ? 9.217   -8.993  9.076   1.00 29.67 ? 143 ILE A C   1 
ATOM   1040 O O   . ILE A 1 134 ? 9.478   -8.653  7.920   1.00 31.76 ? 143 ILE A O   1 
ATOM   1041 C CB  . ILE A 1 134 ? 8.482   -7.402  10.877  1.00 29.19 ? 143 ILE A CB  1 
ATOM   1042 C CG1 . ILE A 1 134 ? 7.849   -6.502  9.817   1.00 29.00 ? 143 ILE A CG1 1 
ATOM   1043 C CG2 . ILE A 1 134 ? 8.914   -6.591  12.089  1.00 28.57 ? 143 ILE A CG2 1 
ATOM   1044 C CD1 . ILE A 1 134 ? 6.353   -6.659  9.705   1.00 28.69 ? 143 ILE A CD1 1 
ATOM   1045 N N   . THR A 1 135 ? 8.528   -10.090 9.367   1.00 28.52 ? 144 THR A N   1 
ATOM   1046 C CA  . THR A 1 135 ? 7.935   -10.935 8.344   1.00 27.94 ? 144 THR A CA  1 
ATOM   1047 C C   . THR A 1 135 ? 6.428   -10.969 8.544   1.00 28.30 ? 144 THR A C   1 
ATOM   1048 O O   . THR A 1 135 ? 5.939   -10.945 9.678   1.00 28.60 ? 144 THR A O   1 
ATOM   1049 C CB  . THR A 1 135 ? 8.514   -12.359 8.381   1.00 29.87 ? 144 THR A CB  1 
ATOM   1050 O OG1 . THR A 1 135 ? 7.891   -13.162 7.371   1.00 29.97 ? 144 THR A OG1 1 
ATOM   1051 C CG2 . THR A 1 135 ? 8.299   -12.999 9.749   1.00 30.24 ? 144 THR A CG2 1 
ATOM   1052 N N   . MET A 1 136 ? 5.695   -11.001 7.438   1.00 31.12 ? 145 MET A N   1 
ATOM   1053 C CA  . MET A 1 136 ? 4.246   -11.078 7.500   1.00 32.42 ? 145 MET A CA  1 
ATOM   1054 C C   . MET A 1 136 ? 3.732   -12.508 7.464   1.00 32.21 ? 145 MET A C   1 
ATOM   1055 O O   . MET A 1 136 ? 2.529   -12.725 7.653   1.00 30.84 ? 145 MET A O   1 
ATOM   1056 C CB  . MET A 1 136 ? 3.628   -10.279 6.350   1.00 31.56 ? 145 MET A CB  1 
ATOM   1057 C CG  . MET A 1 136 ? 3.981   -10.805 4.972   1.00 36.96 ? 145 MET A CG  1 
ATOM   1058 S SD  . MET A 1 136 ? 3.653   -9.567  3.706   1.00 50.45 ? 145 MET A SD  1 
ATOM   1059 C CE  . MET A 1 136 ? 2.260   -8.732  4.446   1.00 29.88 ? 145 MET A CE  1 
ATOM   1060 N N   . TYR A 1 137 ? 4.606   -13.481 7.235   1.00 31.31 ? 146 TYR A N   1 
ATOM   1061 C CA  . TYR A 1 137 ? 4.229   -14.880 7.127   1.00 29.77 ? 146 TYR A CA  1 
ATOM   1062 C C   . TYR A 1 137 ? 4.594   -15.636 8.399   1.00 29.65 ? 146 TYR A C   1 
ATOM   1063 O O   . TYR A 1 137 ? 5.354   -15.161 9.244   1.00 28.91 ? 146 TYR A O   1 
ATOM   1064 C CB  . TYR A 1 137 ? 4.909   -15.517 5.913   1.00 33.25 ? 146 TYR A CB  1 
ATOM   1065 C CG  . TYR A 1 137 ? 4.799   -14.679 4.660   1.00 38.79 ? 146 TYR A CG  1 
ATOM   1066 C CD1 . TYR A 1 137 ? 3.592   -14.568 3.978   1.00 41.67 ? 146 TYR A CD1 1 
ATOM   1067 C CD2 . TYR A 1 137 ? 5.896   -13.985 4.166   1.00 38.41 ? 146 TYR A CD2 1 
ATOM   1068 C CE1 . TYR A 1 137 ? 3.483   -13.798 2.832   1.00 44.06 ? 146 TYR A CE1 1 
ATOM   1069 C CE2 . TYR A 1 137 ? 5.797   -13.212 3.021   1.00 43.50 ? 146 TYR A CE2 1 
ATOM   1070 C CZ  . TYR A 1 137 ? 4.587   -13.121 2.358   1.00 47.94 ? 146 TYR A CZ  1 
ATOM   1071 O OH  . TYR A 1 137 ? 4.477   -12.353 1.219   1.00 49.98 ? 146 TYR A OH  1 
ATOM   1072 N N   . GLY A 1 138 ? 4.032   -16.837 8.525   1.00 28.35 ? 147 GLY A N   1 
ATOM   1073 C CA  . GLY A 1 138 ? 4.368   -17.710 9.624   1.00 27.51 ? 147 GLY A CA  1 
ATOM   1074 C C   . GLY A 1 138 ? 5.720   -18.363 9.435   1.00 25.95 ? 147 GLY A C   1 
ATOM   1075 O O   . GLY A 1 138 ? 6.417   -18.164 8.431   1.00 26.21 ? 147 GLY A O   1 
ATOM   1076 N N   . PRO A 1 139 ? 6.112   -19.173 10.422  1.00 23.47 ? 148 PRO A N   1 
ATOM   1077 C CA  . PRO A 1 139 ? 7.453   -19.781 10.378  1.00 23.26 ? 148 PRO A CA  1 
ATOM   1078 C C   . PRO A 1 139 ? 7.602   -20.879 9.337   1.00 24.02 ? 148 PRO A C   1 
ATOM   1079 O O   . PRO A 1 139 ? 8.740   -21.205 8.977   1.00 26.26 ? 148 PRO A O   1 
ATOM   1080 C CB  . PRO A 1 139 ? 7.634   -20.331 11.798  1.00 25.53 ? 148 PRO A CB  1 
ATOM   1081 C CG  . PRO A 1 139 ? 6.243   -20.586 12.276  1.00 23.15 ? 148 PRO A CG  1 
ATOM   1082 C CD  . PRO A 1 139 ? 5.388   -19.508 11.661  1.00 24.66 ? 148 PRO A CD  1 
ATOM   1083 N N   . ARG A 1 140 ? 6.510   -21.466 8.847   1.00 21.96 ? 149 ARG A N   1 
ATOM   1084 C CA  . ARG A 1 140 ? 6.594   -22.500 7.813   1.00 24.34 ? 149 ARG A CA  1 
ATOM   1085 C C   . ARG A 1 140 ? 6.622   -21.828 6.440   1.00 28.08 ? 149 ARG A C   1 
ATOM   1086 O O   . ARG A 1 140 ? 5.675   -21.883 5.652   1.00 27.63 ? 149 ARG A O   1 
ATOM   1087 C CB  . ARG A 1 140 ? 5.435   -23.482 7.941   1.00 22.65 ? 149 ARG A CB  1 
ATOM   1088 C CG  . ARG A 1 140 ? 5.347   -24.140 9.309   1.00 20.97 ? 149 ARG A CG  1 
ATOM   1089 C CD  . ARG A 1 140 ? 4.278   -25.224 9.360   1.00 18.90 ? 149 ARG A CD  1 
ATOM   1090 N NE  . ARG A 1 140 ? 2.959   -24.751 8.949   1.00 17.42 ? 149 ARG A NE  1 
ATOM   1091 C CZ  . ARG A 1 140 ? 2.177   -23.968 9.687   1.00 19.30 ? 149 ARG A CZ  1 
ATOM   1092 N NH1 . ARG A 1 140 ? 2.578   -23.553 10.881  1.00 17.86 ? 149 ARG A NH1 1 
ATOM   1093 N NH2 . ARG A 1 140 ? 0.992   -23.595 9.227   1.00 20.55 ? 149 ARG A NH2 1 
ATOM   1094 N N   . HIS A 1 141 ? 7.752   -21.180 6.165   1.00 29.39 ? 150 HIS A N   1 
ATOM   1095 C CA  . HIS A 1 141 ? 7.885   -20.292 5.019   1.00 30.72 ? 150 HIS A CA  1 
ATOM   1096 C C   . HIS A 1 141 ? 9.178   -20.563 4.263   1.00 28.60 ? 150 HIS A C   1 
ATOM   1097 O O   . HIS A 1 141 ? 10.228  -20.802 4.865   1.00 27.85 ? 150 HIS A O   1 
ATOM   1098 C CB  . HIS A 1 141 ? 7.857   -18.825 5.459   1.00 32.15 ? 150 HIS A CB  1 
ATOM   1099 C CG  . HIS A 1 141 ? 7.801   -17.855 4.322   1.00 34.67 ? 150 HIS A CG  1 
ATOM   1100 N ND1 . HIS A 1 141 ? 6.725   -17.772 3.464   1.00 36.33 ? 150 HIS A ND1 1 
ATOM   1101 C CD2 . HIS A 1 141 ? 8.694   -16.929 3.897   1.00 33.67 ? 150 HIS A CD2 1 
ATOM   1102 C CE1 . HIS A 1 141 ? 6.954   -16.833 2.563   1.00 36.80 ? 150 HIS A CE1 1 
ATOM   1103 N NE2 . HIS A 1 141 ? 8.142   -16.307 2.803   1.00 36.52 ? 150 HIS A NE2 1 
ATOM   1104 N N   . CYS A 1 142 ? 9.089   -20.512 2.936   1.00 26.63 ? 151 CYS A N   1 
ATOM   1105 C CA  . CYS A 1 142 ? 10.262  -20.552 2.067   1.00 25.82 ? 151 CYS A CA  1 
ATOM   1106 C C   . CYS A 1 142 ? 9.854   -19.962 0.729   1.00 26.08 ? 151 CYS A C   1 
ATOM   1107 O O   . CYS A 1 142 ? 8.938   -20.481 0.083   1.00 27.40 ? 151 CYS A O   1 
ATOM   1108 C CB  . CYS A 1 142 ? 10.789  -21.980 1.895   1.00 23.91 ? 151 CYS A CB  1 
ATOM   1109 S SG  . CYS A 1 142 ? 12.153  -22.132 0.701   1.00 27.89 ? 151 CYS A SG  1 
ATOM   1110 N N   . GLU A 1 143 ? 10.507  -18.878 0.317   1.00 24.13 ? 152 GLU A N   1 
ATOM   1111 C CA  . GLU A 1 143 ? 10.229  -18.272 -0.975  1.00 24.36 ? 152 GLU A CA  1 
ATOM   1112 C C   . GLU A 1 143 ? 11.521  -18.152 -1.769  1.00 23.84 ? 152 GLU A C   1 
ATOM   1113 O O   . GLU A 1 143 ? 12.623  -18.255 -1.224  1.00 21.45 ? 152 GLU A O   1 
ATOM   1114 C CB  . GLU A 1 143 ? 9.557   -16.899 -0.839  1.00 27.23 ? 152 GLU A CB  1 
ATOM   1115 C CG  . GLU A 1 143 ? 10.392  -15.839 -0.150  1.00 34.59 ? 152 GLU A CG  1 
ATOM   1116 C CD  . GLU A 1 143 ? 9.717   -14.479 -0.165  1.00 41.23 ? 152 GLU A CD  1 
ATOM   1117 O OE1 . GLU A 1 143 ? 10.364  -13.495 -0.585  1.00 43.99 ? 152 GLU A OE1 1 
ATOM   1118 O OE2 . GLU A 1 143 ? 8.533   -14.397 0.228   1.00 46.30 ? 152 GLU A OE2 1 
ATOM   1119 N N   . LEU A 1 144 ? 11.362  -17.945 -3.072  1.00 22.43 ? 153 LEU A N   1 
ATOM   1120 C CA  . LEU A 1 144 ? 12.506  -17.861 -3.969  1.00 22.07 ? 153 LEU A CA  1 
ATOM   1121 C C   . LEU A 1 144 ? 13.436  -16.735 -3.527  1.00 21.57 ? 153 LEU A C   1 
ATOM   1122 O O   . LEU A 1 144 ? 12.976  -15.602 -3.322  1.00 23.10 ? 153 LEU A O   1 
ATOM   1123 C CB  . LEU A 1 144 ? 12.037  -17.629 -5.404  1.00 21.72 ? 153 LEU A CB  1 
ATOM   1124 C CG  . LEU A 1 144 ? 13.104  -17.741 -6.493  1.00 20.55 ? 153 LEU A CG  1 
ATOM   1125 C CD1 . LEU A 1 144 ? 13.359  -19.197 -6.826  1.00 19.69 ? 153 LEU A CD1 1 
ATOM   1126 C CD2 . LEU A 1 144 ? 12.682  -16.965 -7.727  1.00 20.84 ? 153 LEU A CD2 1 
ATOM   1127 N N   . PRO A 1 145 ? 14.731  -16.996 -3.360  1.00 21.81 ? 154 PRO A N   1 
ATOM   1128 C CA  . PRO A 1 145 ? 15.631  -15.959 -2.849  1.00 22.64 ? 154 PRO A CA  1 
ATOM   1129 C C   . PRO A 1 145 ? 15.893  -14.877 -3.883  1.00 22.98 ? 154 PRO A C   1 
ATOM   1130 O O   . PRO A 1 145 ? 15.928  -15.126 -5.090  1.00 21.52 ? 154 PRO A O   1 
ATOM   1131 C CB  . PRO A 1 145 ? 16.912  -16.732 -2.520  1.00 23.82 ? 154 PRO A CB  1 
ATOM   1132 C CG  . PRO A 1 145 ? 16.887  -17.892 -3.447  1.00 23.94 ? 154 PRO A CG  1 
ATOM   1133 C CD  . PRO A 1 145 ? 15.436  -18.265 -3.610  1.00 22.40 ? 154 PRO A CD  1 
ATOM   1134 N N   . SER A 1 146 ? 16.082  -13.659 -3.384  1.00 22.62 ? 155 SER A N   1 
ATOM   1135 C CA  . SER A 1 146 ? 16.391  -12.508 -4.217  1.00 23.62 ? 155 SER A CA  1 
ATOM   1136 C C   . SER A 1 146 ? 17.282  -11.572 -3.419  1.00 24.76 ? 155 SER A C   1 
ATOM   1137 O O   . SER A 1 146 ? 17.076  -11.395 -2.215  1.00 25.53 ? 155 SER A O   1 
ATOM   1138 C CB  . SER A 1 146 ? 15.118  -11.781 -4.664  1.00 26.32 ? 155 SER A CB  1 
ATOM   1139 O OG  . SER A 1 146 ? 15.405  -10.473 -5.124  1.00 25.70 ? 155 SER A OG  1 
ATOM   1140 N N   . LEU A 1 147 ? 18.270  -10.975 -4.090  1.00 23.91 ? 156 LEU A N   1 
ATOM   1141 C CA  . LEU A 1 147 ? 19.155  -10.030 -3.414  1.00 24.84 ? 156 LEU A CA  1 
ATOM   1142 C C   . LEU A 1 147 ? 18.430  -8.758  -2.991  1.00 25.51 ? 156 LEU A C   1 
ATOM   1143 O O   . LEU A 1 147 ? 18.952  -8.015  -2.152  1.00 23.10 ? 156 LEU A O   1 
ATOM   1144 C CB  . LEU A 1 147 ? 20.340  -9.674  -4.315  1.00 25.23 ? 156 LEU A CB  1 
ATOM   1145 C CG  . LEU A 1 147 ? 21.385  -10.759 -4.592  1.00 22.93 ? 156 LEU A CG  1 
ATOM   1146 C CD1 . LEU A 1 147 ? 22.561  -10.170 -5.353  1.00 23.79 ? 156 LEU A CD1 1 
ATOM   1147 C CD2 . LEU A 1 147 ? 21.855  -11.411 -3.303  1.00 21.07 ? 156 LEU A CD2 1 
ATOM   1148 N N   . GLN A 1 148 ? 17.246  -8.493  -3.545  1.00 24.20 ? 157 GLN A N   1 
ATOM   1149 C CA  . GLN A 1 148 ? 16.507  -7.289  -3.178  1.00 26.18 ? 157 GLN A CA  1 
ATOM   1150 C C   . GLN A 1 148 ? 16.032  -7.325  -1.731  1.00 26.73 ? 157 GLN A C   1 
ATOM   1151 O O   . GLN A 1 148 ? 15.818  -6.267  -1.129  1.00 28.59 ? 157 GLN A O   1 
ATOM   1152 C CB  . GLN A 1 148 ? 15.311  -7.103  -4.112  1.00 28.01 ? 157 GLN A CB  1 
ATOM   1153 C CG  . GLN A 1 148 ? 15.679  -6.907  -5.571  1.00 29.79 ? 157 GLN A CG  1 
ATOM   1154 C CD  . GLN A 1 148 ? 16.305  -5.553  -5.837  1.00 33.52 ? 157 GLN A CD  1 
ATOM   1155 O OE1 . GLN A 1 148 ? 17.528  -5.416  -5.873  1.00 33.62 ? 157 GLN A OE1 1 
ATOM   1156 N NE2 . GLN A 1 148 ? 15.465  -4.542  -6.029  1.00 32.47 ? 157 GLN A NE2 1 
ATOM   1157 N N   . ASN A 1 149 ? 15.863  -8.519  -1.160  1.00 25.11 ? 158 ASN A N   1 
ATOM   1158 C CA  . ASN A 1 149 ? 15.313  -8.628  0.188   1.00 27.56 ? 158 ASN A CA  1 
ATOM   1159 C C   . ASN A 1 149 ? 16.224  -7.971  1.221   1.00 28.31 ? 158 ASN A C   1 
ATOM   1160 O O   . ASN A 1 149 ? 15.750  -7.255  2.112   1.00 26.36 ? 158 ASN A O   1 
ATOM   1161 C CB  . ASN A 1 149 ? 15.069  -10.096 0.537   1.00 26.73 ? 158 ASN A CB  1 
ATOM   1162 C CG  . ASN A 1 149 ? 13.964  -10.715 -0.302  1.00 31.14 ? 158 ASN A CG  1 
ATOM   1163 O OD1 . ASN A 1 149 ? 13.005  -10.039 -0.676  1.00 33.36 ? 158 ASN A OD1 1 
ATOM   1164 N ND2 . ASN A 1 149 ? 14.096  -12.003 -0.608  1.00 31.90 ? 158 ASN A ND2 1 
ATOM   1165 N N   . ALA A 1 150 ? 17.534  -8.197  1.117   1.00 25.47 ? 159 ALA A N   1 
ATOM   1166 C CA  . ALA A 1 150 ? 18.465  -7.588  2.057   1.00 28.87 ? 159 ALA A CA  1 
ATOM   1167 C C   . ALA A 1 150 ? 18.661  -6.096  1.813   1.00 27.39 ? 159 ALA A C   1 
ATOM   1168 O O   . ALA A 1 150 ? 19.225  -5.414  2.677   1.00 28.91 ? 159 ALA A O   1 
ATOM   1169 C CB  . ALA A 1 150 ? 19.814  -8.308  2.001   1.00 26.58 ? 159 ALA A CB  1 
ATOM   1170 N N   . LYS A 1 151 ? 18.219  -5.577  0.667   1.00 26.54 ? 160 LYS A N   1 
ATOM   1171 C CA  . LYS A 1 151 ? 18.257  -4.141  0.425   1.00 27.27 ? 160 LYS A CA  1 
ATOM   1172 C C   . LYS A 1 151 ? 17.140  -3.399  1.143   1.00 27.94 ? 160 LYS A C   1 
ATOM   1173 O O   . LYS A 1 151 ? 17.268  -2.194  1.383   1.00 27.34 ? 160 LYS A O   1 
ATOM   1174 C CB  . LYS A 1 151 ? 18.151  -3.842  -1.071  1.00 27.06 ? 160 LYS A CB  1 
ATOM   1175 C CG  . LYS A 1 151 ? 19.311  -4.322  -1.918  1.00 28.32 ? 160 LYS A CG  1 
ATOM   1176 C CD  . LYS A 1 151 ? 19.099  -3.889  -3.362  1.00 31.44 ? 160 LYS A CD  1 
ATOM   1177 C CE  . LYS A 1 151 ? 20.185  -4.415  -4.287  1.00 33.55 ? 160 LYS A CE  1 
ATOM   1178 N NZ  . LYS A 1 151 ? 20.005  -3.902  -5.677  1.00 31.34 ? 160 LYS A NZ  1 
ATOM   1179 N N   . LYS A 1 152 ? 16.050  -4.086  1.475   1.00 27.11 ? 161 LYS A N   1 
ATOM   1180 C CA  . LYS A 1 152 ? 14.881  -3.422  2.030   1.00 23.50 ? 161 LYS A CA  1 
ATOM   1181 C C   . LYS A 1 152 ? 15.198  -2.813  3.388   1.00 25.57 ? 161 LYS A C   1 
ATOM   1182 O O   . LYS A 1 152 ? 15.891  -3.413  4.214   1.00 28.32 ? 161 LYS A O   1 
ATOM   1183 C CB  . LYS A 1 152 ? 13.728  -4.414  2.160   1.00 23.79 ? 161 LYS A CB  1 
ATOM   1184 C CG  . LYS A 1 152 ? 13.214  -4.937  0.833   1.00 23.91 ? 161 LYS A CG  1 
ATOM   1185 C CD  . LYS A 1 152 ? 12.097  -5.938  1.048   1.00 26.43 ? 161 LYS A CD  1 
ATOM   1186 C CE  . LYS A 1 152 ? 11.385  -6.262  -0.253  1.00 29.65 ? 161 LYS A CE  1 
ATOM   1187 N NZ  . LYS A 1 152 ? 10.244  -7.195  -0.032  1.00 35.52 ? 161 LYS A NZ  1 
ATOM   1188 N N   . LYS A 1 153 ? 14.693  -1.605  3.608   1.00 23.51 ? 162 LYS A N   1 
ATOM   1189 C CA  . LYS A 1 153 ? 14.762  -0.939  4.901   1.00 22.67 ? 162 LYS A CA  1 
ATOM   1190 C C   . LYS A 1 153 ? 13.366  -0.958  5.505   1.00 22.61 ? 162 LYS A C   1 
ATOM   1191 O O   . LYS A 1 153 ? 12.429  -0.400  4.923   1.00 22.18 ? 162 LYS A O   1 
ATOM   1192 C CB  . LYS A 1 153 ? 15.269  0.496   4.756   1.00 23.06 ? 162 LYS A CB  1 
ATOM   1193 C CG  . LYS A 1 153 ? 16.519  0.622   3.907   1.00 27.25 ? 162 LYS A CG  1 
ATOM   1194 C CD  . LYS A 1 153 ? 16.873  2.075   3.670   1.00 30.76 ? 162 LYS A CD  1 
ATOM   1195 C CE  . LYS A 1 153 ? 18.103  2.207   2.787   1.00 35.53 ? 162 LYS A CE  1 
ATOM   1196 N NZ  . LYS A 1 153 ? 19.269  1.472   3.349   1.00 41.22 ? 162 LYS A NZ  1 
ATOM   1197 N N   . TYR A 1 154 ? 13.225  -1.604  6.655   1.00 21.41 ? 163 TYR A N   1 
ATOM   1198 C CA  . TYR A 1 154 ? 11.928  -1.713  7.305   1.00 20.79 ? 163 TYR A CA  1 
ATOM   1199 C C   . TYR A 1 154 ? 11.680  -0.505  8.200   1.00 22.67 ? 163 TYR A C   1 
ATOM   1200 O O   . TYR A 1 154 ? 12.596  0.006   8.853   1.00 20.28 ? 163 TYR A O   1 
ATOM   1201 C CB  . TYR A 1 154 ? 11.833  -3.009  8.108   1.00 21.52 ? 163 TYR A CB  1 
ATOM   1202 C CG  . TYR A 1 154 ? 11.653  -4.219  7.222   1.00 25.86 ? 163 TYR A CG  1 
ATOM   1203 C CD1 . TYR A 1 154 ? 12.721  -4.737  6.498   1.00 27.02 ? 163 TYR A CD1 1 
ATOM   1204 C CD2 . TYR A 1 154 ? 10.411  -4.827  7.082   1.00 25.98 ? 163 TYR A CD2 1 
ATOM   1205 C CE1 . TYR A 1 154 ? 12.560  -5.834  5.673   1.00 25.50 ? 163 TYR A CE1 1 
ATOM   1206 C CE2 . TYR A 1 154 ? 10.243  -5.925  6.260   1.00 24.29 ? 163 TYR A CE2 1 
ATOM   1207 C CZ  . TYR A 1 154 ? 11.322  -6.423  5.558   1.00 26.06 ? 163 TYR A CZ  1 
ATOM   1208 O OH  . TYR A 1 154 ? 11.162  -7.516  4.737   1.00 29.33 ? 163 TYR A OH  1 
ATOM   1209 N N   . MET A 1 155 ? 10.436  -0.035  8.197   1.00 20.89 ? 164 MET A N   1 
ATOM   1210 C CA  . MET A 1 155 ? 10.036  1.139   8.955   1.00 19.59 ? 164 MET A CA  1 
ATOM   1211 C C   . MET A 1 155 ? 8.666   0.885   9.564   1.00 19.49 ? 164 MET A C   1 
ATOM   1212 O O   . MET A 1 155 ? 7.900   0.042   9.090   1.00 20.67 ? 164 MET A O   1 
ATOM   1213 C CB  . MET A 1 155 ? 10.010  2.399   8.076   1.00 19.06 ? 164 MET A CB  1 
ATOM   1214 C CG  . MET A 1 155 ? 11.311  2.663   7.320   1.00 21.15 ? 164 MET A CG  1 
ATOM   1215 S SD  . MET A 1 155 ? 11.288  4.166   6.320   1.00 22.01 ? 164 MET A SD  1 
ATOM   1216 C CE  . MET A 1 155 ? 11.587  5.412   7.574   1.00 23.26 ? 164 MET A CE  1 
ATOM   1217 N N   . LYS A 1 156 ? 8.358   1.624   10.625  1.00 18.61 ? 165 LYS A N   1 
ATOM   1218 C CA  . LYS A 1 156 ? 7.087   1.465   11.311  1.00 19.84 ? 165 LYS A CA  1 
ATOM   1219 C C   . LYS A 1 156 ? 6.604   2.819   11.807  1.00 21.14 ? 165 LYS A C   1 
ATOM   1220 O O   . LYS A 1 156 ? 7.384   3.760   11.976  1.00 19.86 ? 165 LYS A O   1 
ATOM   1221 C CB  . LYS A 1 156 ? 7.193   0.483   12.486  1.00 19.87 ? 165 LYS A CB  1 
ATOM   1222 C CG  . LYS A 1 156 ? 8.158   0.928   13.578  1.00 23.77 ? 165 LYS A CG  1 
ATOM   1223 C CD  . LYS A 1 156 ? 8.348   -0.146  14.639  1.00 26.73 ? 165 LYS A CD  1 
ATOM   1224 C CE  . LYS A 1 156 ? 7.234   -0.122  15.670  1.00 26.52 ? 165 LYS A CE  1 
ATOM   1225 N NZ  . LYS A 1 156 ? 7.489   -1.108  16.756  1.00 30.94 ? 165 LYS A NZ  1 
ATOM   1226 N N   . LYS A 1 157 ? 5.297   2.905   12.037  1.00 19.81 ? 166 LYS A N   1 
ATOM   1227 C CA  . LYS A 1 157 ? 4.690   4.079   12.648  1.00 19.40 ? 166 LYS A CA  1 
ATOM   1228 C C   . LYS A 1 157 ? 3.669   3.615   13.672  1.00 20.65 ? 166 LYS A C   1 
ATOM   1229 O O   . LYS A 1 157 ? 2.705   2.928   13.321  1.00 20.59 ? 166 LYS A O   1 
ATOM   1230 C CB  . LYS A 1 157 ? 4.026   4.987   11.609  1.00 18.71 ? 166 LYS A CB  1 
ATOM   1231 C CG  . LYS A 1 157 ? 3.305   6.174   12.236  1.00 20.47 ? 166 LYS A CG  1 
ATOM   1232 C CD  . LYS A 1 157 ? 2.491   6.958   11.226  1.00 21.68 ? 166 LYS A CD  1 
ATOM   1233 C CE  . LYS A 1 157 ? 3.263   8.156   10.719  1.00 23.18 ? 166 LYS A CE  1 
ATOM   1234 N NZ  . LYS A 1 157 ? 2.349   9.257   10.315  1.00 26.91 ? 166 LYS A NZ  1 
ATOM   1235 N N   . VAL A 1 158 ? 3.888   3.977   14.933  1.00 21.44 ? 167 VAL A N   1 
ATOM   1236 C CA  . VAL A 1 158 ? 2.879   3.766   15.962  1.00 21.14 ? 167 VAL A CA  1 
ATOM   1237 C C   . VAL A 1 158 ? 1.760   4.772   15.740  1.00 23.27 ? 167 VAL A C   1 
ATOM   1238 O O   . VAL A 1 158 ? 1.986   5.987   15.765  1.00 22.75 ? 167 VAL A O   1 
ATOM   1239 C CB  . VAL A 1 158 ? 3.486   3.899   17.363  1.00 21.58 ? 167 VAL A CB  1 
ATOM   1240 C CG1 . VAL A 1 158 ? 2.405   3.758   18.423  1.00 24.27 ? 167 VAL A CG1 1 
ATOM   1241 C CG2 . VAL A 1 158 ? 4.577   2.859   17.564  1.00 22.86 ? 167 VAL A CG2 1 
ATOM   1242 N N   . LEU A 1 159 ? 0.553   4.271   15.509  1.00 23.28 ? 168 LEU A N   1 
ATOM   1243 C CA  . LEU A 1 159 ? -0.563  5.120   15.108  1.00 24.75 ? 168 LEU A CA  1 
ATOM   1244 C C   . LEU A 1 159 ? -1.058  6.007   16.246  1.00 29.99 ? 168 LEU A C   1 
ATOM   1245 O O   . LEU A 1 159 ? -0.902  5.673   17.425  1.00 26.99 ? 168 LEU A O   1 
ATOM   1246 C CB  . LEU A 1 159 ? -1.705  4.257   14.574  1.00 23.68 ? 168 LEU A CB  1 
ATOM   1247 C CG  . LEU A 1 159 ? -1.290  3.376   13.396  1.00 23.15 ? 168 LEU A CG  1 
ATOM   1248 C CD1 . LEU A 1 159 ? -2.481  2.624   12.820  1.00 22.80 ? 168 LEU A CD1 1 
ATOM   1249 C CD2 . LEU A 1 159 ? -0.607  4.224   12.328  1.00 24.13 ? 168 LEU A CD2 1 
ATOM   1250 O OXT . LEU A 1 159 ? -1.616  7.084   16.004  1.00 32.68 ? 168 LEU A OXT 1 
ATOM   1251 N N   . ASP B 2 1   ? 7.114   -1.415  -0.611  1.00 24.46 ? 1   ASP B N   1 
ATOM   1252 C CA  . ASP B 2 1   ? 7.640   -2.212  -1.715  1.00 25.25 ? 1   ASP B CA  1 
ATOM   1253 C C   . ASP B 2 1   ? 6.548   -3.058  -2.359  1.00 23.19 ? 1   ASP B C   1 
ATOM   1254 O O   . ASP B 2 1   ? 5.502   -3.303  -1.754  1.00 21.09 ? 1   ASP B O   1 
ATOM   1255 C CB  . ASP B 2 1   ? 8.780   -3.113  -1.233  1.00 27.24 ? 1   ASP B CB  1 
ATOM   1256 C CG  . ASP B 2 1   ? 10.100  -2.375  -1.123  1.00 31.36 ? 1   ASP B CG  1 
ATOM   1257 O OD1 . ASP B 2 1   ? 10.341  -1.464  -1.947  1.00 31.90 ? 1   ASP B OD1 1 
ATOM   1258 O OD2 . ASP B 2 1   ? 10.895  -2.705  -0.218  1.00 30.07 ? 1   ASP B OD2 1 
ATOM   1259 N N   . ASP B 2 2   ? 6.815   -3.492  -3.589  1.00 22.79 ? 2   ASP B N   1 
ATOM   1260 C CA  . ASP B 2 2   ? 5.890   -4.319  -4.357  1.00 22.89 ? 2   ASP B CA  1 
ATOM   1261 C C   . ASP B 2 2   ? 5.400   -5.499  -3.532  1.00 24.02 ? 2   ASP B C   1 
ATOM   1262 O O   . ASP B 2 2   ? 6.197   -6.313  -3.056  1.00 23.27 ? 2   ASP B O   1 
ATOM   1263 C CB  . ASP B 2 2   ? 6.598   -4.802  -5.627  1.00 24.49 ? 2   ASP B CB  1 
ATOM   1264 C CG  . ASP B 2 2   ? 5.659   -5.480  -6.613  1.00 27.97 ? 2   ASP B CG  1 
ATOM   1265 O OD1 . ASP B 2 2   ? 4.478   -5.716  -6.278  1.00 27.18 ? 2   ASP B OD1 1 
ATOM   1266 O OD2 . ASP B 2 2   ? 6.114   -5.780  -7.739  1.00 26.76 ? 2   ASP B OD2 1 
ATOM   1267 N N   . ASP B 2 3   ? 4.077   -5.590  -3.361  1.00 22.65 ? 3   ASP B N   1 
ATOM   1268 C CA  . ASP B 2 3   ? 3.503   -6.643  -2.531  1.00 23.49 ? 3   ASP B CA  1 
ATOM   1269 C C   . ASP B 2 3   ? 3.690   -8.033  -3.128  1.00 27.08 ? 3   ASP B C   1 
ATOM   1270 O O   . ASP B 2 3   ? 3.683   -9.015  -2.380  1.00 29.33 ? 3   ASP B O   1 
ATOM   1271 C CB  . ASP B 2 3   ? 2.015   -6.379  -2.287  1.00 24.34 ? 3   ASP B CB  1 
ATOM   1272 C CG  . ASP B 2 3   ? 1.160   -6.600  -3.529  1.00 30.69 ? 3   ASP B CG  1 
ATOM   1273 O OD1 . ASP B 2 3   ? 1.403   -5.933  -4.558  1.00 31.12 ? 3   ASP B OD1 1 
ATOM   1274 O OD2 . ASP B 2 3   ? 0.238   -7.442  -3.476  1.00 33.15 ? 3   ASP B OD2 1 
ATOM   1275 N N   . ILE B 2 4   ? 3.850   -8.142  -4.445  1.00 25.54 ? 4   ILE B N   1 
ATOM   1276 C CA  . ILE B 2 4   ? 4.093   -9.437  -5.072  1.00 27.41 ? 4   ILE B CA  1 
ATOM   1277 C C   . ILE B 2 4   ? 5.480   -9.467  -5.713  1.00 30.86 ? 4   ILE B C   1 
ATOM   1278 O O   . ILE B 2 4   ? 5.883   -10.474 -6.302  1.00 31.26 ? 4   ILE B O   1 
ATOM   1279 C CB  . ILE B 2 4   ? 3.012   -9.771  -6.116  1.00 29.47 ? 4   ILE B CB  1 
ATOM   1280 C CG1 . ILE B 2 4   ? 3.111   -8.819  -7.313  1.00 26.92 ? 4   ILE B CG1 1 
ATOM   1281 C CG2 . ILE B 2 4   ? 1.626   -9.727  -5.487  1.00 28.58 ? 4   ILE B CG2 1 
ATOM   1282 C CD1 . ILE B 2 4   ? 2.264   -9.235  -8.500  1.00 23.23 ? 4   ILE B CD1 1 
HETATM 1283 N N   . NH2 B 2 5   ? 6.598   -8.684  -5.287  1.00 27.04 ? 5   NH2 B N   1 
HETATM 1284 N N1A . CMC C 3 .   ? 13.261  11.968  0.364   1.00 29.03 ? 101 CMC B N1A 1 
HETATM 1285 C C2A . CMC C 3 .   ? 12.967  13.028  1.174   1.00 29.42 ? 101 CMC B C2A 1 
HETATM 1286 N N3A . CMC C 3 .   ? 11.742  13.634  1.088   1.00 30.48 ? 101 CMC B N3A 1 
HETATM 1287 C C4A . CMC C 3 .   ? 10.828  13.191  0.209   1.00 31.61 ? 101 CMC B C4A 1 
HETATM 1288 C C5A . CMC C 3 .   ? 11.118  12.132  -0.604  1.00 31.15 ? 101 CMC B C5A 1 
HETATM 1289 C C6A . CMC C 3 .   ? 12.351  11.521  -0.518  1.00 30.24 ? 101 CMC B C6A 1 
HETATM 1290 N N6A . CMC C 3 .   ? 12.650  10.423  -1.361  1.00 28.53 ? 101 CMC B N6A 1 
HETATM 1291 N N7A . CMC C 3 .   ? 10.034  11.895  -1.384  1.00 29.20 ? 101 CMC B N7A 1 
HETATM 1292 C C8A . CMC C 3 .   ? 9.080   12.794  -1.063  1.00 29.30 ? 101 CMC B C8A 1 
HETATM 1293 N N9A . CMC C 3 .   ? 9.578   13.595  -0.077  1.00 31.56 ? 101 CMC B N9A 1 
HETATM 1294 C C1B . CMC C 3 .   ? 8.921   14.655  0.558   1.00 33.44 ? 101 CMC B C1B 1 
HETATM 1295 C C2B . CMC C 3 .   ? 8.349   15.603  -0.402  1.00 37.15 ? 101 CMC B C2B 1 
HETATM 1296 O O2B . CMC C 3 .   ? 9.340   16.594  -0.796  1.00 40.71 ? 101 CMC B O2B 1 
HETATM 1297 C C3B . CMC C 3 .   ? 7.313   16.248  0.376   1.00 37.87 ? 101 CMC B C3B 1 
HETATM 1298 O O3B . CMC C 3 .   ? 7.993   17.226  1.205   1.00 46.43 ? 101 CMC B O3B 1 
HETATM 1299 P P3B . CMC C 3 .   ? 7.143   18.366  1.948   1.00 56.38 ? 101 CMC B P3B 1 
HETATM 1300 O O7A . CMC C 3 .   ? 6.046   17.735  2.773   1.00 45.77 ? 101 CMC B O7A 1 
HETATM 1301 O O8A . CMC C 3 .   ? 6.540   19.289  0.903   1.00 52.58 ? 101 CMC B O8A 1 
HETATM 1302 O O9A . CMC C 3 .   ? 8.073   19.149  2.843   1.00 53.50 ? 101 CMC B O9A 1 
HETATM 1303 C C4B . CMC C 3 .   ? 6.740   15.196  1.243   1.00 35.72 ? 101 CMC B C4B 1 
HETATM 1304 O O4B . CMC C 3 .   ? 7.766   14.144  1.340   1.00 34.26 ? 101 CMC B O4B 1 
HETATM 1305 C C5B . CMC C 3 .   ? 5.459   14.642  0.654   1.00 32.53 ? 101 CMC B C5B 1 
HETATM 1306 O O5B . CMC C 3 .   ? 5.630   14.491  -0.759  1.00 26.81 ? 101 CMC B O5B 1 
HETATM 1307 P P1A . CMC C 3 .   ? 4.486   13.846  -1.690  1.00 20.27 ? 101 CMC B P1A 1 
HETATM 1308 O O1A . CMC C 3 .   ? 3.292   13.442  -0.887  1.00 19.92 ? 101 CMC B O1A 1 
HETATM 1309 O O2A . CMC C 3 .   ? 4.097   14.843  -2.746  1.00 19.48 ? 101 CMC B O2A 1 
HETATM 1310 O O3A . CMC C 3 .   ? 5.158   12.551  -2.345  1.00 20.05 ? 101 CMC B O3A 1 
HETATM 1311 P P2A . CMC C 3 .   ? 4.670   11.763  -3.640  1.00 18.10 ? 101 CMC B P2A 1 
HETATM 1312 O O4A . CMC C 3 .   ? 3.244   12.157  -3.985  1.00 20.81 ? 101 CMC B O4A 1 
HETATM 1313 O O5A . CMC C 3 .   ? 5.588   12.067  -4.796  1.00 20.13 ? 101 CMC B O5A 1 
HETATM 1314 O O6A . CMC C 3 .   ? 4.722   10.163  -3.291  1.00 18.90 ? 101 CMC B O6A 1 
HETATM 1315 C CBP . CMC C 3 .   ? 6.065   8.213   -3.483  1.00 18.98 ? 101 CMC B CBP 1 
HETATM 1316 C CCP . CMC C 3 .   ? 5.924   9.595   -2.805  1.00 19.51 ? 101 CMC B CCP 1 
HETATM 1317 C CDP . CMC C 3 .   ? 4.961   7.263   -2.928  1.00 17.66 ? 101 CMC B CDP 1 
HETATM 1318 C CEP . CMC C 3 .   ? 7.478   7.613   -3.206  1.00 21.25 ? 101 CMC B CEP 1 
HETATM 1319 C CAP . CMC C 3 .   ? 5.866   8.468   -4.997  1.00 20.22 ? 101 CMC B CAP 1 
HETATM 1320 O OAP . CMC C 3 .   ? 6.851   9.355   -5.420  1.00 21.26 ? 101 CMC B OAP 1 
HETATM 1321 C C9P . CMC C 3 .   ? 5.932   7.214   -5.850  1.00 20.10 ? 101 CMC B C9P 1 
HETATM 1322 O O9P . CMC C 3 .   ? 4.906   6.562   -6.054  1.00 18.53 ? 101 CMC B O9P 1 
HETATM 1323 N N8P . CMC C 3 .   ? 7.204   6.816   -6.441  1.00 22.81 ? 101 CMC B N8P 1 
HETATM 1324 C C7P . CMC C 3 .   ? 7.350   5.655   -7.285  1.00 22.41 ? 101 CMC B C7P 1 
HETATM 1325 C C6P . CMC C 3 .   ? 6.915   4.327   -6.590  1.00 21.45 ? 101 CMC B C6P 1 
HETATM 1326 C C5P . CMC C 3 .   ? 7.618   4.175   -5.229  1.00 23.40 ? 101 CMC B C5P 1 
HETATM 1327 O O5P . CMC C 3 .   ? 8.828   4.291   -5.145  1.00 22.85 ? 101 CMC B O5P 1 
HETATM 1328 N N4P . CMC C 3 .   ? 6.812   3.883   -4.037  1.00 22.60 ? 101 CMC B N4P 1 
HETATM 1329 C C3P . CMC C 3 .   ? 7.451   3.735   -2.741  1.00 22.48 ? 101 CMC B C3P 1 
HETATM 1330 C C2P . CMC C 3 .   ? 7.827   2.273   -2.543  1.00 22.88 ? 101 CMC B C2P 1 
HETATM 1331 S S1P . CMC C 3 .   ? 8.047   1.957   -0.805  1.00 29.62 ? 101 CMC B S1P 1 
HETATM 1332 C C1  . CMC C 3 .   ? 6.603   1.117   -0.195  1.00 26.46 ? 101 CMC B C1  1 
HETATM 1333 C C2  . CMC C 3 .   ? 6.432   -0.203  -0.941  1.00 24.14 ? 101 CMC B C2  1 
HETATM 1334 O O21 . CMC C 3 .   ? 5.624   -0.276  -1.851  1.00 23.55 ? 101 CMC B O21 1 
HETATM 1335 O O   . HOH D 4 .   ? -12.348 9.769   0.571   1.00 25.65 ? 201 HOH A O   1 
HETATM 1336 O O   . HOH D 4 .   ? -10.470 -2.868  5.008   1.00 26.26 ? 202 HOH A O   1 
HETATM 1337 O O   . HOH D 4 .   ? 11.882  15.892  2.875   1.00 42.21 ? 203 HOH A O   1 
HETATM 1338 O O   . HOH D 4 .   ? 8.327   -5.821  1.547   1.00 27.30 ? 204 HOH A O   1 
HETATM 1339 O O   . HOH D 4 .   ? -13.361 -9.076  6.051   1.00 35.03 ? 205 HOH A O   1 
HETATM 1340 O O   . HOH D 4 .   ? -9.241  -11.437 0.921   1.00 29.02 ? 206 HOH A O   1 
HETATM 1341 O O   . HOH D 4 .   ? -7.881  6.769   -16.381 1.00 26.42 ? 207 HOH A O   1 
HETATM 1342 O O   . HOH D 4 .   ? 8.364   -16.690 7.997   1.00 37.32 ? 208 HOH A O   1 
HETATM 1343 O O   . HOH D 4 .   ? -1.938  9.051   -15.524 1.00 31.54 ? 209 HOH A O   1 
HETATM 1344 O O   . HOH D 4 .   ? -15.523 -5.828  -6.129  1.00 31.71 ? 210 HOH A O   1 
HETATM 1345 O O   . HOH D 4 .   ? -1.137  3.245   17.965  1.00 25.17 ? 211 HOH A O   1 
HETATM 1346 O O   . HOH D 4 .   ? 1.721   13.793  -5.326  1.00 16.67 ? 212 HOH A O   1 
HETATM 1347 O O   . HOH D 4 .   ? -11.196 -6.171  -5.005  1.00 30.25 ? 213 HOH A O   1 
HETATM 1348 O O   . HOH D 4 .   ? -5.079  16.120  -11.934 1.00 35.64 ? 214 HOH A O   1 
HETATM 1349 O O   . HOH D 4 .   ? -7.224  10.932  6.949   1.00 25.40 ? 215 HOH A O   1 
HETATM 1350 O O   . HOH D 4 .   ? -19.923 18.644  -9.640  1.00 28.17 ? 216 HOH A O   1 
HETATM 1351 O O   . HOH D 4 .   ? -12.374 11.941  -12.326 1.00 32.66 ? 217 HOH A O   1 
HETATM 1352 O O   . HOH D 4 .   ? 7.057   -20.156 -1.585  1.00 21.88 ? 218 HOH A O   1 
HETATM 1353 O O   . HOH D 4 .   ? 21.156  -7.164  -1.221  1.00 27.62 ? 219 HOH A O   1 
HETATM 1354 O O   . HOH D 4 .   ? -19.642 15.479  -11.501 1.00 28.80 ? 220 HOH A O   1 
HETATM 1355 O O   . HOH D 4 .   ? 6.056   4.383   -11.867 1.00 27.93 ? 221 HOH A O   1 
HETATM 1356 O O   . HOH D 4 .   ? -2.445  -10.671 -17.634 1.00 24.47 ? 222 HOH A O   1 
HETATM 1357 O O   . HOH D 4 .   ? 6.475   -19.846 2.003   1.00 30.04 ? 223 HOH A O   1 
HETATM 1358 O O   . HOH D 4 .   ? 0.378   5.440   -14.295 1.00 32.73 ? 224 HOH A O   1 
HETATM 1359 O O   . HOH D 4 .   ? -0.955  15.760  1.309   1.00 26.74 ? 225 HOH A O   1 
HETATM 1360 O O   . HOH D 4 .   ? -8.886  -5.546  -21.238 1.00 35.07 ? 226 HOH A O   1 
HETATM 1361 O O   . HOH D 4 .   ? 11.048  5.549   -6.374  1.00 35.07 ? 227 HOH A O   1 
HETATM 1362 O O   . HOH D 4 .   ? 13.363  12.613  4.943   1.00 29.97 ? 228 HOH A O   1 
HETATM 1363 O O   . HOH D 4 .   ? 17.545  5.516   0.650   1.00 36.17 ? 229 HOH A O   1 
HETATM 1364 O O   . HOH D 4 .   ? 12.060  -9.202  -2.996  1.00 38.97 ? 230 HOH A O   1 
HETATM 1365 O O   . HOH D 4 .   ? -0.833  -11.865 -7.613  1.00 28.46 ? 231 HOH A O   1 
HETATM 1366 O O   . HOH D 4 .   ? 4.359   -12.704 10.863  1.00 29.12 ? 232 HOH A O   1 
HETATM 1367 O O   . HOH D 4 .   ? -14.041 6.016   1.040   1.00 28.69 ? 233 HOH A O   1 
HETATM 1368 O O   . HOH D 4 .   ? 10.018  5.182   -10.701 1.00 32.15 ? 234 HOH A O   1 
HETATM 1369 O O   . HOH D 4 .   ? -9.940  0.852   -14.738 1.00 19.05 ? 235 HOH A O   1 
HETATM 1370 O O   . HOH D 4 .   ? 0.910   10.606  7.773   1.00 32.26 ? 236 HOH A O   1 
HETATM 1371 O O   . HOH D 4 .   ? -5.711  -5.981  -1.961  1.00 25.54 ? 237 HOH A O   1 
HETATM 1372 O O   . HOH D 4 .   ? 6.096   -2.374  2.240   1.00 21.34 ? 238 HOH A O   1 
HETATM 1373 O O   . HOH D 4 .   ? -17.593 4.933   -1.800  1.00 26.54 ? 239 HOH A O   1 
HETATM 1374 O O   . HOH D 4 .   ? 18.539  -10.647 -0.072  1.00 25.79 ? 240 HOH A O   1 
HETATM 1375 O O   . HOH D 4 .   ? 2.953   -18.087 6.384   1.00 33.23 ? 241 HOH A O   1 
HETATM 1376 O O   . HOH D 4 .   ? -2.958  6.896   18.687  1.00 24.54 ? 242 HOH A O   1 
HETATM 1377 O O   . HOH D 4 .   ? -2.187  -8.300  11.021  1.00 25.35 ? 243 HOH A O   1 
HETATM 1378 O O   . HOH D 4 .   ? -15.490 18.405  -1.426  1.00 32.16 ? 244 HOH A O   1 
HETATM 1379 O O   . HOH D 4 .   ? 11.268  -13.795 -4.430  1.00 37.47 ? 245 HOH A O   1 
HETATM 1380 O O   . HOH D 4 .   ? 16.131  -6.080  4.721   1.00 29.51 ? 246 HOH A O   1 
HETATM 1381 O O   . HOH D 4 .   ? -5.191  -15.881 -11.933 1.00 25.68 ? 247 HOH A O   1 
HETATM 1382 O O   . HOH D 4 .   ? 3.483   -4.945  -17.051 1.00 31.29 ? 248 HOH A O   1 
HETATM 1383 O O   . HOH D 4 .   ? 14.648  8.157   0.408   1.00 26.86 ? 249 HOH A O   1 
HETATM 1384 O O   . HOH D 4 .   ? 15.331  -0.021  8.688   1.00 26.72 ? 250 HOH A O   1 
HETATM 1385 O O   . HOH D 4 .   ? 11.614  1.447   15.455  1.00 32.28 ? 251 HOH A O   1 
HETATM 1386 O O   . HOH D 4 .   ? -1.415  9.419   11.172  1.00 34.45 ? 252 HOH A O   1 
HETATM 1387 O O   . HOH D 4 .   ? -7.403  -12.964 -5.331  1.00 29.30 ? 253 HOH A O   1 
HETATM 1388 O O   . HOH D 4 .   ? -12.505 -7.931  -3.792  1.00 28.51 ? 254 HOH A O   1 
HETATM 1389 O O   . HOH D 4 .   ? -2.783  -4.587  -4.863  1.00 28.69 ? 255 HOH A O   1 
HETATM 1390 O O   . HOH D 4 .   ? -5.691  6.159   -13.950 1.00 24.58 ? 256 HOH A O   1 
HETATM 1391 O O   . HOH D 4 .   ? 6.457   -15.546 11.765  1.00 33.04 ? 257 HOH A O   1 
HETATM 1392 O O   . HOH D 4 .   ? 5.045   -9.165  0.518   1.00 37.31 ? 258 HOH A O   1 
HETATM 1393 O O   . HOH D 4 .   ? 18.264  -11.221 -6.867  1.00 26.00 ? 259 HOH A O   1 
HETATM 1394 O O   . HOH D 4 .   ? -4.092  -9.313  -19.367 1.00 33.53 ? 260 HOH A O   1 
HETATM 1395 O O   . HOH D 4 .   ? 3.450   -16.452 13.079  1.00 31.34 ? 261 HOH A O   1 
HETATM 1396 O O   . HOH D 4 .   ? 16.217  -13.824 -0.454  1.00 26.32 ? 262 HOH A O   1 
HETATM 1397 O O   . HOH D 4 .   ? 3.792   -20.814 8.631   1.00 22.72 ? 263 HOH A O   1 
HETATM 1398 O O   . HOH D 4 .   ? -12.549 15.233  -10.840 1.00 30.48 ? 264 HOH A O   1 
HETATM 1399 O O   . HOH D 4 .   ? -19.894 -1.220  -10.209 1.00 29.27 ? 265 HOH A O   1 
HETATM 1400 O O   . HOH D 4 .   ? -0.329  -7.906  -18.714 1.00 25.13 ? 266 HOH A O   1 
HETATM 1401 O O   . HOH D 4 .   ? 15.681  9.444   6.437   1.00 36.87 ? 267 HOH A O   1 
HETATM 1402 O O   . HOH D 4 .   ? -13.725 0.359   -16.071 1.00 25.93 ? 268 HOH A O   1 
HETATM 1403 O O   . HOH D 4 .   ? -0.148  -7.144  17.485  1.00 33.40 ? 269 HOH A O   1 
HETATM 1404 O O   . HOH D 4 .   ? 2.649   6.326   -13.076 1.00 24.60 ? 270 HOH A O   1 
HETATM 1405 O O   . HOH D 4 .   ? -3.945  7.447   12.568  1.00 27.23 ? 271 HOH A O   1 
HETATM 1406 O O   . HOH D 4 .   ? 10.133  10.196  11.369  1.00 27.19 ? 272 HOH A O   1 
HETATM 1407 O O   . HOH D 4 .   ? 10.851  -4.872  14.200  1.00 34.14 ? 273 HOH A O   1 
HETATM 1408 O O   . HOH D 4 .   ? -12.252 21.710  -7.077  1.00 33.05 ? 274 HOH A O   1 
HETATM 1409 O O   . HOH D 4 .   ? 7.101   19.215  -4.921  1.00 32.81 ? 275 HOH A O   1 
HETATM 1410 O O   . HOH D 4 .   ? -16.803 -1.108  2.219   1.00 33.96 ? 276 HOH A O   1 
HETATM 1411 O O   . HOH D 4 .   ? 13.381  -2.368  15.803  1.00 36.03 ? 277 HOH A O   1 
HETATM 1412 O O   . HOH D 4 .   ? -11.373 -2.511  -14.154 1.00 19.03 ? 278 HOH A O   1 
HETATM 1413 O O   . HOH D 4 .   ? 1.354   0.077   -17.024 1.00 24.68 ? 279 HOH A O   1 
HETATM 1414 O O   . HOH D 4 .   ? 3.497   4.212   -11.671 1.00 23.30 ? 280 HOH A O   1 
HETATM 1415 O O   . HOH D 4 .   ? -13.783 17.704  -10.082 1.00 33.53 ? 281 HOH A O   1 
HETATM 1416 O O   . HOH D 4 .   ? -2.857  -11.757 11.716  1.00 37.95 ? 282 HOH A O   1 
HETATM 1417 O O   . HOH D 4 .   ? -1.539  -3.656  -16.120 1.00 23.13 ? 283 HOH A O   1 
HETATM 1418 O O   . HOH D 4 .   ? -6.372  1.666   17.434  1.00 33.29 ? 284 HOH A O   1 
HETATM 1419 O O   . HOH D 4 .   ? -15.567 7.020   -15.247 1.00 34.94 ? 285 HOH A O   1 
HETATM 1420 O O   . HOH D 4 .   ? -12.627 3.372   16.554  1.00 34.11 ? 286 HOH A O   1 
HETATM 1421 O O   . HOH D 4 .   ? -7.558  -12.172 -11.629 1.00 35.49 ? 287 HOH A O   1 
HETATM 1422 O O   . HOH D 4 .   ? -14.362 -8.113  -0.621  1.00 32.96 ? 288 HOH A O   1 
HETATM 1423 O O   . HOH D 4 .   ? -12.693 -4.706  -7.245  1.00 31.17 ? 289 HOH A O   1 
HETATM 1424 O O   . HOH D 4 .   ? 3.848   -4.455  16.798  1.00 37.67 ? 290 HOH A O   1 
HETATM 1425 O O   . HOH D 4 .   ? -4.175  -3.010  -16.690 1.00 23.61 ? 291 HOH A O   1 
HETATM 1426 O O   . HOH D 4 .   ? -16.583 2.626   -0.701  1.00 26.77 ? 292 HOH A O   1 
HETATM 1427 O O   . HOH D 4 .   ? 15.387  -2.791  8.222   1.00 27.80 ? 293 HOH A O   1 
HETATM 1428 O O   . HOH D 4 .   ? 1.623   9.449   -15.183 1.00 25.91 ? 294 HOH A O   1 
HETATM 1429 O O   . HOH D 4 .   ? 14.074  6.206   12.787  1.00 27.64 ? 295 HOH A O   1 
HETATM 1430 O O   . HOH D 4 .   ? 1.164   11.881  5.516   1.00 27.25 ? 296 HOH A O   1 
HETATM 1431 O O   . HOH D 4 .   ? -3.272  -10.350 -1.079  1.00 35.61 ? 297 HOH A O   1 
HETATM 1432 O O   . HOH D 4 .   ? 4.780   -13.187 -7.219  1.00 31.55 ? 298 HOH A O   1 
HETATM 1433 O O   . HOH D 4 .   ? 9.494   -3.118  15.932  1.00 36.60 ? 299 HOH A O   1 
HETATM 1434 O O   . HOH D 4 .   ? -4.260  -12.503 -3.950  1.00 29.98 ? 300 HOH A O   1 
HETATM 1435 O O   . HOH D 4 .   ? 4.080   -20.367 3.672   1.00 32.27 ? 301 HOH A O   1 
HETATM 1436 O O   . HOH D 4 .   ? -1.337  8.032   13.197  1.00 34.51 ? 302 HOH A O   1 
HETATM 1437 O O   . HOH D 4 .   ? 1.596   -3.702  16.858  1.00 33.64 ? 303 HOH A O   1 
HETATM 1438 O O   . HOH D 4 .   ? -3.768  4.199   -14.795 1.00 26.08 ? 304 HOH A O   1 
HETATM 1439 O O   . HOH D 4 .   ? 14.776  -13.779 -7.556  1.00 33.27 ? 305 HOH A O   1 
HETATM 1440 O O   . HOH D 4 .   ? -1.171  -23.363 7.107   1.00 24.00 ? 306 HOH A O   1 
HETATM 1441 O O   . HOH D 4 .   ? 11.073  0.059   -5.951  1.00 38.35 ? 307 HOH A O   1 
HETATM 1442 O O   . HOH D 4 .   ? -5.950  -14.076 -17.276 1.00 32.75 ? 308 HOH A O   1 
HETATM 1443 O O   . HOH D 4 .   ? 0.965   10.365  -21.554 1.00 36.49 ? 309 HOH A O   1 
HETATM 1444 O O   . HOH D 4 .   ? -0.192  -12.521 6.178   1.00 36.23 ? 310 HOH A O   1 
HETATM 1445 O O   . HOH D 4 .   ? 1.034   -13.348 -8.370  1.00 31.03 ? 311 HOH A O   1 
HETATM 1446 O O   . HOH D 4 .   ? 6.630   5.295   15.308  1.00 23.99 ? 312 HOH A O   1 
HETATM 1447 O O   . HOH D 4 .   ? -14.663 19.856  0.157   1.00 38.45 ? 313 HOH A O   1 
HETATM 1448 O O   . HOH D 4 .   ? -12.166 -11.288 -1.913  1.00 32.98 ? 314 HOH A O   1 
HETATM 1449 O O   . HOH D 4 .   ? 8.462   1.206   18.575  1.00 36.22 ? 315 HOH A O   1 
HETATM 1450 O O   . HOH D 4 .   ? -3.407  6.188   -13.791 1.00 32.31 ? 316 HOH A O   1 
HETATM 1451 O O   . HOH D 4 .   ? -7.819  6.039   18.215  1.00 28.38 ? 317 HOH A O   1 
HETATM 1452 O O   . HOH D 4 .   ? 12.640  -17.584 2.274   1.00 28.84 ? 318 HOH A O   1 
HETATM 1453 O O   . HOH D 4 .   ? -17.220 -5.868  -2.475  1.00 32.77 ? 319 HOH A O   1 
HETATM 1454 O O   . HOH D 4 .   ? -6.215  -9.804  -16.033 1.00 31.13 ? 320 HOH A O   1 
HETATM 1455 O O   . HOH D 4 .   ? -13.898 -4.354  9.754   1.00 34.11 ? 321 HOH A O   1 
HETATM 1456 O O   . HOH D 4 .   ? 17.400  8.133   2.446   1.00 37.32 ? 322 HOH A O   1 
HETATM 1457 O O   . HOH D 4 .   ? 7.239   -10.247 4.708   1.00 36.97 ? 323 HOH A O   1 
HETATM 1458 O O   . HOH D 4 .   ? -1.734  -9.771  1.594   1.00 31.72 ? 324 HOH A O   1 
HETATM 1459 O O   . HOH D 4 .   ? 2.362   13.044  8.799   1.00 36.97 ? 325 HOH A O   1 
HETATM 1460 O O   . HOH D 4 .   ? 5.754   -15.818 -1.312  1.00 39.45 ? 326 HOH A O   1 
HETATM 1461 O O   . HOH D 4 .   ? -18.971 13.361  -12.209 1.00 27.59 ? 327 HOH A O   1 
HETATM 1462 O O   . HOH D 4 .   ? -1.625  14.772  4.145   1.00 28.96 ? 328 HOH A O   1 
HETATM 1463 O O   . HOH D 4 .   ? 0.442   -21.250 6.445   1.00 33.34 ? 329 HOH A O   1 
HETATM 1464 O O   . HOH D 4 .   ? -9.299  17.958  -11.437 1.00 32.97 ? 330 HOH A O   1 
HETATM 1465 O O   . HOH D 4 .   ? 6.966   13.131  12.190  1.00 29.22 ? 331 HOH A O   1 
HETATM 1466 O O   . HOH D 4 .   ? 12.731  -3.071  -8.219  1.00 37.21 ? 332 HOH A O   1 
HETATM 1467 O O   . HOH D 4 .   ? 16.067  -12.012 -8.544  1.00 35.25 ? 333 HOH A O   1 
HETATM 1468 O O   . HOH D 4 .   ? 5.295   -18.759 -0.128  1.00 28.97 ? 334 HOH A O   1 
HETATM 1469 O O   . HOH D 4 .   ? 3.759   -0.012  -18.269 1.00 37.16 ? 335 HOH A O   1 
HETATM 1470 O O   . HOH D 4 .   ? -12.283 -1.812  -16.662 1.00 31.84 ? 336 HOH A O   1 
HETATM 1471 O O   . HOH D 4 .   ? 17.508  -4.057  7.895   1.00 35.51 ? 337 HOH A O   1 
HETATM 1472 O O   . HOH D 4 .   ? 6.290   -10.961 -15.303 1.00 31.62 ? 338 HOH A O   1 
HETATM 1473 O O   . HOH D 4 .   ? -7.417  -14.719 -11.644 1.00 31.03 ? 339 HOH A O   1 
HETATM 1474 O O   . HOH D 4 .   ? -17.959 20.205  -1.706  1.00 26.19 ? 340 HOH A O   1 
HETATM 1475 O O   . HOH D 4 .   ? -19.111 11.850  -14.447 1.00 33.15 ? 341 HOH A O   1 
HETATM 1476 O O   . HOH D 4 .   ? -0.507  2.504   20.572  1.00 30.08 ? 342 HOH A O   1 
HETATM 1477 O O   . HOH D 4 .   ? -4.455  -9.775  10.966  1.00 37.43 ? 343 HOH A O   1 
HETATM 1478 O O   . HOH D 4 .   ? 0.951   17.771  1.664   1.00 31.91 ? 344 HOH A O   1 
HETATM 1479 O O   . HOH D 4 .   ? 9.586   -16.119 10.889  1.00 34.60 ? 345 HOH A O   1 
HETATM 1480 O O   . HOH D 4 .   ? 5.158   2.639   -18.479 1.00 38.49 ? 346 HOH A O   1 
HETATM 1481 O O   . HOH D 4 .   ? -0.467  -11.520 -19.306 1.00 32.56 ? 347 HOH A O   1 
HETATM 1482 O O   . HOH D 4 .   ? 8.128   4.007   16.881  1.00 34.52 ? 348 HOH A O   1 
HETATM 1483 O O   . HOH D 4 .   ? -15.103 -10.019 0.369   1.00 37.66 ? 349 HOH A O   1 
HETATM 1484 O O   . HOH E 4 .   ? 10.721  0.724   -2.414  1.00 32.88 ? 201 HOH B O   1 
HETATM 1485 O O   . HOH E 4 .   ? 8.068   12.794  -4.788  1.00 29.58 ? 202 HOH B O   1 
HETATM 1486 O O   . HOH E 4 .   ? 0.019   -6.370  -6.718  1.00 29.57 ? 203 HOH B O   1 
HETATM 1487 O O   . HOH E 4 .   ? 7.125   -7.973  -8.846  1.00 29.51 ? 204 HOH B O   1 
HETATM 1488 O O   . HOH E 4 .   ? -0.099  -9.618  -1.928  1.00 32.87 ? 205 HOH B O   1 
HETATM 1489 O O   . HOH E 4 .   ? 10.765  2.306   -4.899  1.00 33.54 ? 206 HOH B O   1 
HETATM 1490 O O   . HOH E 4 .   ? 6.275   -4.759  0.580   1.00 27.28 ? 207 HOH B O   1 
HETATM 1491 O O   . HOH E 4 .   ? 5.026   -12.714 -4.695  1.00 34.97 ? 208 HOH B O   1 
HETATM 1492 O O   . HOH E 4 .   ? 9.628   -2.737  -4.505  1.00 33.10 ? 209 HOH B O   1 
HETATM 1493 O O   . HOH E 4 .   ? 4.210   17.650  -1.769  1.00 26.69 ? 210 HOH B O   1 
HETATM 1494 O O   . HOH E 4 .   ? 9.123   -5.648  -7.546  1.00 30.97 ? 211 HOH B O   1 
HETATM 1495 O O   . HOH E 4 .   ? 8.614   -11.779 -6.269  1.00 36.96 ? 212 HOH B O   1 
HETATM 1496 O O   . HOH E 4 .   ? 8.725   15.424  -3.805  1.00 34.54 ? 213 HOH B O   1 
# 
